data_1V6G
#
_entry.id   1V6G
#
_cell.length_a   1.000
_cell.length_b   1.000
_cell.length_c   1.000
_cell.angle_alpha   90.00
_cell.angle_beta   90.00
_cell.angle_gamma   90.00
#
_symmetry.space_group_name_H-M   'P 1'
#
loop_
_entity.id
_entity.type
_entity.pdbx_description
1 polymer 'Actin Binding LIM Protein 2'
2 non-polymer 'ZINC ION'
#
_entity_poly.entity_id   1
_entity_poly.type   'polypeptide(L)'
_entity_poly.pdbx_seq_one_letter_code
;GSSGSSGLDYQRLYGTRCFSCDQFIEGEVVSALGKTYHPDCFVCAVCRLPFPPGDRVTFNGKECMCQKCSLPVSVSGPSS
G
;
_entity_poly.pdbx_strand_id   A
#
# COMPACT_ATOMS: atom_id res chain seq x y z
N GLY A 1 5.92 -25.55 -10.46
CA GLY A 1 6.89 -24.79 -11.23
C GLY A 1 6.29 -24.18 -12.48
N SER A 2 7.12 -23.52 -13.28
CA SER A 2 6.66 -22.89 -14.51
C SER A 2 7.46 -23.40 -15.71
N SER A 3 6.94 -24.44 -16.37
CA SER A 3 7.60 -25.02 -17.52
C SER A 3 6.58 -25.62 -18.49
N GLY A 4 6.46 -25.01 -19.67
CA GLY A 4 5.52 -25.50 -20.66
C GLY A 4 4.27 -24.65 -20.73
N SER A 5 4.43 -23.34 -20.65
CA SER A 5 3.30 -22.41 -20.69
C SER A 5 2.98 -22.03 -22.14
N SER A 6 1.83 -22.49 -22.63
CA SER A 6 1.42 -22.19 -23.99
C SER A 6 0.81 -20.80 -24.08
N GLY A 7 -0.15 -20.53 -23.20
CA GLY A 7 -0.80 -19.22 -23.19
C GLY A 7 -0.83 -18.60 -21.82
N LEU A 8 -1.61 -17.54 -21.67
CA LEU A 8 -1.72 -16.84 -20.38
C LEU A 8 -3.18 -16.75 -19.95
N ASP A 9 -3.84 -17.89 -19.84
CA ASP A 9 -5.23 -17.93 -19.43
C ASP A 9 -5.35 -18.18 -17.92
N TYR A 10 -4.45 -18.99 -17.40
CA TYR A 10 -4.45 -19.32 -15.97
C TYR A 10 -4.68 -18.06 -15.14
N GLN A 11 -4.13 -16.94 -15.59
CA GLN A 11 -4.28 -15.67 -14.89
C GLN A 11 -5.74 -15.40 -14.56
N ARG A 12 -6.62 -15.73 -15.50
CA ARG A 12 -8.06 -15.52 -15.30
C ARG A 12 -8.43 -15.65 -13.83
N LEU A 13 -7.81 -16.61 -13.15
CA LEU A 13 -8.08 -16.84 -11.73
C LEU A 13 -8.27 -15.52 -11.00
N TYR A 14 -8.92 -15.58 -9.84
CA TYR A 14 -9.17 -14.39 -9.03
C TYR A 14 -8.01 -13.40 -9.17
N GLY A 15 -6.81 -13.85 -8.83
CA GLY A 15 -5.65 -12.99 -8.92
C GLY A 15 -5.77 -11.76 -8.04
N THR A 16 -4.82 -11.60 -7.11
CA THR A 16 -4.83 -10.45 -6.22
C THR A 16 -4.02 -9.30 -6.78
N ARG A 17 -4.69 -8.19 -7.07
CA ARG A 17 -4.03 -7.02 -7.62
C ARG A 17 -4.04 -5.86 -6.61
N CYS A 18 -2.87 -5.28 -6.39
CA CYS A 18 -2.75 -4.16 -5.45
C CYS A 18 -3.62 -2.99 -5.88
N PHE A 19 -4.40 -2.47 -4.93
CA PHE A 19 -5.29 -1.34 -5.21
C PHE A 19 -4.55 -0.01 -5.05
N SER A 20 -3.24 -0.04 -5.28
CA SER A 20 -2.42 1.16 -5.14
C SER A 20 -1.66 1.44 -6.43
N CYS A 21 -0.74 0.54 -6.78
CA CYS A 21 0.05 0.70 -8.00
C CYS A 21 -0.60 -0.04 -9.17
N ASP A 22 -1.60 -0.86 -8.87
CA ASP A 22 -2.31 -1.62 -9.89
C ASP A 22 -1.43 -2.75 -10.43
N GLN A 23 -0.82 -3.50 -9.51
CA GLN A 23 0.05 -4.61 -9.90
C GLN A 23 -0.25 -5.85 -9.07
N PHE A 24 -0.17 -7.01 -9.70
CA PHE A 24 -0.44 -8.28 -9.01
C PHE A 24 0.51 -8.46 -7.83
N ILE A 25 -0.06 -8.78 -6.67
CA ILE A 25 0.73 -8.98 -5.47
C ILE A 25 1.18 -10.43 -5.33
N GLU A 26 2.43 -10.70 -5.67
CA GLU A 26 2.98 -12.05 -5.59
C GLU A 26 3.60 -12.31 -4.21
N GLY A 27 3.57 -13.57 -3.79
CA GLY A 27 4.11 -13.93 -2.50
C GLY A 27 3.11 -13.76 -1.37
N GLU A 28 2.95 -12.54 -0.90
CA GLU A 28 2.02 -12.26 0.19
C GLU A 28 1.26 -10.95 -0.06
N VAL A 29 0.03 -10.88 0.42
CA VAL A 29 -0.79 -9.69 0.24
C VAL A 29 -1.34 -9.20 1.59
N VAL A 30 -1.43 -7.88 1.73
CA VAL A 30 -1.94 -7.29 2.96
C VAL A 30 -3.40 -6.90 2.82
N SER A 31 -4.27 -7.64 3.51
CA SER A 31 -5.70 -7.36 3.46
C SER A 31 -6.09 -6.24 4.42
N ALA A 32 -6.52 -5.12 3.87
CA ALA A 32 -6.92 -3.97 4.68
C ALA A 32 -8.22 -3.37 4.17
N LEU A 33 -9.14 -3.09 5.10
CA LEU A 33 -10.43 -2.52 4.75
C LEU A 33 -11.07 -3.28 3.59
N GLY A 34 -10.99 -4.60 3.63
CA GLY A 34 -11.56 -5.42 2.58
C GLY A 34 -10.97 -5.12 1.22
N LYS A 35 -9.66 -4.93 1.19
CA LYS A 35 -8.96 -4.63 -0.07
C LYS A 35 -7.60 -5.34 -0.11
N THR A 36 -6.85 -5.07 -1.16
CA THR A 36 -5.53 -5.67 -1.32
C THR A 36 -4.47 -4.62 -1.63
N TYR A 37 -3.39 -4.63 -0.86
CA TYR A 37 -2.31 -3.67 -1.04
C TYR A 37 -0.95 -4.34 -0.84
N HIS A 38 0.10 -3.68 -1.34
CA HIS A 38 1.45 -4.22 -1.22
C HIS A 38 2.03 -3.91 0.16
N PRO A 39 3.08 -4.66 0.54
CA PRO A 39 3.74 -4.48 1.84
C PRO A 39 4.52 -3.18 1.92
N ASP A 40 4.65 -2.50 0.78
CA ASP A 40 5.37 -1.23 0.72
C ASP A 40 4.44 -0.10 0.32
N CYS A 41 3.28 -0.45 -0.21
CA CYS A 41 2.30 0.55 -0.64
C CYS A 41 1.44 0.99 0.54
N PHE A 42 1.12 0.05 1.43
CA PHE A 42 0.30 0.35 2.59
C PHE A 42 1.15 0.97 3.71
N VAL A 43 2.00 1.92 3.34
CA VAL A 43 2.86 2.58 4.32
C VAL A 43 2.50 4.06 4.44
N CYS A 44 3.14 4.73 5.39
CA CYS A 44 2.89 6.16 5.62
C CYS A 44 2.96 6.94 4.31
N ALA A 45 2.46 8.17 4.34
CA ALA A 45 2.48 9.03 3.16
C ALA A 45 3.58 10.08 3.25
N VAL A 46 4.00 10.38 4.48
CA VAL A 46 5.05 11.37 4.71
C VAL A 46 6.43 10.72 4.69
N CYS A 47 6.70 9.88 5.68
CA CYS A 47 7.99 9.19 5.78
C CYS A 47 7.98 7.91 4.95
N ARG A 48 6.78 7.40 4.66
CA ARG A 48 6.64 6.18 3.88
C ARG A 48 7.22 4.99 4.64
N LEU A 49 6.92 4.90 5.93
CA LEU A 49 7.41 3.81 6.76
C LEU A 49 6.33 2.77 7.00
N PRO A 50 6.73 1.50 7.06
CA PRO A 50 5.80 0.39 7.30
C PRO A 50 5.23 0.39 8.71
N PHE A 51 3.91 0.52 8.82
CA PHE A 51 3.25 0.53 10.12
C PHE A 51 3.49 -0.78 10.86
N PRO A 52 3.87 -0.66 12.14
CA PRO A 52 4.15 -1.82 13.00
C PRO A 52 2.87 -2.59 13.34
N PRO A 53 3.04 -3.89 13.65
CA PRO A 53 1.91 -4.76 14.01
C PRO A 53 1.31 -4.41 15.36
N GLY A 54 1.83 -3.35 15.97
CA GLY A 54 1.33 -2.92 17.27
C GLY A 54 0.80 -1.50 17.26
N ASP A 55 1.72 -0.54 17.14
CA ASP A 55 1.34 0.87 17.13
C ASP A 55 0.05 1.07 16.34
N ARG A 56 -0.64 2.17 16.60
CA ARG A 56 -1.88 2.49 15.92
C ARG A 56 -1.62 3.21 14.60
N VAL A 57 -2.67 3.36 13.80
CA VAL A 57 -2.55 4.02 12.51
C VAL A 57 -3.65 5.06 12.32
N THR A 58 -3.27 6.28 11.96
CA THR A 58 -4.22 7.35 11.75
C THR A 58 -4.80 7.30 10.35
N PHE A 59 -6.09 7.59 10.23
CA PHE A 59 -6.77 7.57 8.93
C PHE A 59 -7.01 8.99 8.43
N ASN A 60 -6.35 9.34 7.34
CA ASN A 60 -6.48 10.68 6.76
C ASN A 60 -6.94 10.59 5.30
N GLY A 61 -8.26 10.69 5.10
CA GLY A 61 -8.80 10.62 3.76
C GLY A 61 -8.48 9.31 3.07
N LYS A 62 -7.58 9.36 2.08
CA LYS A 62 -7.19 8.17 1.34
C LYS A 62 -5.88 7.61 1.87
N GLU A 63 -4.90 8.49 2.09
CA GLU A 63 -3.61 8.08 2.61
C GLU A 63 -3.58 8.12 4.13
N CYS A 64 -2.78 7.24 4.72
CA CYS A 64 -2.67 7.17 6.18
C CYS A 64 -1.28 7.62 6.64
N MET A 65 -1.20 8.08 7.88
CA MET A 65 0.07 8.54 8.44
C MET A 65 0.42 7.75 9.70
N CYS A 66 1.70 7.74 10.05
CA CYS A 66 2.17 7.03 11.23
C CYS A 66 2.15 7.93 12.46
N GLN A 67 1.96 7.33 13.62
CA GLN A 67 1.92 8.08 14.87
C GLN A 67 2.99 9.17 14.89
N LYS A 68 4.21 8.78 14.55
CA LYS A 68 5.33 9.72 14.53
C LYS A 68 4.95 10.99 13.79
N CYS A 69 4.54 10.83 12.53
CA CYS A 69 4.14 11.96 11.70
C CYS A 69 2.89 12.62 12.24
N SER A 70 1.82 11.84 12.37
CA SER A 70 0.55 12.35 12.88
C SER A 70 0.77 13.27 14.07
N LEU A 71 1.63 12.83 14.99
CA LEU A 71 1.93 13.62 16.18
C LEU A 71 2.97 14.69 15.88
N PRO A 72 3.02 15.72 16.74
CA PRO A 72 3.96 16.83 16.59
C PRO A 72 5.41 16.41 16.86
N VAL A 73 6.33 16.88 16.02
CA VAL A 73 7.73 16.55 16.17
C VAL A 73 8.58 17.81 16.30
N SER A 74 9.55 17.77 17.21
CA SER A 74 10.44 18.91 17.43
C SER A 74 11.09 19.37 16.13
N VAL A 75 11.41 18.40 15.27
CA VAL A 75 12.04 18.70 14.00
C VAL A 75 11.13 18.31 12.83
N SER A 76 10.62 19.31 12.12
CA SER A 76 9.74 19.06 10.99
C SER A 76 10.20 19.84 9.76
N GLY A 77 9.75 19.41 8.59
CA GLY A 77 10.12 20.08 7.35
C GLY A 77 9.85 19.23 6.13
N PRO A 78 10.34 19.69 4.97
CA PRO A 78 10.16 18.99 3.70
C PRO A 78 10.96 17.69 3.64
N SER A 79 10.35 16.64 3.08
CA SER A 79 11.00 15.35 2.96
C SER A 79 11.69 15.20 1.61
N SER A 80 12.58 14.23 1.50
CA SER A 80 13.31 13.98 0.26
C SER A 80 12.34 13.67 -0.88
N GLY A 81 12.86 13.68 -2.10
CA GLY A 81 12.04 13.40 -3.26
C GLY A 81 12.02 11.93 -3.62
N GLY A 1 15.92 -12.45 -26.99
CA GLY A 1 14.63 -12.78 -26.41
C GLY A 1 14.06 -14.07 -26.97
N SER A 2 14.38 -15.18 -26.30
CA SER A 2 13.90 -16.49 -26.73
C SER A 2 12.49 -16.39 -27.31
N SER A 3 12.21 -17.21 -28.32
CA SER A 3 10.90 -17.20 -28.96
C SER A 3 9.90 -18.02 -28.14
N GLY A 4 9.25 -17.35 -27.19
CA GLY A 4 8.26 -18.02 -26.35
C GLY A 4 6.91 -18.14 -27.02
N SER A 5 5.85 -18.03 -26.23
CA SER A 5 4.49 -18.14 -26.76
C SER A 5 3.55 -17.19 -26.00
N SER A 6 2.39 -16.95 -26.59
CA SER A 6 1.39 -16.06 -25.98
C SER A 6 0.26 -16.88 -25.36
N GLY A 7 0.46 -17.30 -24.11
CA GLY A 7 -0.55 -18.08 -23.43
C GLY A 7 -0.72 -17.65 -21.99
N LEU A 8 -1.57 -16.63 -21.77
CA LEU A 8 -1.82 -16.12 -20.43
C LEU A 8 -3.31 -15.98 -20.18
N ASP A 9 -3.97 -17.08 -19.83
CA ASP A 9 -5.40 -17.08 -19.56
C ASP A 9 -5.68 -17.48 -18.12
N TYR A 10 -4.80 -18.30 -17.55
CA TYR A 10 -4.96 -18.75 -16.18
C TYR A 10 -4.96 -17.57 -15.20
N GLN A 11 -4.65 -16.40 -15.72
CA GLN A 11 -4.61 -15.18 -14.90
C GLN A 11 -6.01 -14.62 -14.70
N ARG A 12 -6.89 -14.89 -15.66
CA ARG A 12 -8.26 -14.41 -15.58
C ARG A 12 -8.79 -14.46 -14.14
N LEU A 13 -8.37 -15.49 -13.41
CA LEU A 13 -8.78 -15.66 -12.02
C LEU A 13 -8.86 -14.30 -11.31
N TYR A 14 -9.63 -14.26 -10.23
CA TYR A 14 -9.79 -13.03 -9.46
C TYR A 14 -8.50 -12.23 -9.43
N GLY A 15 -7.43 -12.86 -8.94
CA GLY A 15 -6.15 -12.18 -8.87
C GLY A 15 -6.19 -10.93 -8.02
N THR A 16 -5.34 -10.87 -7.00
CA THR A 16 -5.28 -9.73 -6.11
C THR A 16 -4.32 -8.67 -6.63
N ARG A 17 -4.85 -7.53 -7.03
CA ARG A 17 -4.04 -6.44 -7.55
C ARG A 17 -3.91 -5.32 -6.53
N CYS A 18 -2.67 -4.99 -6.16
CA CYS A 18 -2.41 -3.94 -5.19
C CYS A 18 -3.12 -2.65 -5.59
N PHE A 19 -4.00 -2.17 -4.71
CA PHE A 19 -4.75 -0.95 -4.96
C PHE A 19 -3.85 0.28 -4.83
N SER A 20 -2.56 0.04 -4.60
CA SER A 20 -1.60 1.12 -4.44
C SER A 20 -0.88 1.40 -5.76
N CYS A 21 -0.03 0.46 -6.17
CA CYS A 21 0.71 0.61 -7.41
C CYS A 21 0.00 -0.09 -8.57
N ASP A 22 -1.17 -0.64 -8.28
CA ASP A 22 -1.96 -1.34 -9.30
C ASP A 22 -1.17 -2.50 -9.90
N GLN A 23 -0.53 -3.28 -9.05
CA GLN A 23 0.27 -4.42 -9.49
C GLN A 23 -0.17 -5.70 -8.78
N PHE A 24 -0.20 -6.80 -9.51
CA PHE A 24 -0.59 -8.09 -8.95
C PHE A 24 0.30 -8.46 -7.77
N ILE A 25 -0.30 -8.63 -6.60
CA ILE A 25 0.44 -9.00 -5.40
C ILE A 25 0.72 -10.49 -5.36
N GLU A 26 1.97 -10.87 -5.58
CA GLU A 26 2.37 -12.27 -5.55
C GLU A 26 2.93 -12.66 -4.19
N GLY A 27 2.76 -13.92 -3.82
CA GLY A 27 3.26 -14.40 -2.54
C GLY A 27 2.28 -14.14 -1.41
N GLU A 28 2.26 -12.91 -0.92
CA GLU A 28 1.37 -12.54 0.18
C GLU A 28 0.72 -11.19 -0.08
N VAL A 29 -0.49 -11.01 0.44
CA VAL A 29 -1.22 -9.75 0.27
C VAL A 29 -1.77 -9.25 1.59
N VAL A 30 -1.63 -7.94 1.82
CA VAL A 30 -2.11 -7.33 3.05
C VAL A 30 -3.55 -6.83 2.89
N SER A 31 -4.50 -7.65 3.33
CA SER A 31 -5.91 -7.29 3.23
C SER A 31 -6.26 -6.19 4.23
N ALA A 32 -6.47 -4.98 3.71
CA ALA A 32 -6.81 -3.84 4.55
C ALA A 32 -8.28 -3.44 4.36
N LEU A 33 -9.10 -3.71 5.36
CA LEU A 33 -10.52 -3.38 5.30
C LEU A 33 -11.14 -3.89 4.01
N GLY A 34 -10.71 -5.08 3.59
CA GLY A 34 -11.25 -5.66 2.36
C GLY A 34 -10.36 -5.40 1.17
N LYS A 35 -9.65 -4.28 1.19
CA LYS A 35 -8.76 -3.91 0.10
C LYS A 35 -7.50 -4.78 0.10
N THR A 36 -6.64 -4.58 -0.90
CA THR A 36 -5.41 -5.34 -1.01
C THR A 36 -4.24 -4.43 -1.38
N TYR A 37 -3.17 -4.50 -0.60
CA TYR A 37 -1.99 -3.68 -0.84
C TYR A 37 -0.71 -4.49 -0.61
N HIS A 38 0.41 -3.96 -1.08
CA HIS A 38 1.69 -4.62 -0.93
C HIS A 38 2.23 -4.44 0.50
N PRO A 39 3.18 -5.30 0.88
CA PRO A 39 3.79 -5.26 2.21
C PRO A 39 4.68 -4.03 2.41
N ASP A 40 4.82 -3.24 1.35
CA ASP A 40 5.64 -2.04 1.41
C ASP A 40 4.84 -0.81 0.96
N CYS A 41 3.71 -1.06 0.31
CA CYS A 41 2.85 0.01 -0.17
C CYS A 41 1.92 0.50 0.93
N PHE A 42 1.57 -0.41 1.85
CA PHE A 42 0.69 -0.06 2.95
C PHE A 42 1.45 0.64 4.07
N VAL A 43 2.33 1.56 3.68
CA VAL A 43 3.13 2.30 4.65
C VAL A 43 2.75 3.78 4.65
N CYS A 44 3.20 4.50 5.68
CA CYS A 44 2.91 5.92 5.80
C CYS A 44 3.02 6.62 4.44
N ALA A 45 2.48 7.84 4.36
CA ALA A 45 2.52 8.61 3.13
C ALA A 45 3.53 9.75 3.23
N VAL A 46 3.75 10.23 4.45
CA VAL A 46 4.70 11.31 4.68
C VAL A 46 6.13 10.81 4.72
N CYS A 47 6.43 9.98 5.72
CA CYS A 47 7.77 9.43 5.87
C CYS A 47 7.91 8.11 5.09
N ARG A 48 6.77 7.50 4.77
CA ARG A 48 6.76 6.25 4.02
C ARG A 48 7.46 5.14 4.82
N LEU A 49 7.20 5.10 6.12
CA LEU A 49 7.80 4.09 6.99
C LEU A 49 6.78 3.02 7.36
N PRO A 50 7.23 1.76 7.39
CA PRO A 50 6.37 0.62 7.73
C PRO A 50 5.98 0.62 9.21
N PHE A 51 4.67 0.68 9.47
CA PHE A 51 4.16 0.69 10.83
C PHE A 51 4.60 -0.57 11.58
N PRO A 52 5.22 -0.37 12.74
CA PRO A 52 5.71 -1.47 13.58
C PRO A 52 4.56 -2.25 14.22
N PRO A 53 4.90 -3.40 14.84
CA PRO A 53 3.92 -4.26 15.50
C PRO A 53 3.36 -3.63 16.77
N GLY A 54 3.74 -2.38 17.02
CA GLY A 54 3.26 -1.69 18.21
C GLY A 54 2.95 -0.23 17.93
N ASP A 55 1.97 0.02 17.08
CA ASP A 55 1.57 1.37 16.73
C ASP A 55 0.23 1.38 16.00
N ARG A 56 -0.44 2.53 16.02
CA ARG A 56 -1.73 2.66 15.35
C ARG A 56 -1.57 3.37 14.00
N VAL A 57 -2.48 3.07 13.08
CA VAL A 57 -2.44 3.68 11.76
C VAL A 57 -3.66 4.56 11.52
N THR A 58 -3.44 5.73 10.92
CA THR A 58 -4.52 6.66 10.65
C THR A 58 -4.97 6.57 9.19
N PHE A 59 -6.27 6.41 8.98
CA PHE A 59 -6.83 6.30 7.64
C PHE A 59 -7.52 7.61 7.23
N ASN A 60 -6.91 8.33 6.30
CA ASN A 60 -7.47 9.59 5.82
C ASN A 60 -7.66 9.56 4.31
N GLY A 61 -8.90 9.67 3.87
CA GLY A 61 -9.20 9.66 2.45
C GLY A 61 -8.77 8.37 1.78
N LYS A 62 -7.68 8.41 1.03
CA LYS A 62 -7.17 7.24 0.35
C LYS A 62 -5.69 7.01 0.66
N GLU A 63 -5.30 7.35 1.89
CA GLU A 63 -3.92 7.18 2.32
C GLU A 63 -3.85 6.86 3.81
N CYS A 64 -2.65 6.54 4.28
CA CYS A 64 -2.45 6.21 5.69
C CYS A 64 -1.15 6.83 6.20
N MET A 65 -1.19 7.36 7.43
CA MET A 65 -0.02 7.99 8.03
C MET A 65 0.26 7.37 9.40
N CYS A 66 1.50 7.52 9.85
CA CYS A 66 1.90 6.98 11.15
C CYS A 66 1.60 7.97 12.27
N GLN A 67 1.19 7.45 13.42
CA GLN A 67 0.87 8.30 14.56
C GLN A 67 1.82 9.50 14.64
N LYS A 68 3.11 9.22 14.59
CA LYS A 68 4.12 10.26 14.67
C LYS A 68 3.77 11.42 13.72
N CYS A 69 3.54 11.09 12.45
CA CYS A 69 3.20 12.09 11.46
C CYS A 69 1.82 12.68 11.72
N SER A 70 0.81 11.82 11.75
CA SER A 70 -0.57 12.24 11.99
C SER A 70 -0.60 13.37 13.02
N LEU A 71 -0.16 13.06 14.24
CA LEU A 71 -0.15 14.05 15.31
C LEU A 71 0.80 15.20 14.99
N PRO A 72 0.56 16.36 15.62
CA PRO A 72 1.38 17.55 15.42
C PRO A 72 2.78 17.41 16.02
N VAL A 73 3.80 17.69 15.20
CA VAL A 73 5.17 17.59 15.65
C VAL A 73 5.79 18.97 15.87
N SER A 74 6.68 19.07 16.84
CA SER A 74 7.34 20.33 17.15
C SER A 74 8.41 20.66 16.11
N VAL A 75 8.04 20.55 14.84
CA VAL A 75 8.97 20.84 13.75
C VAL A 75 10.39 20.45 14.13
N SER A 76 10.55 19.29 14.73
CA SER A 76 11.86 18.80 15.14
C SER A 76 12.76 18.57 13.93
N GLY A 77 12.19 17.96 12.89
CA GLY A 77 12.97 17.71 11.69
C GLY A 77 12.26 18.17 10.44
N PRO A 78 13.04 18.72 9.49
CA PRO A 78 12.50 19.23 8.22
C PRO A 78 12.01 18.10 7.31
N SER A 79 10.82 18.28 6.75
CA SER A 79 10.24 17.29 5.85
C SER A 79 9.18 17.92 4.95
N SER A 80 8.75 17.17 3.93
CA SER A 80 7.75 17.65 2.99
C SER A 80 6.47 18.05 3.72
N GLY A 81 5.62 18.81 3.04
CA GLY A 81 4.37 19.23 3.63
C GLY A 81 3.49 18.08 4.03
N GLY A 1 -4.03 -18.96 -38.74
CA GLY A 1 -3.30 -18.50 -37.57
C GLY A 1 -2.77 -19.64 -36.73
N SER A 2 -1.73 -19.36 -35.95
CA SER A 2 -1.12 -20.38 -35.09
C SER A 2 -1.31 -20.03 -33.62
N SER A 3 -2.50 -19.54 -33.28
CA SER A 3 -2.81 -19.15 -31.90
C SER A 3 -3.31 -20.36 -31.10
N GLY A 4 -2.95 -20.41 -29.83
CA GLY A 4 -3.36 -21.50 -28.98
C GLY A 4 -2.85 -21.36 -27.56
N SER A 5 -1.96 -22.26 -27.16
CA SER A 5 -1.40 -22.24 -25.81
C SER A 5 -0.92 -20.84 -25.44
N SER A 6 -0.10 -20.25 -26.31
CA SER A 6 0.43 -18.91 -26.07
C SER A 6 -0.66 -18.00 -25.52
N GLY A 7 -0.57 -17.71 -24.22
CA GLY A 7 -1.55 -16.85 -23.58
C GLY A 7 -1.56 -17.00 -22.07
N LEU A 8 -2.05 -15.97 -21.39
CA LEU A 8 -2.10 -15.99 -19.93
C LEU A 8 -3.55 -16.18 -19.45
N ASP A 9 -4.01 -17.42 -19.45
CA ASP A 9 -5.37 -17.74 -19.01
C ASP A 9 -5.38 -18.09 -17.53
N TYR A 10 -4.26 -18.61 -17.03
CA TYR A 10 -4.16 -18.99 -15.63
C TYR A 10 -4.32 -17.77 -14.72
N GLN A 11 -4.38 -16.59 -15.33
CA GLN A 11 -4.53 -15.35 -14.57
C GLN A 11 -6.00 -15.09 -14.25
N ARG A 12 -6.89 -15.70 -15.03
CA ARG A 12 -8.32 -15.52 -14.83
C ARG A 12 -8.68 -15.61 -13.35
N LEU A 13 -7.96 -16.47 -12.63
CA LEU A 13 -8.21 -16.65 -11.20
C LEU A 13 -8.47 -15.31 -10.52
N TYR A 14 -9.05 -15.37 -9.32
CA TYR A 14 -9.36 -14.16 -8.56
C TYR A 14 -8.31 -13.08 -8.81
N GLY A 15 -7.05 -13.41 -8.56
CA GLY A 15 -5.97 -12.47 -8.77
C GLY A 15 -6.14 -11.21 -7.92
N THR A 16 -5.15 -10.95 -7.08
CA THR A 16 -5.19 -9.77 -6.21
C THR A 16 -4.29 -8.66 -6.74
N ARG A 17 -4.90 -7.56 -7.14
CA ARG A 17 -4.14 -6.42 -7.67
C ARG A 17 -4.12 -5.27 -6.67
N CYS A 18 -2.93 -4.91 -6.22
CA CYS A 18 -2.76 -3.83 -5.25
C CYS A 18 -3.63 -2.64 -5.63
N PHE A 19 -4.50 -2.22 -4.71
CA PHE A 19 -5.39 -1.10 -4.94
C PHE A 19 -4.64 0.23 -4.81
N SER A 20 -3.31 0.13 -4.69
CA SER A 20 -2.48 1.33 -4.55
C SER A 20 -1.82 1.68 -5.88
N CYS A 21 -0.87 0.85 -6.30
CA CYS A 21 -0.16 1.07 -7.56
C CYS A 21 -0.86 0.37 -8.71
N ASP A 22 -1.93 -0.36 -8.39
CA ASP A 22 -2.69 -1.08 -9.41
C ASP A 22 -1.84 -2.17 -10.06
N GLN A 23 -1.09 -2.88 -9.24
CA GLN A 23 -0.22 -3.95 -9.74
C GLN A 23 -0.48 -5.26 -8.99
N PHE A 24 -0.37 -6.38 -9.69
CA PHE A 24 -0.58 -7.68 -9.09
C PHE A 24 0.33 -7.89 -7.89
N ILE A 25 -0.25 -8.25 -6.75
CA ILE A 25 0.50 -8.48 -5.53
C ILE A 25 1.07 -9.89 -5.49
N GLU A 26 2.38 -10.01 -5.71
CA GLU A 26 3.04 -11.30 -5.69
C GLU A 26 3.48 -11.69 -4.27
N GLY A 27 3.74 -12.98 -4.07
CA GLY A 27 4.17 -13.44 -2.76
C GLY A 27 3.03 -13.43 -1.75
N GLU A 28 2.93 -12.34 -1.00
CA GLU A 28 1.88 -12.21 0.01
C GLU A 28 1.11 -10.90 -0.17
N VAL A 29 -0.12 -10.88 0.31
CA VAL A 29 -0.96 -9.69 0.21
C VAL A 29 -1.34 -9.15 1.59
N VAL A 30 -1.39 -7.83 1.70
CA VAL A 30 -1.74 -7.19 2.97
C VAL A 30 -3.19 -6.72 2.97
N SER A 31 -4.09 -7.61 3.35
CA SER A 31 -5.51 -7.29 3.40
C SER A 31 -5.83 -6.34 4.56
N ALA A 32 -6.06 -5.07 4.23
CA ALA A 32 -6.37 -4.08 5.24
C ALA A 32 -7.54 -3.20 4.80
N LEU A 33 -8.49 -2.98 5.70
CA LEU A 33 -9.66 -2.16 5.41
C LEU A 33 -10.43 -2.73 4.22
N GLY A 34 -10.68 -4.02 4.25
CA GLY A 34 -11.42 -4.67 3.17
C GLY A 34 -10.83 -4.35 1.80
N LYS A 35 -9.50 -4.38 1.71
CA LYS A 35 -8.82 -4.09 0.47
C LYS A 35 -7.51 -4.88 0.37
N THR A 36 -6.78 -4.67 -0.73
CA THR A 36 -5.51 -5.36 -0.93
C THR A 36 -4.41 -4.39 -1.37
N TYR A 37 -3.30 -4.42 -0.65
CA TYR A 37 -2.18 -3.54 -0.96
C TYR A 37 -0.85 -4.28 -0.83
N HIS A 38 0.21 -3.66 -1.32
CA HIS A 38 1.54 -4.26 -1.26
C HIS A 38 2.14 -4.13 0.15
N PRO A 39 3.16 -4.95 0.43
CA PRO A 39 3.83 -4.95 1.74
C PRO A 39 4.66 -3.68 1.95
N ASP A 40 4.68 -2.81 0.95
CA ASP A 40 5.42 -1.57 1.03
C ASP A 40 4.53 -0.37 0.73
N CYS A 41 3.43 -0.62 0.02
CA CYS A 41 2.50 0.43 -0.35
C CYS A 41 1.65 0.85 0.86
N PHE A 42 1.45 -0.09 1.78
CA PHE A 42 0.66 0.18 2.98
C PHE A 42 1.51 0.87 4.04
N VAL A 43 2.37 1.78 3.61
CA VAL A 43 3.23 2.51 4.52
C VAL A 43 2.88 3.98 4.57
N CYS A 44 3.41 4.70 5.55
CA CYS A 44 3.14 6.12 5.71
C CYS A 44 3.22 6.84 4.36
N ALA A 45 2.71 8.06 4.32
CA ALA A 45 2.72 8.85 3.10
C ALA A 45 3.79 9.94 3.15
N VAL A 46 4.26 10.24 4.35
CA VAL A 46 5.29 11.25 4.53
C VAL A 46 6.68 10.61 4.65
N CYS A 47 6.88 9.85 5.72
CA CYS A 47 8.16 9.18 5.94
C CYS A 47 8.20 7.83 5.23
N ARG A 48 7.03 7.34 4.85
CA ARG A 48 6.94 6.05 4.15
C ARG A 48 7.54 4.94 4.99
N LEU A 49 7.10 4.84 6.25
CA LEU A 49 7.60 3.81 7.15
C LEU A 49 6.54 2.74 7.40
N PRO A 50 6.98 1.48 7.46
CA PRO A 50 6.09 0.34 7.69
C PRO A 50 5.55 0.31 9.12
N PHE A 51 4.23 0.13 9.24
CA PHE A 51 3.59 0.10 10.55
C PHE A 51 3.62 -1.32 11.12
N PRO A 52 4.07 -1.44 12.37
CA PRO A 52 4.16 -2.74 13.07
C PRO A 52 2.79 -3.30 13.40
N PRO A 53 2.76 -4.57 13.85
CA PRO A 53 1.52 -5.26 14.21
C PRO A 53 0.90 -4.70 15.49
N GLY A 54 1.56 -3.69 16.07
CA GLY A 54 1.05 -3.09 17.28
C GLY A 54 0.70 -1.62 17.11
N ASP A 55 1.69 -0.81 16.78
CA ASP A 55 1.48 0.62 16.58
C ASP A 55 0.16 0.88 15.87
N ARG A 56 -0.38 2.07 16.05
CA ARG A 56 -1.64 2.44 15.42
C ARG A 56 -1.41 3.09 14.05
N VAL A 57 -2.45 3.09 13.23
CA VAL A 57 -2.36 3.67 11.90
C VAL A 57 -3.53 4.61 11.62
N THR A 58 -3.23 5.83 11.23
CA THR A 58 -4.26 6.82 10.94
C THR A 58 -4.69 6.75 9.48
N PHE A 59 -5.98 6.51 9.26
CA PHE A 59 -6.52 6.40 7.91
C PHE A 59 -7.05 7.76 7.44
N ASN A 60 -6.36 8.34 6.46
CA ASN A 60 -6.74 9.63 5.92
C ASN A 60 -6.93 9.55 4.40
N GLY A 61 -8.19 9.56 3.97
CA GLY A 61 -8.49 9.49 2.55
C GLY A 61 -8.18 8.13 1.97
N LYS A 62 -7.24 8.09 1.02
CA LYS A 62 -6.85 6.85 0.38
C LYS A 62 -5.54 6.33 0.96
N GLU A 63 -4.73 7.23 1.50
CA GLU A 63 -3.45 6.86 2.09
C GLU A 63 -3.51 6.95 3.61
N CYS A 64 -2.45 6.49 4.27
CA CYS A 64 -2.39 6.51 5.72
C CYS A 64 -1.05 7.09 6.20
N MET A 65 -1.00 7.51 7.45
CA MET A 65 0.22 8.07 8.02
C MET A 65 0.45 7.56 9.44
N CYS A 66 1.70 7.62 9.90
CA CYS A 66 2.05 7.16 11.23
C CYS A 66 1.69 8.21 12.28
N GLN A 67 1.31 7.75 13.46
CA GLN A 67 0.94 8.65 14.56
C GLN A 67 2.00 9.73 14.74
N LYS A 68 3.26 9.38 14.49
CA LYS A 68 4.36 10.33 14.62
C LYS A 68 4.19 11.50 13.67
N CYS A 69 3.77 11.20 12.44
CA CYS A 69 3.57 12.24 11.43
C CYS A 69 2.25 12.98 11.66
N SER A 70 1.17 12.21 11.81
CA SER A 70 -0.14 12.79 12.03
C SER A 70 -0.07 13.95 13.02
N LEU A 71 0.46 13.68 14.21
CA LEU A 71 0.59 14.70 15.24
C LEU A 71 1.58 15.79 14.81
N PRO A 72 1.47 16.96 15.44
CA PRO A 72 2.34 18.10 15.14
C PRO A 72 3.77 17.88 15.62
N VAL A 73 4.73 18.43 14.89
CA VAL A 73 6.14 18.29 15.25
C VAL A 73 6.90 19.58 14.96
N SER A 74 7.78 19.96 15.89
CA SER A 74 8.58 21.17 15.74
C SER A 74 9.03 21.35 14.30
N VAL A 75 9.50 20.27 13.69
CA VAL A 75 9.97 20.30 12.32
C VAL A 75 8.80 20.20 11.34
N SER A 76 8.32 21.36 10.89
CA SER A 76 7.20 21.41 9.95
C SER A 76 7.68 21.15 8.53
N GLY A 77 7.02 20.22 7.85
CA GLY A 77 7.40 19.90 6.49
C GLY A 77 6.92 20.93 5.50
N PRO A 78 7.65 21.06 4.37
CA PRO A 78 7.31 22.02 3.32
C PRO A 78 6.04 21.64 2.57
N SER A 79 5.19 22.64 2.30
CA SER A 79 3.95 22.40 1.59
C SER A 79 4.15 22.53 0.08
N SER A 80 3.65 21.55 -0.67
CA SER A 80 3.78 21.55 -2.11
C SER A 80 2.67 20.73 -2.76
N GLY A 81 2.43 20.97 -4.05
CA GLY A 81 1.40 20.25 -4.77
C GLY A 81 1.94 19.07 -5.54
N GLY A 1 -7.54 -22.80 -33.72
CA GLY A 1 -8.17 -23.29 -32.51
C GLY A 1 -8.47 -24.78 -32.57
N SER A 2 -7.47 -25.56 -32.94
CA SER A 2 -7.63 -27.01 -33.05
C SER A 2 -7.79 -27.64 -31.68
N SER A 3 -6.95 -27.20 -30.73
CA SER A 3 -6.98 -27.73 -29.38
C SER A 3 -6.10 -26.90 -28.45
N GLY A 4 -6.30 -27.07 -27.15
CA GLY A 4 -5.52 -26.34 -26.17
C GLY A 4 -6.01 -24.91 -25.99
N SER A 5 -5.29 -24.14 -25.19
CA SER A 5 -5.66 -22.76 -24.92
C SER A 5 -4.67 -21.79 -25.54
N SER A 6 -5.18 -20.87 -26.35
CA SER A 6 -4.33 -19.88 -27.02
C SER A 6 -4.68 -18.46 -26.56
N GLY A 7 -4.04 -18.02 -25.48
CA GLY A 7 -4.30 -16.69 -24.96
C GLY A 7 -4.02 -16.59 -23.47
N LEU A 8 -4.50 -15.50 -22.86
CA LEU A 8 -4.31 -15.29 -21.44
C LEU A 8 -5.61 -15.52 -20.66
N ASP A 9 -5.97 -16.79 -20.50
CA ASP A 9 -7.19 -17.14 -19.78
C ASP A 9 -6.87 -17.57 -18.34
N TYR A 10 -5.64 -18.05 -18.13
CA TYR A 10 -5.22 -18.48 -16.81
C TYR A 10 -5.11 -17.31 -15.85
N GLN A 11 -5.39 -16.11 -16.36
CA GLN A 11 -5.32 -14.90 -15.54
C GLN A 11 -6.72 -14.47 -15.09
N ARG A 12 -7.73 -14.83 -15.88
CA ARG A 12 -9.10 -14.48 -15.56
C ARG A 12 -9.38 -14.65 -14.08
N LEU A 13 -8.75 -15.67 -13.48
CA LEU A 13 -8.94 -15.95 -12.06
C LEU A 13 -9.01 -14.65 -11.25
N TYR A 14 -9.62 -14.73 -10.08
CA TYR A 14 -9.76 -13.56 -9.21
C TYR A 14 -8.53 -12.66 -9.30
N GLY A 15 -7.37 -13.23 -9.01
CA GLY A 15 -6.13 -12.47 -9.06
C GLY A 15 -6.15 -11.28 -8.13
N THR A 16 -5.17 -11.22 -7.23
CA THR A 16 -5.07 -10.12 -6.27
C THR A 16 -4.20 -9.00 -6.81
N ARG A 17 -4.81 -7.83 -7.00
CA ARG A 17 -4.08 -6.67 -7.51
C ARG A 17 -4.03 -5.56 -6.46
N CYS A 18 -2.82 -5.15 -6.11
CA CYS A 18 -2.63 -4.09 -5.12
C CYS A 18 -3.49 -2.88 -5.44
N PHE A 19 -4.24 -2.42 -4.44
CA PHE A 19 -5.11 -1.27 -4.62
C PHE A 19 -4.34 0.03 -4.45
N SER A 20 -3.02 -0.06 -4.51
CA SER A 20 -2.16 1.10 -4.37
C SER A 20 -1.47 1.45 -5.69
N CYS A 21 -0.55 0.59 -6.10
CA CYS A 21 0.18 0.80 -7.35
C CYS A 21 -0.56 0.15 -8.52
N ASP A 22 -1.65 -0.54 -8.21
CA ASP A 22 -2.44 -1.21 -9.24
C ASP A 22 -1.63 -2.30 -9.93
N GLN A 23 -0.88 -3.07 -9.15
CA GLN A 23 -0.07 -4.15 -9.67
C GLN A 23 -0.36 -5.46 -8.96
N PHE A 24 -0.31 -6.57 -9.70
CA PHE A 24 -0.57 -7.88 -9.14
C PHE A 24 0.42 -8.21 -8.02
N ILE A 25 -0.10 -8.61 -6.87
CA ILE A 25 0.73 -8.95 -5.73
C ILE A 25 1.15 -10.41 -5.77
N GLU A 26 2.44 -10.64 -5.99
CA GLU A 26 2.98 -12.00 -6.06
C GLU A 26 3.73 -12.34 -4.78
N GLY A 27 3.78 -13.63 -4.45
CA GLY A 27 4.48 -14.07 -3.26
C GLY A 27 3.60 -14.03 -2.03
N GLU A 28 3.20 -12.82 -1.63
CA GLU A 28 2.36 -12.64 -0.46
C GLU A 28 1.57 -11.33 -0.54
N VAL A 29 0.36 -11.34 0.01
CA VAL A 29 -0.49 -10.15 -0.01
C VAL A 29 -0.96 -9.80 1.40
N VAL A 30 -1.04 -8.51 1.69
CA VAL A 30 -1.48 -8.04 2.99
C VAL A 30 -2.91 -7.52 2.94
N SER A 31 -3.87 -8.37 3.28
CA SER A 31 -5.28 -8.00 3.27
C SER A 31 -5.59 -7.05 4.41
N ALA A 32 -5.75 -5.77 4.09
CA ALA A 32 -6.06 -4.76 5.09
C ALA A 32 -7.21 -3.88 4.63
N LEU A 33 -8.10 -3.53 5.56
CA LEU A 33 -9.24 -2.69 5.26
C LEU A 33 -10.05 -3.27 4.12
N GLY A 34 -10.30 -4.58 4.17
CA GLY A 34 -11.07 -5.24 3.13
C GLY A 34 -10.52 -4.96 1.74
N LYS A 35 -9.20 -4.97 1.62
CA LYS A 35 -8.56 -4.72 0.34
C LYS A 35 -7.19 -5.41 0.27
N THR A 36 -6.55 -5.33 -0.89
CA THR A 36 -5.24 -5.94 -1.08
C THR A 36 -4.17 -4.89 -1.33
N TYR A 37 -3.10 -4.96 -0.55
CA TYR A 37 -2.00 -4.00 -0.69
C TYR A 37 -0.65 -4.70 -0.54
N HIS A 38 0.37 -4.14 -1.18
CA HIS A 38 1.71 -4.71 -1.12
C HIS A 38 2.30 -4.59 0.28
N PRO A 39 3.33 -5.40 0.57
CA PRO A 39 4.00 -5.39 1.87
C PRO A 39 4.80 -4.11 2.11
N ASP A 40 4.79 -3.22 1.13
CA ASP A 40 5.52 -1.97 1.23
C ASP A 40 4.60 -0.78 0.93
N CYS A 41 3.53 -1.04 0.20
CA CYS A 41 2.58 0.00 -0.16
C CYS A 41 1.68 0.34 1.03
N PHE A 42 1.53 -0.60 1.94
CA PHE A 42 0.70 -0.42 3.13
C PHE A 42 1.47 0.33 4.21
N VAL A 43 2.30 1.29 3.80
CA VAL A 43 3.09 2.08 4.73
C VAL A 43 2.68 3.54 4.70
N CYS A 44 3.22 4.32 5.63
CA CYS A 44 2.90 5.75 5.71
C CYS A 44 2.99 6.40 4.34
N ALA A 45 2.49 7.62 4.24
CA ALA A 45 2.51 8.35 2.98
C ALA A 45 3.57 9.45 3.01
N VAL A 46 3.84 9.99 4.19
CA VAL A 46 4.84 11.03 4.35
C VAL A 46 6.24 10.45 4.49
N CYS A 47 6.47 9.73 5.59
CA CYS A 47 7.77 9.12 5.84
C CYS A 47 7.87 7.77 5.15
N ARG A 48 6.71 7.20 4.78
CA ARG A 48 6.68 5.91 4.11
C ARG A 48 7.31 4.83 4.98
N LEU A 49 7.04 4.88 6.27
CA LEU A 49 7.58 3.91 7.22
C LEU A 49 6.53 2.86 7.58
N PRO A 50 6.97 1.60 7.71
CA PRO A 50 6.08 0.48 8.06
C PRO A 50 5.60 0.56 9.51
N PHE A 51 4.29 0.50 9.69
CA PHE A 51 3.69 0.55 11.02
C PHE A 51 3.94 -0.75 11.79
N PRO A 52 4.56 -0.62 12.98
CA PRO A 52 4.87 -1.78 13.83
C PRO A 52 3.61 -2.41 14.42
N PRO A 53 3.77 -3.61 14.99
CA PRO A 53 2.66 -4.35 15.61
C PRO A 53 2.17 -3.69 16.90
N GLY A 54 1.22 -2.77 16.77
CA GLY A 54 0.69 -2.09 17.93
C GLY A 54 0.48 -0.60 17.67
N ASP A 55 1.44 0.03 17.03
CA ASP A 55 1.36 1.45 16.73
C ASP A 55 0.00 1.81 16.15
N ARG A 56 -0.51 2.98 16.52
CA ARG A 56 -1.81 3.43 16.03
C ARG A 56 -1.68 4.04 14.63
N VAL A 57 -2.50 3.54 13.71
CA VAL A 57 -2.48 4.04 12.33
C VAL A 57 -3.61 5.03 12.09
N THR A 58 -3.33 6.07 11.33
CA THR A 58 -4.33 7.09 11.02
C THR A 58 -4.83 6.95 9.59
N PHE A 59 -6.14 7.06 9.42
CA PHE A 59 -6.75 6.95 8.09
C PHE A 59 -7.05 8.32 7.51
N ASN A 60 -6.24 8.73 6.53
CA ASN A 60 -6.41 10.02 5.89
C ASN A 60 -6.78 9.85 4.41
N GLY A 61 -8.08 9.94 4.12
CA GLY A 61 -8.54 9.80 2.75
C GLY A 61 -8.13 8.47 2.14
N LYS A 62 -7.13 8.51 1.26
CA LYS A 62 -6.65 7.30 0.61
C LYS A 62 -5.38 6.77 1.29
N GLU A 63 -4.46 7.68 1.58
CA GLU A 63 -3.21 7.31 2.23
C GLU A 63 -3.33 7.39 3.74
N CYS A 64 -2.45 6.70 4.45
CA CYS A 64 -2.47 6.70 5.91
C CYS A 64 -1.16 7.25 6.47
N MET A 65 -1.27 8.02 7.55
CA MET A 65 -0.09 8.61 8.18
C MET A 65 0.12 8.04 9.57
N CYS A 66 1.36 8.02 10.02
CA CYS A 66 1.71 7.50 11.34
C CYS A 66 1.46 8.55 12.42
N GLN A 67 1.03 8.10 13.59
CA GLN A 67 0.76 9.00 14.71
C GLN A 67 1.80 10.11 14.77
N LYS A 68 3.01 9.83 14.28
CA LYS A 68 4.08 10.81 14.28
C LYS A 68 3.80 11.92 13.27
N CYS A 69 3.50 11.54 12.03
CA CYS A 69 3.21 12.50 10.99
C CYS A 69 1.87 13.20 11.24
N SER A 70 0.81 12.41 11.34
CA SER A 70 -0.53 12.95 11.59
C SER A 70 -0.47 14.13 12.56
N LEU A 71 0.22 13.92 13.69
CA LEU A 71 0.36 14.97 14.70
C LEU A 71 1.65 15.76 14.51
N PRO A 72 1.68 16.98 15.05
CA PRO A 72 2.86 17.85 14.96
C PRO A 72 4.03 17.34 15.78
N VAL A 73 5.10 16.94 15.09
CA VAL A 73 6.30 16.45 15.76
C VAL A 73 7.49 17.37 15.54
N SER A 74 8.43 17.34 16.48
CA SER A 74 9.62 18.18 16.39
C SER A 74 10.06 18.35 14.94
N VAL A 75 10.01 17.26 14.19
CA VAL A 75 10.40 17.29 12.78
C VAL A 75 9.48 18.20 11.97
N SER A 76 10.09 19.04 11.13
CA SER A 76 9.32 19.98 10.30
C SER A 76 9.14 19.42 8.90
N GLY A 77 8.21 20.01 8.15
CA GLY A 77 7.95 19.56 6.79
C GLY A 77 6.67 18.76 6.68
N PRO A 78 5.53 19.46 6.76
CA PRO A 78 4.20 18.83 6.67
C PRO A 78 3.91 18.29 5.27
N SER A 79 4.17 19.13 4.26
CA SER A 79 3.93 18.75 2.88
C SER A 79 2.58 18.03 2.74
N SER A 80 1.55 18.58 3.37
CA SER A 80 0.22 18.01 3.32
C SER A 80 -0.18 17.70 1.89
N GLY A 81 -0.31 18.75 1.07
CA GLY A 81 -0.69 18.57 -0.32
C GLY A 81 -2.14 18.15 -0.48
N GLY A 1 -3.62 -7.31 -28.10
CA GLY A 1 -2.58 -7.52 -29.08
C GLY A 1 -2.56 -8.94 -29.62
N SER A 2 -1.40 -9.36 -30.12
CA SER A 2 -1.26 -10.71 -30.66
C SER A 2 -1.32 -11.75 -29.56
N SER A 3 -1.48 -13.01 -29.96
CA SER A 3 -1.55 -14.11 -29.00
C SER A 3 -0.26 -14.92 -28.99
N GLY A 4 0.63 -14.61 -28.06
CA GLY A 4 1.89 -15.31 -27.97
C GLY A 4 2.03 -16.08 -26.66
N SER A 5 1.01 -16.84 -26.31
CA SER A 5 1.02 -17.61 -25.08
C SER A 5 0.28 -18.94 -25.26
N SER A 6 0.82 -20.01 -24.67
CA SER A 6 0.21 -21.33 -24.78
C SER A 6 -0.89 -21.49 -23.74
N GLY A 7 -1.71 -20.46 -23.58
CA GLY A 7 -2.80 -20.50 -22.63
C GLY A 7 -2.76 -19.36 -21.63
N LEU A 8 -3.87 -18.65 -21.52
CA LEU A 8 -3.96 -17.51 -20.59
C LEU A 8 -5.01 -17.77 -19.52
N ASP A 9 -4.87 -18.89 -18.82
CA ASP A 9 -5.80 -19.25 -17.75
C ASP A 9 -5.15 -19.08 -16.38
N TYR A 10 -3.83 -18.88 -16.37
CA TYR A 10 -3.10 -18.71 -15.14
C TYR A 10 -3.30 -17.32 -14.56
N GLN A 11 -4.17 -16.55 -15.20
CA GLN A 11 -4.47 -15.19 -14.75
C GLN A 11 -5.95 -15.03 -14.41
N ARG A 12 -6.80 -15.66 -15.21
CA ARG A 12 -8.24 -15.59 -15.00
C ARG A 12 -8.58 -15.74 -13.51
N LEU A 13 -7.76 -16.51 -12.80
CA LEU A 13 -7.98 -16.74 -11.38
C LEU A 13 -8.40 -15.45 -10.68
N TYR A 14 -8.98 -15.60 -9.49
CA TYR A 14 -9.43 -14.45 -8.72
C TYR A 14 -8.52 -13.24 -8.94
N GLY A 15 -7.22 -13.49 -8.91
CA GLY A 15 -6.25 -12.42 -9.11
C GLY A 15 -6.37 -11.33 -8.07
N THR A 16 -5.24 -10.82 -7.61
CA THR A 16 -5.23 -9.77 -6.60
C THR A 16 -4.32 -8.61 -7.03
N ARG A 17 -4.94 -7.55 -7.55
CA ARG A 17 -4.20 -6.39 -8.00
C ARG A 17 -4.17 -5.32 -6.91
N CYS A 18 -2.96 -4.95 -6.47
CA CYS A 18 -2.80 -3.94 -5.44
C CYS A 18 -3.64 -2.72 -5.74
N PHE A 19 -4.40 -2.27 -4.75
CA PHE A 19 -5.27 -1.10 -4.90
C PHE A 19 -4.49 0.18 -4.61
N SER A 20 -3.18 0.14 -4.83
CA SER A 20 -2.32 1.30 -4.59
C SER A 20 -1.55 1.68 -5.84
N CYS A 21 -0.61 0.83 -6.24
CA CYS A 21 0.20 1.07 -7.42
C CYS A 21 -0.46 0.47 -8.66
N ASP A 22 -1.50 -0.33 -8.45
CA ASP A 22 -2.22 -0.96 -9.55
C ASP A 22 -1.37 -2.05 -10.19
N GLN A 23 -0.86 -2.96 -9.37
CA GLN A 23 -0.03 -4.05 -9.86
C GLN A 23 -0.40 -5.37 -9.18
N PHE A 24 -0.33 -6.45 -9.93
CA PHE A 24 -0.65 -7.78 -9.39
C PHE A 24 0.27 -8.14 -8.24
N ILE A 25 -0.31 -8.46 -7.09
CA ILE A 25 0.47 -8.84 -5.92
C ILE A 25 0.86 -10.30 -5.95
N GLU A 26 2.14 -10.57 -6.16
CA GLU A 26 2.65 -11.94 -6.21
C GLU A 26 3.32 -12.33 -4.91
N GLY A 27 3.30 -13.62 -4.59
CA GLY A 27 3.92 -14.10 -3.37
C GLY A 27 2.95 -14.09 -2.20
N GLU A 28 2.39 -12.93 -1.91
CA GLU A 28 1.45 -12.79 -0.81
C GLU A 28 0.81 -11.40 -0.80
N VAL A 29 -0.44 -11.33 -0.35
CA VAL A 29 -1.16 -10.07 -0.31
C VAL A 29 -1.62 -9.76 1.12
N VAL A 30 -1.79 -8.47 1.41
CA VAL A 30 -2.24 -8.04 2.74
C VAL A 30 -3.68 -7.55 2.69
N SER A 31 -4.62 -8.43 3.02
CA SER A 31 -6.04 -8.09 3.03
C SER A 31 -6.36 -7.16 4.19
N ALA A 32 -6.61 -5.89 3.88
CA ALA A 32 -6.93 -4.90 4.90
C ALA A 32 -8.10 -4.03 4.46
N LEU A 33 -9.09 -3.89 5.35
CA LEU A 33 -10.27 -3.09 5.05
C LEU A 33 -10.96 -3.56 3.77
N GLY A 34 -11.04 -4.88 3.62
CA GLY A 34 -11.68 -5.45 2.45
C GLY A 34 -11.02 -5.01 1.16
N LYS A 35 -9.69 -5.00 1.14
CA LYS A 35 -8.93 -4.60 -0.03
C LYS A 35 -7.61 -5.34 -0.12
N THR A 36 -6.86 -5.10 -1.19
CA THR A 36 -5.57 -5.75 -1.38
C THR A 36 -4.47 -4.72 -1.63
N TYR A 37 -3.41 -4.81 -0.82
CA TYR A 37 -2.29 -3.87 -0.94
C TYR A 37 -0.95 -4.61 -0.79
N HIS A 38 0.11 -3.98 -1.26
CA HIS A 38 1.44 -4.57 -1.18
C HIS A 38 2.01 -4.43 0.22
N PRO A 39 3.02 -5.25 0.55
CA PRO A 39 3.67 -5.23 1.87
C PRO A 39 4.50 -3.98 2.09
N ASP A 40 4.57 -3.14 1.06
CA ASP A 40 5.33 -1.90 1.14
C ASP A 40 4.46 -0.69 0.82
N CYS A 41 3.32 -0.95 0.17
CA CYS A 41 2.39 0.10 -0.19
C CYS A 41 1.53 0.50 1.00
N PHE A 42 1.35 -0.43 1.92
CA PHE A 42 0.53 -0.18 3.11
C PHE A 42 1.35 0.53 4.19
N VAL A 43 2.21 1.44 3.77
CA VAL A 43 3.06 2.20 4.69
C VAL A 43 2.67 3.67 4.71
N CYS A 44 3.26 4.42 5.63
CA CYS A 44 2.99 5.85 5.76
C CYS A 44 3.02 6.53 4.39
N ALA A 45 2.50 7.74 4.33
CA ALA A 45 2.47 8.51 3.09
C ALA A 45 3.53 9.61 3.09
N VAL A 46 3.94 10.01 4.29
CA VAL A 46 4.95 11.05 4.43
C VAL A 46 6.36 10.45 4.48
N CYS A 47 6.66 9.75 5.56
CA CYS A 47 7.97 9.13 5.72
C CYS A 47 8.06 7.82 4.94
N ARG A 48 6.89 7.26 4.62
CA ARG A 48 6.84 6.01 3.88
C ARG A 48 7.55 4.88 4.63
N LEU A 49 7.23 4.76 5.92
CA LEU A 49 7.85 3.72 6.75
C LEU A 49 6.80 2.72 7.24
N PRO A 50 7.19 1.45 7.30
CA PRO A 50 6.30 0.36 7.75
C PRO A 50 6.00 0.44 9.24
N PHE A 51 4.72 0.51 9.58
CA PHE A 51 4.30 0.60 10.97
C PHE A 51 4.66 -0.68 11.73
N PRO A 52 5.22 -0.53 12.93
CA PRO A 52 5.62 -1.65 13.78
C PRO A 52 4.41 -2.42 14.32
N PRO A 53 4.67 -3.61 14.87
CA PRO A 53 3.63 -4.47 15.44
C PRO A 53 3.06 -3.90 16.73
N GLY A 54 1.87 -3.30 16.65
CA GLY A 54 1.24 -2.73 17.82
C GLY A 54 1.27 -1.21 17.80
N ASP A 55 0.95 -0.63 16.66
CA ASP A 55 0.94 0.82 16.52
C ASP A 55 -0.33 1.30 15.81
N ARG A 56 -0.97 2.31 16.39
CA ARG A 56 -2.20 2.85 15.82
C ARG A 56 -1.94 3.52 14.47
N VAL A 57 -2.96 3.57 13.62
CA VAL A 57 -2.84 4.18 12.31
C VAL A 57 -3.92 5.23 12.09
N THR A 58 -3.50 6.43 11.70
CA THR A 58 -4.43 7.52 11.45
C THR A 58 -4.90 7.53 10.00
N PHE A 59 -6.18 7.28 9.79
CA PHE A 59 -6.76 7.26 8.45
C PHE A 59 -7.10 8.67 7.98
N ASN A 60 -6.34 9.16 7.00
CA ASN A 60 -6.57 10.50 6.46
C ASN A 60 -6.83 10.44 4.96
N GLY A 61 -8.08 10.68 4.57
CA GLY A 61 -8.44 10.65 3.17
C GLY A 61 -8.15 9.32 2.53
N LYS A 62 -7.22 9.30 1.59
CA LYS A 62 -6.86 8.07 0.88
C LYS A 62 -5.55 7.50 1.44
N GLU A 63 -4.65 8.39 1.83
CA GLU A 63 -3.36 7.97 2.39
C GLU A 63 -3.42 7.89 3.90
N CYS A 64 -2.42 7.24 4.50
CA CYS A 64 -2.36 7.10 5.95
C CYS A 64 -1.01 7.57 6.49
N MET A 65 -1.03 8.13 7.69
CA MET A 65 0.19 8.62 8.32
C MET A 65 0.43 7.94 9.66
N CYS A 66 1.68 7.94 10.10
CA CYS A 66 2.05 7.32 11.37
C CYS A 66 1.78 8.26 12.54
N GLN A 67 1.39 7.70 13.68
CA GLN A 67 1.11 8.49 14.86
C GLN A 67 2.04 9.70 14.94
N LYS A 68 3.31 9.49 14.65
CA LYS A 68 4.30 10.56 14.70
C LYS A 68 3.94 11.66 13.69
N CYS A 69 4.06 11.34 12.41
CA CYS A 69 3.74 12.30 11.36
C CYS A 69 2.43 13.01 11.64
N SER A 70 1.35 12.24 11.76
CA SER A 70 0.03 12.78 12.03
C SER A 70 0.13 14.00 12.95
N LEU A 71 0.54 13.77 14.19
CA LEU A 71 0.67 14.84 15.16
C LEU A 71 2.00 15.57 14.99
N PRO A 72 2.08 16.80 15.52
CA PRO A 72 3.28 17.63 15.44
C PRO A 72 4.41 17.09 16.30
N VAL A 73 5.63 17.12 15.75
CA VAL A 73 6.80 16.62 16.47
C VAL A 73 7.93 17.65 16.43
N SER A 74 8.66 17.76 17.54
CA SER A 74 9.76 18.70 17.64
C SER A 74 10.48 18.84 16.30
N VAL A 75 10.72 17.71 15.65
CA VAL A 75 11.40 17.70 14.36
C VAL A 75 10.96 18.87 13.50
N SER A 76 11.91 19.51 12.83
CA SER A 76 11.62 20.65 11.97
C SER A 76 12.85 21.07 11.18
N GLY A 77 12.64 21.40 9.90
CA GLY A 77 13.75 21.81 9.06
C GLY A 77 13.54 23.20 8.47
N PRO A 78 14.23 23.47 7.35
CA PRO A 78 14.12 24.76 6.66
C PRO A 78 12.77 24.96 6.00
N SER A 79 12.60 26.10 5.33
CA SER A 79 11.35 26.42 4.65
C SER A 79 11.46 26.16 3.15
N SER A 80 12.09 25.04 2.80
CA SER A 80 12.26 24.67 1.40
C SER A 80 10.92 24.64 0.68
N GLY A 81 10.02 23.78 1.14
CA GLY A 81 8.72 23.66 0.53
C GLY A 81 7.72 22.93 1.40
N GLY A 1 3.00 -14.56 -33.84
CA GLY A 1 3.05 -15.92 -33.32
C GLY A 1 4.43 -16.54 -33.47
N SER A 2 5.38 -16.08 -32.67
CA SER A 2 6.74 -16.60 -32.72
C SER A 2 7.18 -17.11 -31.35
N SER A 3 8.04 -18.12 -31.36
CA SER A 3 8.54 -18.72 -30.13
C SER A 3 7.39 -19.26 -29.28
N GLY A 4 6.47 -19.97 -29.94
CA GLY A 4 5.34 -20.53 -29.23
C GLY A 4 4.20 -19.54 -29.06
N SER A 5 3.11 -20.00 -28.46
CA SER A 5 1.94 -19.14 -28.26
C SER A 5 1.69 -18.94 -26.77
N SER A 6 1.31 -17.71 -26.39
CA SER A 6 1.04 -17.39 -25.00
C SER A 6 -0.42 -17.01 -24.81
N GLY A 7 -1.09 -17.67 -23.87
CA GLY A 7 -2.49 -17.39 -23.61
C GLY A 7 -2.68 -16.45 -22.43
N LEU A 8 -2.21 -16.86 -21.26
CA LEU A 8 -2.33 -16.05 -20.06
C LEU A 8 -3.79 -15.88 -19.65
N ASP A 9 -4.52 -16.99 -19.63
CA ASP A 9 -5.93 -16.97 -19.27
C ASP A 9 -6.10 -17.24 -17.77
N TYR A 10 -5.23 -18.07 -17.23
CA TYR A 10 -5.28 -18.41 -15.81
C TYR A 10 -5.52 -17.17 -14.95
N GLN A 11 -4.91 -16.05 -15.37
CA GLN A 11 -5.05 -14.79 -14.65
C GLN A 11 -6.51 -14.48 -14.38
N ARG A 12 -7.37 -14.80 -15.34
CA ARG A 12 -8.80 -14.54 -15.21
C ARG A 12 -9.23 -14.65 -13.75
N LEU A 13 -8.64 -15.59 -13.03
CA LEU A 13 -8.96 -15.79 -11.62
C LEU A 13 -9.07 -14.46 -10.89
N TYR A 14 -9.74 -14.48 -9.74
CA TYR A 14 -9.92 -13.27 -8.94
C TYR A 14 -8.68 -12.37 -9.02
N GLY A 15 -7.52 -12.95 -8.71
CA GLY A 15 -6.28 -12.20 -8.76
C GLY A 15 -6.26 -11.05 -7.76
N THR A 16 -5.20 -10.99 -6.96
CA THR A 16 -5.07 -9.95 -5.95
C THR A 16 -4.23 -8.78 -6.47
N ARG A 17 -4.88 -7.67 -6.78
CA ARG A 17 -4.19 -6.49 -7.28
C ARG A 17 -4.09 -5.41 -6.20
N CYS A 18 -2.87 -5.01 -5.89
CA CYS A 18 -2.64 -3.99 -4.87
C CYS A 18 -3.54 -2.78 -5.10
N PHE A 19 -4.17 -2.31 -4.02
CA PHE A 19 -5.07 -1.16 -4.10
C PHE A 19 -4.30 0.14 -3.83
N SER A 20 -3.04 0.17 -4.24
CA SER A 20 -2.21 1.35 -4.04
C SER A 20 -1.48 1.72 -5.34
N CYS A 21 -0.74 0.75 -5.88
CA CYS A 21 0.01 0.97 -7.12
C CYS A 21 -0.68 0.30 -8.30
N ASP A 22 -1.79 -0.38 -8.02
CA ASP A 22 -2.54 -1.07 -9.06
C ASP A 22 -1.69 -2.14 -9.74
N GLN A 23 -1.02 -2.95 -8.93
CA GLN A 23 -0.17 -4.02 -9.44
C GLN A 23 -0.47 -5.34 -8.75
N PHE A 24 -0.47 -6.42 -9.53
CA PHE A 24 -0.75 -7.75 -8.99
C PHE A 24 0.26 -8.11 -7.91
N ILE A 25 -0.25 -8.53 -6.75
CA ILE A 25 0.59 -8.92 -5.63
C ILE A 25 0.96 -10.40 -5.70
N GLU A 26 2.20 -10.68 -6.04
CA GLU A 26 2.68 -12.06 -6.13
C GLU A 26 3.42 -12.47 -4.86
N GLY A 27 3.41 -13.77 -4.57
CA GLY A 27 4.08 -14.26 -3.38
C GLY A 27 3.21 -14.18 -2.14
N GLU A 28 3.05 -12.98 -1.62
CA GLU A 28 2.24 -12.77 -0.42
C GLU A 28 1.55 -11.41 -0.46
N VAL A 29 0.37 -11.33 0.14
CA VAL A 29 -0.39 -10.09 0.18
C VAL A 29 -0.78 -9.72 1.60
N VAL A 30 -0.92 -8.42 1.86
CA VAL A 30 -1.29 -7.94 3.19
C VAL A 30 -2.73 -7.44 3.20
N SER A 31 -3.64 -8.30 3.66
CA SER A 31 -5.05 -7.95 3.74
C SER A 31 -5.32 -6.99 4.89
N ALA A 32 -5.57 -5.73 4.56
CA ALA A 32 -5.84 -4.71 5.57
C ALA A 32 -7.04 -3.85 5.17
N LEU A 33 -7.85 -3.47 6.15
CA LEU A 33 -9.02 -2.65 5.92
C LEU A 33 -9.89 -3.25 4.81
N GLY A 34 -10.05 -4.57 4.84
CA GLY A 34 -10.86 -5.25 3.85
C GLY A 34 -10.37 -4.98 2.43
N LYS A 35 -9.06 -4.87 2.27
CA LYS A 35 -8.47 -4.62 0.96
C LYS A 35 -7.10 -5.29 0.85
N THR A 36 -6.46 -5.12 -0.31
CA THR A 36 -5.15 -5.71 -0.56
C THR A 36 -4.11 -4.64 -0.81
N TYR A 37 -2.95 -4.78 -0.15
CA TYR A 37 -1.87 -3.81 -0.30
C TYR A 37 -0.51 -4.52 -0.28
N HIS A 38 0.49 -3.86 -0.84
CA HIS A 38 1.84 -4.43 -0.88
C HIS A 38 2.54 -4.23 0.47
N PRO A 39 3.62 -5.01 0.68
CA PRO A 39 4.39 -4.95 1.92
C PRO A 39 5.19 -3.65 2.04
N ASP A 40 5.13 -2.83 1.00
CA ASP A 40 5.85 -1.56 0.98
C ASP A 40 4.90 -0.41 0.65
N CYS A 41 3.69 -0.74 0.24
CA CYS A 41 2.69 0.26 -0.11
C CYS A 41 1.84 0.62 1.10
N PHE A 42 1.64 -0.35 1.99
CA PHE A 42 0.83 -0.13 3.19
C PHE A 42 1.64 0.62 4.25
N VAL A 43 2.34 1.66 3.82
CA VAL A 43 3.16 2.46 4.73
C VAL A 43 2.71 3.91 4.75
N CYS A 44 3.28 4.70 5.65
CA CYS A 44 2.94 6.11 5.76
C CYS A 44 3.02 6.80 4.40
N ALA A 45 2.43 7.98 4.30
CA ALA A 45 2.44 8.75 3.06
C ALA A 45 3.50 9.84 3.09
N VAL A 46 3.83 10.30 4.29
CA VAL A 46 4.83 11.35 4.46
C VAL A 46 6.22 10.76 4.65
N CYS A 47 6.43 10.12 5.79
CA CYS A 47 7.73 9.51 6.10
C CYS A 47 7.91 8.20 5.32
N ARG A 48 6.80 7.68 4.80
CA ARG A 48 6.84 6.43 4.04
C ARG A 48 7.47 5.31 4.85
N LEU A 49 7.18 5.29 6.15
CA LEU A 49 7.72 4.27 7.04
C LEU A 49 6.68 3.18 7.31
N PRO A 50 7.16 1.92 7.40
CA PRO A 50 6.29 0.77 7.66
C PRO A 50 5.74 0.77 9.07
N PHE A 51 4.48 0.37 9.21
CA PHE A 51 3.82 0.33 10.51
C PHE A 51 4.10 -1.00 11.21
N PRO A 52 4.59 -0.93 12.45
CA PRO A 52 4.91 -2.12 13.25
C PRO A 52 3.65 -2.88 13.69
N PRO A 53 3.85 -4.09 14.22
CA PRO A 53 2.74 -4.93 14.68
C PRO A 53 2.08 -4.38 15.94
N GLY A 54 0.91 -3.78 15.78
CA GLY A 54 0.19 -3.22 16.91
C GLY A 54 -0.17 -1.76 16.71
N ASP A 55 0.84 -0.93 16.52
CA ASP A 55 0.62 0.50 16.32
C ASP A 55 -0.58 0.74 15.40
N ARG A 56 -1.37 1.77 15.72
CA ARG A 56 -2.54 2.09 14.93
C ARG A 56 -2.17 2.94 13.72
N VAL A 57 -3.05 2.94 12.72
CA VAL A 57 -2.80 3.72 11.50
C VAL A 57 -3.99 4.62 11.18
N THR A 58 -3.69 5.87 10.83
CA THR A 58 -4.72 6.84 10.50
C THR A 58 -4.92 6.93 8.99
N PHE A 59 -6.16 6.74 8.55
CA PHE A 59 -6.48 6.81 7.13
C PHE A 59 -6.86 8.23 6.73
N ASN A 60 -6.02 8.85 5.91
CA ASN A 60 -6.27 10.21 5.45
C ASN A 60 -6.28 10.28 3.92
N GLY A 61 -7.47 10.20 3.34
CA GLY A 61 -7.60 10.25 1.90
C GLY A 61 -7.37 8.90 1.25
N LYS A 62 -6.43 8.84 0.32
CA LYS A 62 -6.12 7.60 -0.38
C LYS A 62 -5.11 6.77 0.41
N GLU A 63 -4.05 7.41 0.88
CA GLU A 63 -3.02 6.74 1.66
C GLU A 63 -3.26 6.92 3.15
N CYS A 64 -2.47 6.21 3.96
CA CYS A 64 -2.59 6.29 5.42
C CYS A 64 -1.29 6.78 6.04
N MET A 65 -1.41 7.66 7.03
CA MET A 65 -0.25 8.21 7.72
C MET A 65 -0.10 7.59 9.11
N CYS A 66 1.14 7.56 9.61
CA CYS A 66 1.41 7.00 10.92
C CYS A 66 0.87 7.91 12.02
N GLN A 67 1.13 7.53 13.27
CA GLN A 67 0.65 8.30 14.41
C GLN A 67 1.44 9.60 14.54
N LYS A 68 2.77 9.50 14.52
CA LYS A 68 3.63 10.66 14.64
C LYS A 68 3.21 11.75 13.65
N CYS A 69 3.43 11.49 12.36
CA CYS A 69 3.08 12.44 11.32
C CYS A 69 1.73 13.11 11.62
N SER A 70 0.77 12.30 12.08
CA SER A 70 -0.56 12.81 12.40
C SER A 70 -0.52 13.64 13.68
N LEU A 71 0.33 13.25 14.62
CA LEU A 71 0.46 13.95 15.89
C LEU A 71 1.33 15.20 15.73
N PRO A 72 1.06 16.22 16.57
CA PRO A 72 1.80 17.48 16.54
C PRO A 72 3.23 17.32 17.04
N VAL A 73 4.20 17.53 16.15
CA VAL A 73 5.61 17.41 16.50
C VAL A 73 6.41 18.60 15.98
N SER A 74 7.52 18.90 16.65
CA SER A 74 8.37 20.02 16.25
C SER A 74 8.87 19.84 14.83
N VAL A 75 9.03 18.58 14.41
CA VAL A 75 9.50 18.27 13.07
C VAL A 75 10.35 19.41 12.51
N SER A 76 11.36 19.83 13.26
CA SER A 76 12.24 20.90 12.84
C SER A 76 13.45 20.36 12.09
N GLY A 77 13.84 21.05 11.02
CA GLY A 77 14.98 20.62 10.24
C GLY A 77 15.29 21.57 9.09
N PRO A 78 16.30 22.44 9.29
CA PRO A 78 16.71 23.41 8.27
C PRO A 78 17.37 22.75 7.07
N SER A 79 17.54 23.51 6.00
CA SER A 79 18.16 23.00 4.78
C SER A 79 19.67 23.16 4.84
N SER A 80 20.25 22.89 6.01
CA SER A 80 21.70 23.01 6.20
C SER A 80 22.16 24.44 5.93
N GLY A 81 21.41 25.40 6.44
CA GLY A 81 21.76 26.79 6.25
C GLY A 81 20.62 27.61 5.71
N GLY A 1 -8.32 -3.11 -35.92
CA GLY A 1 -7.32 -4.14 -36.08
C GLY A 1 -7.64 -5.40 -35.29
N SER A 2 -7.51 -6.55 -35.94
CA SER A 2 -7.81 -7.83 -35.29
C SER A 2 -6.54 -8.46 -34.74
N SER A 3 -6.43 -8.49 -33.41
CA SER A 3 -5.26 -9.06 -32.75
C SER A 3 -5.45 -10.55 -32.50
N GLY A 4 -4.39 -11.33 -32.72
CA GLY A 4 -4.47 -12.77 -32.51
C GLY A 4 -3.99 -13.17 -31.13
N SER A 5 -4.89 -13.75 -30.34
CA SER A 5 -4.56 -14.18 -28.99
C SER A 5 -4.45 -15.69 -28.91
N SER A 6 -3.45 -16.18 -28.18
CA SER A 6 -3.23 -17.61 -28.03
C SER A 6 -4.15 -18.19 -26.96
N GLY A 7 -4.23 -17.52 -25.82
CA GLY A 7 -5.07 -17.98 -24.74
C GLY A 7 -4.57 -17.53 -23.38
N LEU A 8 -5.04 -16.38 -22.93
CA LEU A 8 -4.63 -15.84 -21.63
C LEU A 8 -5.76 -15.96 -20.61
N ASP A 9 -6.06 -17.19 -20.21
CA ASP A 9 -7.11 -17.44 -19.23
C ASP A 9 -6.52 -17.63 -17.83
N TYR A 10 -5.51 -18.48 -17.73
CA TYR A 10 -4.88 -18.75 -16.45
C TYR A 10 -4.85 -17.51 -15.58
N GLN A 11 -4.70 -16.35 -16.22
CA GLN A 11 -4.65 -15.08 -15.50
C GLN A 11 -6.07 -14.55 -15.26
N ARG A 12 -6.91 -14.64 -16.28
CA ARG A 12 -8.29 -14.17 -16.18
C ARG A 12 -8.84 -14.38 -14.77
N LEU A 13 -8.38 -15.43 -14.12
CA LEU A 13 -8.82 -15.74 -12.76
C LEU A 13 -8.91 -14.48 -11.91
N TYR A 14 -9.58 -14.59 -10.78
CA TYR A 14 -9.74 -13.46 -9.87
C TYR A 14 -8.50 -12.56 -9.90
N GLY A 15 -7.35 -13.15 -9.59
CA GLY A 15 -6.10 -12.39 -9.59
C GLY A 15 -6.13 -11.26 -8.59
N THR A 16 -5.02 -11.08 -7.88
CA THR A 16 -4.92 -10.02 -6.88
C THR A 16 -3.92 -8.95 -7.33
N ARG A 17 -4.44 -7.76 -7.65
CA ARG A 17 -3.60 -6.66 -8.08
C ARG A 17 -3.56 -5.55 -7.03
N CYS A 18 -2.38 -5.31 -6.46
CA CYS A 18 -2.21 -4.29 -5.44
C CYS A 18 -2.91 -3.00 -5.85
N PHE A 19 -3.68 -2.44 -4.92
CA PHE A 19 -4.41 -1.20 -5.18
C PHE A 19 -3.53 0.01 -4.95
N SER A 20 -2.22 -0.19 -5.04
CA SER A 20 -1.26 0.89 -4.84
C SER A 20 -0.42 1.11 -6.09
N CYS A 21 0.39 0.11 -6.44
CA CYS A 21 1.24 0.20 -7.63
C CYS A 21 0.59 -0.51 -8.81
N ASP A 22 -0.61 -1.02 -8.61
CA ASP A 22 -1.34 -1.72 -9.65
C ASP A 22 -0.52 -2.89 -10.20
N GLN A 23 -0.02 -3.73 -9.29
CA GLN A 23 0.79 -4.88 -9.67
C GLN A 23 0.30 -6.14 -8.95
N PHE A 24 0.35 -7.27 -9.65
CA PHE A 24 -0.08 -8.53 -9.07
C PHE A 24 0.74 -8.87 -7.82
N ILE A 25 0.04 -9.27 -6.77
CA ILE A 25 0.70 -9.62 -5.51
C ILE A 25 0.95 -11.12 -5.42
N GLU A 26 2.20 -11.52 -5.64
CA GLU A 26 2.58 -12.92 -5.59
C GLU A 26 2.98 -13.32 -4.17
N GLY A 27 2.84 -14.61 -3.86
CA GLY A 27 3.20 -15.10 -2.55
C GLY A 27 2.10 -14.85 -1.52
N GLU A 28 2.15 -13.69 -0.90
CA GLU A 28 1.15 -13.33 0.11
C GLU A 28 0.62 -11.91 -0.12
N VAL A 29 -0.62 -11.67 0.28
CA VAL A 29 -1.24 -10.37 0.12
C VAL A 29 -1.87 -9.89 1.42
N VAL A 30 -1.92 -8.58 1.61
CA VAL A 30 -2.51 -7.99 2.81
C VAL A 30 -3.84 -7.32 2.51
N SER A 31 -4.92 -7.96 2.95
CA SER A 31 -6.26 -7.43 2.72
C SER A 31 -6.55 -6.26 3.66
N ALA A 32 -6.74 -5.07 3.09
CA ALA A 32 -7.02 -3.88 3.87
C ALA A 32 -8.41 -3.33 3.54
N LEU A 33 -9.31 -3.40 4.52
CA LEU A 33 -10.67 -2.90 4.34
C LEU A 33 -11.33 -3.56 3.14
N GLY A 34 -10.95 -4.80 2.86
CA GLY A 34 -11.52 -5.53 1.75
C GLY A 34 -10.65 -5.45 0.51
N LYS A 35 -9.82 -4.41 0.43
CA LYS A 35 -8.93 -4.24 -0.71
C LYS A 35 -7.63 -5.01 -0.52
N THR A 36 -6.79 -5.00 -1.55
CA THR A 36 -5.51 -5.70 -1.49
C THR A 36 -4.34 -4.72 -1.63
N TYR A 37 -3.32 -4.92 -0.81
CA TYR A 37 -2.14 -4.06 -0.85
C TYR A 37 -0.87 -4.86 -0.60
N HIS A 38 0.26 -4.33 -1.06
CA HIS A 38 1.55 -5.00 -0.90
C HIS A 38 2.07 -4.80 0.53
N PRO A 39 3.00 -5.68 0.95
CA PRO A 39 3.59 -5.62 2.28
C PRO A 39 4.51 -4.42 2.46
N ASP A 40 4.66 -3.64 1.40
CA ASP A 40 5.51 -2.46 1.43
C ASP A 40 4.76 -1.22 0.92
N CYS A 41 3.54 -1.45 0.43
CA CYS A 41 2.72 -0.36 -0.10
C CYS A 41 1.73 0.13 0.95
N PHE A 42 1.46 -0.71 1.94
CA PHE A 42 0.53 -0.37 3.01
C PHE A 42 1.23 0.40 4.11
N VAL A 43 2.20 1.22 3.74
CA VAL A 43 2.95 2.02 4.70
C VAL A 43 2.44 3.46 4.74
N CYS A 44 3.04 4.27 5.60
CA CYS A 44 2.66 5.67 5.74
C CYS A 44 2.48 6.32 4.36
N ALA A 45 1.86 7.50 4.35
CA ALA A 45 1.62 8.22 3.10
C ALA A 45 2.64 9.35 2.93
N VAL A 46 3.08 9.91 4.04
CA VAL A 46 4.05 11.00 4.02
C VAL A 46 5.48 10.46 3.98
N CYS A 47 5.92 9.90 5.10
CA CYS A 47 7.27 9.35 5.21
C CYS A 47 7.36 8.00 4.50
N ARG A 48 6.21 7.38 4.27
CA ARG A 48 6.16 6.09 3.59
C ARG A 48 7.02 5.06 4.32
N LEU A 49 6.79 4.91 5.62
CA LEU A 49 7.54 3.96 6.44
C LEU A 49 6.62 2.91 7.04
N PRO A 50 7.14 1.69 7.21
CA PRO A 50 6.38 0.57 7.79
C PRO A 50 6.09 0.76 9.27
N PHE A 51 4.81 0.82 9.61
CA PHE A 51 4.40 1.01 11.00
C PHE A 51 4.97 -0.09 11.89
N PRO A 52 5.67 0.32 12.97
CA PRO A 52 6.28 -0.62 13.91
C PRO A 52 5.24 -1.37 14.75
N PRO A 53 5.69 -2.40 15.47
CA PRO A 53 4.82 -3.21 16.32
C PRO A 53 4.32 -2.45 17.53
N GLY A 54 3.03 -2.61 17.84
CA GLY A 54 2.45 -1.92 18.98
C GLY A 54 1.88 -0.57 18.62
N ASP A 55 2.54 0.13 17.72
CA ASP A 55 2.10 1.45 17.28
C ASP A 55 0.72 1.37 16.64
N ARG A 56 0.04 2.50 16.58
CA ARG A 56 -1.30 2.56 15.99
C ARG A 56 -1.26 3.22 14.61
N VAL A 57 -2.42 3.30 13.96
CA VAL A 57 -2.52 3.91 12.64
C VAL A 57 -3.67 4.90 12.58
N THR A 58 -3.40 6.07 12.01
CA THR A 58 -4.41 7.12 11.89
C THR A 58 -5.00 7.14 10.48
N PHE A 59 -6.32 7.01 10.40
CA PHE A 59 -7.01 7.02 9.12
C PHE A 59 -7.55 8.41 8.79
N ASN A 60 -6.96 9.05 7.80
CA ASN A 60 -7.38 10.38 7.38
C ASN A 60 -7.72 10.41 5.90
N GLY A 61 -9.01 10.31 5.59
CA GLY A 61 -9.46 10.33 4.21
C GLY A 61 -9.17 9.02 3.49
N LYS A 62 -8.19 9.04 2.60
CA LYS A 62 -7.81 7.85 1.84
C LYS A 62 -6.45 7.32 2.31
N GLU A 63 -5.48 8.22 2.41
CA GLU A 63 -4.14 7.84 2.84
C GLU A 63 -3.98 7.99 4.35
N CYS A 64 -3.27 7.04 4.96
CA CYS A 64 -3.05 7.07 6.40
C CYS A 64 -1.68 7.67 6.74
N MET A 65 -1.50 8.04 7.99
CA MET A 65 -0.25 8.63 8.44
C MET A 65 0.13 8.12 9.83
N CYS A 66 1.43 8.08 10.11
CA CYS A 66 1.92 7.60 11.40
C CYS A 66 1.83 8.70 12.45
N GLN A 67 1.61 8.30 13.69
CA GLN A 67 1.49 9.25 14.79
C GLN A 67 2.43 10.43 14.58
N LYS A 68 3.70 10.13 14.37
CA LYS A 68 4.70 11.18 14.16
C LYS A 68 4.22 12.19 13.13
N CYS A 69 3.94 11.72 11.92
CA CYS A 69 3.47 12.59 10.85
C CYS A 69 2.22 13.36 11.28
N SER A 70 1.28 12.64 11.89
CA SER A 70 0.04 13.24 12.34
C SER A 70 0.31 14.42 13.26
N LEU A 71 1.10 14.20 14.30
CA LEU A 71 1.45 15.24 15.25
C LEU A 71 1.75 16.55 14.53
N PRO A 72 1.56 17.67 15.24
CA PRO A 72 1.81 19.01 14.70
C PRO A 72 3.30 19.28 14.49
N VAL A 73 3.70 19.36 13.23
CA VAL A 73 5.10 19.61 12.89
C VAL A 73 5.36 21.10 12.72
N SER A 74 6.50 21.57 13.24
CA SER A 74 6.86 22.98 13.15
C SER A 74 6.86 23.44 11.70
N VAL A 75 7.45 22.64 10.82
CA VAL A 75 7.51 22.97 9.40
C VAL A 75 6.31 22.40 8.66
N SER A 76 5.92 23.07 7.57
CA SER A 76 4.80 22.62 6.77
C SER A 76 5.21 22.40 5.32
N GLY A 77 5.85 23.41 4.73
CA GLY A 77 6.30 23.30 3.35
C GLY A 77 6.29 24.64 2.63
N PRO A 78 7.00 24.71 1.49
CA PRO A 78 7.08 25.93 0.69
C PRO A 78 5.77 26.27 0.00
N SER A 79 5.17 25.27 -0.66
CA SER A 79 3.91 25.47 -1.36
C SER A 79 3.33 24.14 -1.81
N SER A 80 2.09 23.86 -1.37
CA SER A 80 1.43 22.61 -1.72
C SER A 80 0.51 22.81 -2.93
N GLY A 81 1.00 23.54 -3.93
CA GLY A 81 0.21 23.80 -5.11
C GLY A 81 -0.42 22.53 -5.67
N GLY A 1 6.40 -13.38 -37.80
CA GLY A 1 5.58 -14.55 -38.06
C GLY A 1 4.19 -14.42 -37.47
N SER A 2 4.11 -14.38 -36.15
CA SER A 2 2.82 -14.26 -35.46
C SER A 2 2.84 -13.12 -34.46
N SER A 3 2.52 -11.92 -34.93
CA SER A 3 2.50 -10.75 -34.07
C SER A 3 1.54 -10.94 -32.90
N GLY A 4 2.10 -10.99 -31.69
CA GLY A 4 1.28 -11.17 -30.50
C GLY A 4 1.41 -12.57 -29.91
N SER A 5 0.41 -12.97 -29.15
CA SER A 5 0.42 -14.29 -28.52
C SER A 5 -0.94 -14.61 -27.90
N SER A 6 -1.31 -15.89 -27.91
CA SER A 6 -2.58 -16.32 -27.34
C SER A 6 -2.39 -16.91 -25.95
N GLY A 7 -3.48 -17.05 -25.22
CA GLY A 7 -3.42 -17.60 -23.88
C GLY A 7 -3.72 -16.57 -22.81
N LEU A 8 -2.89 -16.54 -21.76
CA LEU A 8 -3.08 -15.60 -20.67
C LEU A 8 -4.49 -15.70 -20.09
N ASP A 9 -4.87 -16.91 -19.69
CA ASP A 9 -6.19 -17.15 -19.12
C ASP A 9 -6.08 -17.51 -17.64
N TYR A 10 -4.93 -18.01 -17.24
CA TYR A 10 -4.70 -18.40 -15.86
C TYR A 10 -4.95 -17.22 -14.91
N GLN A 11 -5.07 -16.03 -15.48
CA GLN A 11 -5.31 -14.82 -14.70
C GLN A 11 -6.77 -14.73 -14.28
N ARG A 12 -7.64 -15.41 -15.03
CA ARG A 12 -9.07 -15.41 -14.73
C ARG A 12 -9.31 -15.51 -13.23
N LEU A 13 -8.46 -16.26 -12.55
CA LEU A 13 -8.58 -16.45 -11.10
C LEU A 13 -8.87 -15.12 -10.41
N TYR A 14 -9.36 -15.20 -9.18
CA TYR A 14 -9.68 -14.01 -8.40
C TYR A 14 -8.77 -12.85 -8.80
N GLY A 15 -7.46 -13.03 -8.60
CA GLY A 15 -6.50 -11.99 -8.95
C GLY A 15 -6.43 -10.90 -7.89
N THR A 16 -5.22 -10.56 -7.47
CA THR A 16 -5.02 -9.54 -6.46
C THR A 16 -4.07 -8.45 -6.96
N ARG A 17 -4.63 -7.33 -7.38
CA ARG A 17 -3.84 -6.22 -7.88
C ARG A 17 -3.70 -5.12 -6.83
N CYS A 18 -2.47 -4.89 -6.38
CA CYS A 18 -2.21 -3.87 -5.37
C CYS A 18 -2.97 -2.58 -5.69
N PHE A 19 -3.80 -2.14 -4.75
CA PHE A 19 -4.57 -0.92 -4.93
C PHE A 19 -3.69 0.31 -4.74
N SER A 20 -2.40 0.09 -4.61
CA SER A 20 -1.45 1.18 -4.42
C SER A 20 -0.75 1.53 -5.74
N CYS A 21 0.14 0.64 -6.18
CA CYS A 21 0.87 0.85 -7.42
C CYS A 21 0.12 0.26 -8.61
N ASP A 22 -1.03 -0.37 -8.32
CA ASP A 22 -1.84 -0.98 -9.36
C ASP A 22 -1.08 -2.10 -10.07
N GLN A 23 -0.52 -3.01 -9.29
CA GLN A 23 0.25 -4.12 -9.85
C GLN A 23 -0.17 -5.43 -9.20
N PHE A 24 -0.20 -6.50 -10.00
CA PHE A 24 -0.58 -7.82 -9.50
C PHE A 24 0.38 -8.28 -8.41
N ILE A 25 -0.14 -8.41 -7.19
CA ILE A 25 0.67 -8.85 -6.05
C ILE A 25 0.94 -10.35 -6.12
N GLU A 26 2.22 -10.71 -6.23
CA GLU A 26 2.61 -12.11 -6.29
C GLU A 26 3.30 -12.55 -5.00
N GLY A 27 3.25 -13.84 -4.73
CA GLY A 27 3.86 -14.37 -3.52
C GLY A 27 2.97 -14.22 -2.30
N GLU A 28 2.72 -12.99 -1.89
CA GLU A 28 1.88 -12.72 -0.73
C GLU A 28 1.22 -11.35 -0.85
N VAL A 29 -0.02 -11.25 -0.36
CA VAL A 29 -0.75 -10.00 -0.42
C VAL A 29 -1.32 -9.63 0.96
N VAL A 30 -1.25 -8.35 1.31
CA VAL A 30 -1.75 -7.89 2.59
C VAL A 30 -3.18 -7.36 2.46
N SER A 31 -4.13 -8.15 2.95
CA SER A 31 -5.54 -7.77 2.89
C SER A 31 -5.89 -6.83 4.03
N ALA A 32 -6.33 -5.62 3.68
CA ALA A 32 -6.71 -4.63 4.67
C ALA A 32 -8.03 -3.96 4.30
N LEU A 33 -8.86 -3.69 5.31
CA LEU A 33 -10.15 -3.06 5.08
C LEU A 33 -10.77 -3.52 3.77
N GLY A 34 -10.78 -4.83 3.56
CA GLY A 34 -11.35 -5.38 2.34
C GLY A 34 -10.64 -4.89 1.09
N LYS A 35 -9.31 -4.82 1.16
CA LYS A 35 -8.52 -4.37 0.03
C LYS A 35 -7.26 -5.23 -0.15
N THR A 36 -6.43 -4.86 -1.10
CA THR A 36 -5.19 -5.60 -1.36
C THR A 36 -4.04 -4.66 -1.69
N TYR A 37 -2.98 -4.74 -0.90
CA TYR A 37 -1.81 -3.89 -1.10
C TYR A 37 -0.52 -4.68 -0.94
N HIS A 38 0.60 -4.07 -1.31
CA HIS A 38 1.90 -4.72 -1.20
C HIS A 38 2.46 -4.59 0.22
N PRO A 39 3.44 -5.44 0.56
CA PRO A 39 4.06 -5.43 1.87
C PRO A 39 4.94 -4.21 2.10
N ASP A 40 5.04 -3.37 1.07
CA ASP A 40 5.85 -2.16 1.15
C ASP A 40 5.04 -0.94 0.72
N CYS A 41 3.84 -1.18 0.22
CA CYS A 41 2.96 -0.11 -0.23
C CYS A 41 1.99 0.30 0.87
N PHE A 42 1.61 -0.66 1.71
CA PHE A 42 0.69 -0.40 2.80
C PHE A 42 1.40 0.29 3.97
N VAL A 43 2.19 1.30 3.64
CA VAL A 43 2.92 2.04 4.66
C VAL A 43 2.57 3.53 4.63
N CYS A 44 3.08 4.27 5.61
CA CYS A 44 2.81 5.71 5.69
C CYS A 44 2.90 6.36 4.32
N ALA A 45 2.37 7.56 4.21
CA ALA A 45 2.38 8.31 2.95
C ALA A 45 3.45 9.39 2.97
N VAL A 46 3.76 9.89 4.16
CA VAL A 46 4.76 10.94 4.32
C VAL A 46 6.17 10.35 4.38
N CYS A 47 6.47 9.65 5.46
CA CYS A 47 7.78 9.03 5.64
C CYS A 47 7.86 7.70 4.88
N ARG A 48 6.71 7.17 4.50
CA ARG A 48 6.65 5.91 3.77
C ARG A 48 7.32 4.79 4.56
N LEU A 49 7.06 4.75 5.87
CA LEU A 49 7.63 3.75 6.73
C LEU A 49 6.56 2.77 7.23
N PRO A 50 6.95 1.52 7.45
CA PRO A 50 6.04 0.47 7.92
C PRO A 50 5.61 0.69 9.38
N PHE A 51 4.32 0.93 9.58
CA PHE A 51 3.78 1.16 10.92
C PHE A 51 4.34 0.13 11.91
N PRO A 52 4.74 0.61 13.10
CA PRO A 52 5.28 -0.25 14.15
C PRO A 52 4.24 -1.17 14.75
N PRO A 53 4.71 -2.20 15.48
CA PRO A 53 3.83 -3.18 16.13
C PRO A 53 3.06 -2.58 17.29
N GLY A 54 1.80 -2.99 17.45
CA GLY A 54 0.98 -2.48 18.52
C GLY A 54 0.88 -0.96 18.52
N ASP A 55 0.63 -0.40 17.35
CA ASP A 55 0.51 1.05 17.20
C ASP A 55 -0.69 1.41 16.33
N ARG A 56 -1.50 2.35 16.82
CA ARG A 56 -2.69 2.78 16.08
C ARG A 56 -2.29 3.47 14.77
N VAL A 57 -3.16 3.37 13.78
CA VAL A 57 -2.90 3.98 12.47
C VAL A 57 -3.95 5.03 12.13
N THR A 58 -3.50 6.23 11.82
CA THR A 58 -4.40 7.33 11.48
C THR A 58 -4.57 7.45 9.97
N PHE A 59 -5.72 7.04 9.47
CA PHE A 59 -6.01 7.10 8.04
C PHE A 59 -6.78 8.37 7.70
N ASN A 60 -6.30 9.09 6.69
CA ASN A 60 -6.95 10.32 6.27
C ASN A 60 -7.47 10.21 4.83
N GLY A 61 -8.74 9.84 4.69
CA GLY A 61 -9.32 9.70 3.38
C GLY A 61 -8.90 8.41 2.69
N LYS A 62 -8.07 8.53 1.66
CA LYS A 62 -7.59 7.38 0.92
C LYS A 62 -6.22 6.94 1.42
N GLU A 63 -5.36 7.90 1.71
CA GLU A 63 -4.02 7.61 2.20
C GLU A 63 -4.00 7.57 3.73
N CYS A 64 -2.98 6.91 4.28
CA CYS A 64 -2.84 6.80 5.72
C CYS A 64 -1.46 7.25 6.18
N MET A 65 -1.36 7.72 7.42
CA MET A 65 -0.10 8.18 7.98
C MET A 65 0.15 7.56 9.34
N CYS A 66 1.41 7.52 9.74
CA CYS A 66 1.80 6.95 11.03
C CYS A 66 1.57 7.95 12.16
N GLN A 67 1.54 7.45 13.39
CA GLN A 67 1.33 8.29 14.55
C GLN A 67 2.38 9.41 14.62
N LYS A 68 3.63 9.06 14.30
CA LYS A 68 4.72 10.02 14.32
C LYS A 68 4.41 11.21 13.41
N CYS A 69 3.86 10.93 12.24
CA CYS A 69 3.51 11.97 11.28
C CYS A 69 2.24 12.70 11.70
N SER A 70 1.20 11.93 12.01
CA SER A 70 -0.07 12.50 12.42
C SER A 70 0.14 13.67 13.37
N LEU A 71 0.93 13.46 14.42
CA LEU A 71 1.21 14.49 15.39
C LEU A 71 2.41 15.34 14.96
N PRO A 72 2.53 16.54 15.55
CA PRO A 72 3.62 17.47 15.24
C PRO A 72 4.96 16.98 15.76
N VAL A 73 6.04 17.33 15.06
CA VAL A 73 7.38 16.92 15.46
C VAL A 73 8.08 18.04 16.22
N SER A 74 7.29 18.89 16.88
CA SER A 74 7.84 19.99 17.65
C SER A 74 8.96 20.69 16.88
N VAL A 75 8.91 20.60 15.56
CA VAL A 75 9.92 21.22 14.71
C VAL A 75 9.26 22.04 13.59
N SER A 76 9.01 23.32 13.88
CA SER A 76 8.40 24.21 12.91
C SER A 76 7.37 23.46 12.06
N GLY A 77 6.57 22.62 12.72
CA GLY A 77 5.56 21.86 12.01
C GLY A 77 6.16 20.86 11.04
N PRO A 78 5.62 19.63 11.02
CA PRO A 78 6.09 18.57 10.13
C PRO A 78 5.75 18.83 8.67
N SER A 79 4.50 19.22 8.42
CA SER A 79 4.03 19.50 7.07
C SER A 79 4.09 21.00 6.78
N SER A 80 5.30 21.53 6.68
CA SER A 80 5.49 22.96 6.41
C SER A 80 5.84 23.19 4.94
N GLY A 81 6.92 22.54 4.49
CA GLY A 81 7.34 22.70 3.11
C GLY A 81 8.44 23.73 2.95
N GLY A 1 9.98 -24.51 -23.73
CA GLY A 1 10.36 -24.46 -25.13
C GLY A 1 10.20 -23.06 -25.72
N SER A 2 9.74 -23.01 -26.96
CA SER A 2 9.54 -21.73 -27.64
C SER A 2 8.32 -21.00 -27.10
N SER A 3 8.54 -20.10 -26.14
CA SER A 3 7.46 -19.35 -25.54
C SER A 3 6.78 -18.44 -26.56
N GLY A 4 5.66 -17.83 -26.17
CA GLY A 4 4.94 -16.96 -27.07
C GLY A 4 4.40 -15.73 -26.37
N SER A 5 3.71 -14.88 -27.12
CA SER A 5 3.14 -13.65 -26.56
C SER A 5 1.62 -13.71 -26.56
N SER A 6 1.08 -14.88 -26.25
CA SER A 6 -0.37 -15.07 -26.23
C SER A 6 -0.75 -16.28 -25.37
N GLY A 7 -2.00 -16.32 -24.94
CA GLY A 7 -2.47 -17.43 -24.12
C GLY A 7 -2.43 -17.09 -22.64
N LEU A 8 -3.27 -16.15 -22.22
CA LEU A 8 -3.32 -15.74 -20.82
C LEU A 8 -4.72 -15.94 -20.26
N ASP A 9 -5.03 -17.18 -19.88
CA ASP A 9 -6.33 -17.51 -19.32
C ASP A 9 -6.28 -17.55 -17.80
N TYR A 10 -5.41 -18.41 -17.26
CA TYR A 10 -5.26 -18.54 -15.82
C TYR A 10 -5.50 -17.21 -15.12
N GLN A 11 -4.78 -16.18 -15.55
CA GLN A 11 -4.93 -14.86 -14.97
C GLN A 11 -6.39 -14.56 -14.63
N ARG A 12 -7.28 -14.85 -15.57
CA ARG A 12 -8.70 -14.61 -15.37
C ARG A 12 -9.09 -14.77 -13.91
N LEU A 13 -8.47 -15.75 -13.25
CA LEU A 13 -8.75 -16.00 -11.84
C LEU A 13 -8.90 -14.70 -11.07
N TYR A 14 -9.53 -14.77 -9.90
CA TYR A 14 -9.75 -13.60 -9.06
C TYR A 14 -8.58 -12.62 -9.19
N GLY A 15 -7.37 -13.11 -8.92
CA GLY A 15 -6.19 -12.27 -9.01
C GLY A 15 -6.23 -11.11 -8.03
N THR A 16 -5.10 -10.87 -7.37
CA THR A 16 -5.00 -9.79 -6.40
C THR A 16 -4.07 -8.69 -6.89
N ARG A 17 -4.65 -7.54 -7.24
CA ARG A 17 -3.86 -6.41 -7.72
C ARG A 17 -3.74 -5.34 -6.65
N CYS A 18 -2.51 -5.10 -6.21
CA CYS A 18 -2.26 -4.09 -5.18
C CYS A 18 -3.05 -2.82 -5.45
N PHE A 19 -3.80 -2.37 -4.45
CA PHE A 19 -4.61 -1.16 -4.58
C PHE A 19 -3.74 0.09 -4.44
N SER A 20 -2.43 -0.10 -4.44
CA SER A 20 -1.49 1.00 -4.31
C SER A 20 -0.83 1.32 -5.64
N CYS A 21 -0.01 0.39 -6.12
CA CYS A 21 0.68 0.57 -7.39
C CYS A 21 -0.05 -0.13 -8.52
N ASP A 22 -1.22 -0.69 -8.21
CA ASP A 22 -2.02 -1.39 -9.20
C ASP A 22 -1.23 -2.53 -9.83
N GLN A 23 -0.43 -3.22 -9.03
CA GLN A 23 0.37 -4.33 -9.51
C GLN A 23 -0.02 -5.63 -8.82
N PHE A 24 -0.04 -6.71 -9.58
CA PHE A 24 -0.40 -8.02 -9.04
C PHE A 24 0.53 -8.41 -7.90
N ILE A 25 -0.05 -8.72 -6.75
CA ILE A 25 0.72 -9.11 -5.57
C ILE A 25 1.01 -10.61 -5.58
N GLU A 26 2.26 -10.96 -5.87
CA GLU A 26 2.66 -12.36 -5.90
C GLU A 26 3.36 -12.76 -4.60
N GLY A 27 3.17 -14.01 -4.20
CA GLY A 27 3.79 -14.50 -2.97
C GLY A 27 2.89 -14.33 -1.76
N GLU A 28 2.68 -13.08 -1.35
CA GLU A 28 1.84 -12.80 -0.19
C GLU A 28 1.13 -11.46 -0.37
N VAL A 29 -0.04 -11.33 0.27
CA VAL A 29 -0.82 -10.11 0.19
C VAL A 29 -1.32 -9.68 1.56
N VAL A 30 -1.43 -8.37 1.78
CA VAL A 30 -1.91 -7.85 3.05
C VAL A 30 -3.32 -7.29 2.92
N SER A 31 -4.30 -8.07 3.34
CA SER A 31 -5.70 -7.66 3.27
C SER A 31 -5.98 -6.54 4.26
N ALA A 32 -6.17 -5.33 3.75
CA ALA A 32 -6.45 -4.18 4.60
C ALA A 32 -7.89 -3.72 4.43
N LEU A 33 -8.71 -3.96 5.45
CA LEU A 33 -10.11 -3.56 5.42
C LEU A 33 -10.83 -4.20 4.24
N GLY A 34 -10.31 -5.34 3.78
CA GLY A 34 -10.92 -6.03 2.66
C GLY A 34 -10.13 -5.84 1.37
N LYS A 35 -9.43 -4.72 1.26
CA LYS A 35 -8.63 -4.43 0.08
C LYS A 35 -7.29 -5.15 0.13
N THR A 36 -6.58 -5.14 -0.99
CA THR A 36 -5.29 -5.79 -1.07
C THR A 36 -4.17 -4.79 -1.36
N TYR A 37 -3.07 -4.89 -0.63
CA TYR A 37 -1.95 -3.99 -0.81
C TYR A 37 -0.62 -4.74 -0.64
N HIS A 38 0.46 -4.07 -1.00
CA HIS A 38 1.80 -4.66 -0.89
C HIS A 38 2.37 -4.45 0.51
N PRO A 39 3.36 -5.28 0.89
CA PRO A 39 4.01 -5.20 2.20
C PRO A 39 4.88 -3.96 2.33
N ASP A 40 4.98 -3.20 1.25
CA ASP A 40 5.80 -1.98 1.25
C ASP A 40 4.97 -0.77 0.81
N CYS A 41 3.79 -1.05 0.26
CA CYS A 41 2.90 0.01 -0.21
C CYS A 41 1.96 0.46 0.90
N PHE A 42 1.68 -0.45 1.83
CA PHE A 42 0.78 -0.15 2.95
C PHE A 42 1.53 0.62 4.04
N VAL A 43 2.34 1.59 3.63
CA VAL A 43 3.11 2.39 4.57
C VAL A 43 2.67 3.85 4.54
N CYS A 44 3.17 4.63 5.48
CA CYS A 44 2.83 6.06 5.56
C CYS A 44 2.85 6.69 4.18
N ALA A 45 2.24 7.87 4.07
CA ALA A 45 2.18 8.59 2.80
C ALA A 45 3.18 9.73 2.77
N VAL A 46 3.60 10.17 3.95
CA VAL A 46 4.57 11.26 4.06
C VAL A 46 5.99 10.73 4.14
N CYS A 47 6.33 10.13 5.26
CA CYS A 47 7.67 9.57 5.47
C CYS A 47 7.81 8.22 4.77
N ARG A 48 6.67 7.59 4.48
CA ARG A 48 6.67 6.30 3.81
C ARG A 48 7.38 5.25 4.66
N LEU A 49 7.06 5.23 5.95
CA LEU A 49 7.67 4.27 6.88
C LEU A 49 6.66 3.21 7.29
N PRO A 50 7.12 1.95 7.34
CA PRO A 50 6.27 0.81 7.72
C PRO A 50 5.90 0.84 9.20
N PHE A 51 4.62 0.73 9.49
CA PHE A 51 4.13 0.73 10.86
C PHE A 51 4.47 -0.57 11.57
N PRO A 52 4.87 -0.46 12.85
CA PRO A 52 5.24 -1.63 13.66
C PRO A 52 4.04 -2.49 14.00
N PRO A 53 4.31 -3.75 14.39
CA PRO A 53 3.26 -4.70 14.76
C PRO A 53 2.58 -4.34 16.08
N GLY A 54 1.39 -3.76 15.99
CA GLY A 54 0.65 -3.38 17.18
C GLY A 54 0.65 -1.88 17.39
N ASP A 55 0.33 -1.13 16.34
CA ASP A 55 0.29 0.32 16.42
C ASP A 55 -1.02 0.87 15.86
N ARG A 56 -1.44 2.02 16.38
CA ARG A 56 -2.68 2.65 15.92
C ARG A 56 -2.46 3.45 14.65
N VAL A 57 -2.95 2.94 13.52
CA VAL A 57 -2.80 3.60 12.24
C VAL A 57 -3.85 4.70 12.07
N THR A 58 -3.44 5.82 11.48
CA THR A 58 -4.34 6.94 11.26
C THR A 58 -4.87 6.94 9.82
N PHE A 59 -6.19 6.98 9.68
CA PHE A 59 -6.83 7.00 8.37
C PHE A 59 -7.29 8.40 8.00
N ASN A 60 -6.56 9.05 7.10
CA ASN A 60 -6.90 10.39 6.66
C ASN A 60 -7.11 10.44 5.15
N GLY A 61 -8.30 10.89 4.74
CA GLY A 61 -8.61 10.97 3.33
C GLY A 61 -8.60 9.61 2.65
N LYS A 62 -7.50 9.29 2.00
CA LYS A 62 -7.36 8.00 1.30
C LYS A 62 -6.12 7.26 1.76
N GLU A 63 -5.03 8.01 1.97
CA GLU A 63 -3.78 7.42 2.41
C GLU A 63 -3.69 7.39 3.93
N CYS A 64 -2.72 6.64 4.44
CA CYS A 64 -2.52 6.52 5.89
C CYS A 64 -1.27 7.26 6.32
N MET A 65 -1.25 7.70 7.58
CA MET A 65 -0.11 8.42 8.12
C MET A 65 0.30 7.85 9.48
N CYS A 66 1.57 8.01 9.83
CA CYS A 66 2.09 7.50 11.10
C CYS A 66 1.93 8.55 12.19
N GLN A 67 1.61 8.09 13.40
CA GLN A 67 1.42 8.99 14.53
C GLN A 67 2.40 10.16 14.46
N LYS A 68 3.65 9.87 14.12
CA LYS A 68 4.67 10.90 14.02
C LYS A 68 4.22 12.03 13.09
N CYS A 69 3.89 11.68 11.86
CA CYS A 69 3.43 12.67 10.88
C CYS A 69 2.08 13.23 11.27
N SER A 70 1.10 12.36 11.48
CA SER A 70 -0.24 12.77 11.86
C SER A 70 -0.19 13.86 12.92
N LEU A 71 0.52 13.60 14.00
CA LEU A 71 0.64 14.56 15.10
C LEU A 71 1.54 15.72 14.69
N PRO A 72 1.41 16.85 15.41
CA PRO A 72 2.20 18.05 15.14
C PRO A 72 3.67 17.88 15.51
N VAL A 73 4.54 18.55 14.78
CA VAL A 73 5.98 18.47 15.03
C VAL A 73 6.65 19.82 14.85
N SER A 74 7.75 20.03 15.56
CA SER A 74 8.49 21.29 15.48
C SER A 74 9.58 21.21 14.41
N VAL A 75 9.25 20.61 13.28
CA VAL A 75 10.21 20.47 12.19
C VAL A 75 9.51 20.58 10.82
N SER A 76 10.16 21.25 9.89
CA SER A 76 9.61 21.44 8.55
C SER A 76 10.08 20.35 7.62
N GLY A 77 9.37 19.22 7.60
CA GLY A 77 9.74 18.12 6.74
C GLY A 77 9.55 18.44 5.28
N PRO A 78 10.61 18.24 4.47
CA PRO A 78 10.58 18.50 3.03
C PRO A 78 9.70 17.51 2.28
N SER A 79 8.67 18.03 1.61
CA SER A 79 7.76 17.18 0.85
C SER A 79 7.96 17.38 -0.64
N SER A 80 7.64 16.35 -1.42
CA SER A 80 7.79 16.40 -2.87
C SER A 80 6.42 16.54 -3.55
N GLY A 81 6.25 17.61 -4.31
CA GLY A 81 5.00 17.84 -5.00
C GLY A 81 4.28 19.09 -4.51
N GLY A 1 -10.91 -26.83 -22.53
CA GLY A 1 -11.69 -27.51 -23.54
C GLY A 1 -11.73 -26.74 -24.85
N SER A 2 -12.79 -26.94 -25.62
CA SER A 2 -12.95 -26.26 -26.90
C SER A 2 -14.20 -25.38 -26.90
N SER A 3 -14.21 -24.38 -27.78
CA SER A 3 -15.34 -23.47 -27.87
C SER A 3 -15.66 -22.85 -26.51
N GLY A 4 -14.61 -22.52 -25.76
CA GLY A 4 -14.80 -21.93 -24.44
C GLY A 4 -13.51 -21.42 -23.84
N SER A 5 -12.47 -22.25 -23.91
CA SER A 5 -11.16 -21.88 -23.36
C SER A 5 -10.38 -21.01 -24.35
N SER A 6 -9.52 -20.16 -23.81
CA SER A 6 -8.72 -19.27 -24.64
C SER A 6 -7.35 -19.01 -24.01
N GLY A 7 -6.55 -18.18 -24.66
CA GLY A 7 -5.22 -17.87 -24.14
C GLY A 7 -5.26 -16.98 -22.93
N LEU A 8 -4.13 -16.84 -22.26
CA LEU A 8 -4.04 -16.01 -21.07
C LEU A 8 -5.33 -16.06 -20.26
N ASP A 9 -5.78 -17.27 -19.96
CA ASP A 9 -7.01 -17.45 -19.18
C ASP A 9 -6.69 -17.73 -17.73
N TYR A 10 -5.54 -18.35 -17.48
CA TYR A 10 -5.13 -18.67 -16.12
C TYR A 10 -5.34 -17.49 -15.19
N GLN A 11 -5.09 -16.28 -15.69
CA GLN A 11 -5.26 -15.07 -14.91
C GLN A 11 -6.69 -14.95 -14.39
N ARG A 12 -7.64 -15.41 -15.19
CA ARG A 12 -9.06 -15.35 -14.82
C ARG A 12 -9.22 -15.47 -13.30
N LEU A 13 -8.40 -16.31 -12.68
CA LEU A 13 -8.46 -16.51 -11.24
C LEU A 13 -8.69 -15.19 -10.52
N TYR A 14 -9.20 -15.26 -9.30
CA TYR A 14 -9.48 -14.07 -8.50
C TYR A 14 -8.44 -12.99 -8.77
N GLY A 15 -7.17 -13.33 -8.61
CA GLY A 15 -6.11 -12.37 -8.84
C GLY A 15 -6.14 -11.21 -7.87
N THR A 16 -5.03 -10.96 -7.19
CA THR A 16 -4.92 -9.88 -6.23
C THR A 16 -4.07 -8.73 -6.76
N ARG A 17 -4.72 -7.63 -7.07
CA ARG A 17 -4.02 -6.45 -7.60
C ARG A 17 -3.90 -5.36 -6.53
N CYS A 18 -2.69 -4.90 -6.30
CA CYS A 18 -2.44 -3.85 -5.31
C CYS A 18 -3.31 -2.64 -5.57
N PHE A 19 -4.02 -2.17 -4.55
CA PHE A 19 -4.88 -1.01 -4.68
C PHE A 19 -4.11 0.28 -4.46
N SER A 20 -2.78 0.18 -4.48
CA SER A 20 -1.92 1.33 -4.28
C SER A 20 -1.19 1.70 -5.57
N CYS A 21 -0.32 0.81 -6.03
CA CYS A 21 0.43 1.04 -7.26
C CYS A 21 -0.27 0.42 -8.46
N ASP A 22 -1.37 -0.28 -8.19
CA ASP A 22 -2.14 -0.92 -9.25
C ASP A 22 -1.32 -2.00 -9.95
N GLN A 23 -0.69 -2.86 -9.15
CA GLN A 23 0.13 -3.93 -9.69
C GLN A 23 -0.18 -5.26 -8.99
N PHE A 24 -0.21 -6.34 -9.77
CA PHE A 24 -0.50 -7.66 -9.22
C PHE A 24 0.48 -8.02 -8.11
N ILE A 25 -0.07 -8.38 -6.95
CA ILE A 25 0.76 -8.75 -5.81
C ILE A 25 1.10 -10.24 -5.83
N GLU A 26 2.37 -10.55 -5.99
CA GLU A 26 2.83 -11.92 -6.03
C GLU A 26 3.48 -12.32 -4.71
N GLY A 27 3.45 -13.62 -4.41
CA GLY A 27 4.05 -14.10 -3.17
C GLY A 27 3.13 -13.92 -1.98
N GLU A 28 3.18 -12.74 -1.37
CA GLU A 28 2.35 -12.45 -0.21
C GLU A 28 1.59 -11.14 -0.41
N VAL A 29 0.34 -11.12 0.03
CA VAL A 29 -0.50 -9.93 -0.10
C VAL A 29 -1.11 -9.54 1.25
N VAL A 30 -1.12 -8.25 1.54
CA VAL A 30 -1.67 -7.75 2.79
C VAL A 30 -3.10 -7.25 2.60
N SER A 31 -4.06 -8.00 3.15
CA SER A 31 -5.47 -7.65 3.04
C SER A 31 -5.86 -6.63 4.10
N ALA A 32 -6.27 -5.44 3.65
CA ALA A 32 -6.67 -4.38 4.56
C ALA A 32 -8.10 -3.93 4.29
N LEU A 33 -8.98 -4.10 5.27
CA LEU A 33 -10.37 -3.72 5.13
C LEU A 33 -10.99 -4.33 3.88
N GLY A 34 -10.53 -5.54 3.53
CA GLY A 34 -11.05 -6.21 2.35
C GLY A 34 -10.23 -5.92 1.11
N LYS A 35 -9.47 -4.84 1.15
CA LYS A 35 -8.63 -4.45 0.02
C LYS A 35 -7.29 -5.16 0.06
N THR A 36 -6.53 -5.08 -1.04
CA THR A 36 -5.22 -5.72 -1.12
C THR A 36 -4.14 -4.70 -1.46
N TYR A 37 -3.04 -4.75 -0.73
CA TYR A 37 -1.93 -3.84 -0.95
C TYR A 37 -0.59 -4.56 -0.82
N HIS A 38 0.49 -3.87 -1.19
CA HIS A 38 1.82 -4.46 -1.11
C HIS A 38 2.40 -4.29 0.29
N PRO A 39 3.43 -5.08 0.61
CA PRO A 39 4.09 -5.05 1.92
C PRO A 39 4.89 -3.77 2.13
N ASP A 40 4.94 -2.94 1.09
CA ASP A 40 5.68 -1.68 1.16
C ASP A 40 4.77 -0.50 0.80
N CYS A 41 3.67 -0.80 0.13
CA CYS A 41 2.72 0.23 -0.28
C CYS A 41 1.80 0.62 0.88
N PHE A 42 1.58 -0.32 1.79
CA PHE A 42 0.71 -0.09 2.94
C PHE A 42 1.48 0.63 4.04
N VAL A 43 2.32 1.59 3.66
CA VAL A 43 3.10 2.35 4.61
C VAL A 43 2.69 3.82 4.62
N CYS A 44 3.20 4.57 5.59
CA CYS A 44 2.88 5.99 5.71
C CYS A 44 2.90 6.67 4.34
N ALA A 45 2.35 7.87 4.27
CA ALA A 45 2.30 8.62 3.02
C ALA A 45 3.39 9.68 2.99
N VAL A 46 3.84 10.11 4.16
CA VAL A 46 4.88 11.13 4.26
C VAL A 46 6.26 10.49 4.31
N CYS A 47 6.53 9.74 5.37
CA CYS A 47 7.82 9.08 5.54
C CYS A 47 7.78 7.66 4.98
N ARG A 48 6.57 7.17 4.73
CA ARG A 48 6.39 5.81 4.19
C ARG A 48 7.12 4.79 5.05
N LEU A 49 6.95 4.90 6.36
CA LEU A 49 7.60 3.98 7.30
C LEU A 49 6.68 2.82 7.65
N PRO A 50 7.21 1.60 7.62
CA PRO A 50 6.45 0.39 7.94
C PRO A 50 6.09 0.30 9.43
N PHE A 51 4.80 0.34 9.72
CA PHE A 51 4.33 0.27 11.10
C PHE A 51 4.30 -1.17 11.59
N PRO A 52 4.57 -1.36 12.89
CA PRO A 52 4.58 -2.68 13.52
C PRO A 52 3.19 -3.30 13.61
N PRO A 53 3.13 -4.58 13.99
CA PRO A 53 1.86 -5.31 14.12
C PRO A 53 1.04 -4.82 15.32
N GLY A 54 1.52 -3.77 15.97
CA GLY A 54 0.82 -3.23 17.11
C GLY A 54 1.05 -1.73 17.28
N ASP A 55 0.26 -0.94 16.57
CA ASP A 55 0.38 0.52 16.64
C ASP A 55 -0.96 1.19 16.33
N ARG A 56 -0.94 2.52 16.26
CA ARG A 56 -2.15 3.28 15.97
C ARG A 56 -1.96 4.13 14.71
N VAL A 57 -2.75 3.84 13.69
CA VAL A 57 -2.68 4.59 12.43
C VAL A 57 -3.87 5.51 12.27
N THR A 58 -3.63 6.69 11.72
CA THR A 58 -4.67 7.67 11.51
C THR A 58 -5.18 7.64 10.07
N PHE A 59 -6.40 7.16 9.88
CA PHE A 59 -7.00 7.08 8.55
C PHE A 59 -7.25 8.47 7.98
N ASN A 60 -6.43 8.88 7.02
CA ASN A 60 -6.57 10.19 6.40
C ASN A 60 -6.72 10.05 4.88
N GLY A 61 -7.87 10.46 4.36
CA GLY A 61 -8.11 10.38 2.94
C GLY A 61 -8.11 8.95 2.43
N LYS A 62 -7.21 8.66 1.50
CA LYS A 62 -7.11 7.32 0.92
C LYS A 62 -5.95 6.55 1.56
N GLU A 63 -4.82 7.22 1.76
CA GLU A 63 -3.65 6.60 2.35
C GLU A 63 -3.63 6.82 3.87
N CYS A 64 -2.70 6.15 4.54
CA CYS A 64 -2.57 6.27 5.99
C CYS A 64 -1.30 7.03 6.36
N MET A 65 -1.24 7.50 7.60
CA MET A 65 -0.09 8.25 8.08
C MET A 65 0.23 7.88 9.53
N CYS A 66 1.52 7.88 9.86
CA CYS A 66 1.96 7.55 11.21
C CYS A 66 1.61 8.67 12.19
N GLN A 67 1.84 8.41 13.48
CA GLN A 67 1.56 9.41 14.51
C GLN A 67 2.54 10.57 14.44
N LYS A 68 3.83 10.25 14.39
CA LYS A 68 4.86 11.27 14.31
C LYS A 68 4.52 12.33 13.27
N CYS A 69 4.04 11.88 12.12
CA CYS A 69 3.67 12.78 11.04
C CYS A 69 2.33 13.48 11.34
N SER A 70 1.29 12.68 11.53
CA SER A 70 -0.03 13.20 11.83
C SER A 70 0.05 14.42 12.74
N LEU A 71 0.68 14.24 13.89
CA LEU A 71 0.84 15.33 14.86
C LEU A 71 1.54 16.52 14.23
N PRO A 72 1.43 17.69 14.88
CA PRO A 72 2.05 18.93 14.39
C PRO A 72 3.57 18.90 14.52
N VAL A 73 4.25 19.35 13.47
CA VAL A 73 5.71 19.38 13.46
C VAL A 73 6.23 20.79 13.71
N SER A 74 7.23 20.89 14.59
CA SER A 74 7.82 22.18 14.94
C SER A 74 8.27 22.91 13.68
N VAL A 75 9.02 22.22 12.83
CA VAL A 75 9.52 22.81 11.59
C VAL A 75 8.51 22.63 10.45
N SER A 76 8.38 23.66 9.63
CA SER A 76 7.44 23.63 8.51
C SER A 76 7.74 24.76 7.51
N GLY A 77 8.00 24.38 6.26
CA GLY A 77 8.30 25.37 5.25
C GLY A 77 7.05 26.09 4.76
N PRO A 78 7.04 26.46 3.47
CA PRO A 78 5.91 27.16 2.85
C PRO A 78 4.69 26.27 2.71
N SER A 79 3.51 26.88 2.67
CA SER A 79 2.25 26.15 2.55
C SER A 79 2.25 25.34 1.26
N SER A 80 2.06 24.03 1.38
CA SER A 80 2.03 23.13 0.23
C SER A 80 1.26 23.77 -0.92
N GLY A 81 1.96 23.99 -2.03
CA GLY A 81 1.32 24.59 -3.20
C GLY A 81 1.08 23.59 -4.31
N GLY A 1 -4.52 -26.62 -38.14
CA GLY A 1 -5.05 -25.27 -38.09
C GLY A 1 -4.38 -24.43 -37.01
N SER A 2 -3.97 -23.22 -37.39
CA SER A 2 -3.31 -22.32 -36.45
C SER A 2 -4.33 -21.46 -35.70
N SER A 3 -4.19 -21.39 -34.38
CA SER A 3 -5.10 -20.61 -33.56
C SER A 3 -4.59 -20.51 -32.12
N GLY A 4 -5.01 -19.47 -31.42
CA GLY A 4 -4.59 -19.28 -30.04
C GLY A 4 -5.32 -20.17 -29.08
N SER A 5 -4.97 -21.46 -29.09
CA SER A 5 -5.62 -22.43 -28.21
C SER A 5 -5.59 -21.95 -26.76
N SER A 6 -4.39 -21.64 -26.27
CA SER A 6 -4.23 -21.16 -24.89
C SER A 6 -2.99 -20.29 -24.76
N GLY A 7 -3.10 -19.21 -24.00
CA GLY A 7 -1.98 -18.32 -23.81
C GLY A 7 -2.11 -17.48 -22.54
N LEU A 8 -1.56 -17.98 -21.45
CA LEU A 8 -1.62 -17.28 -20.17
C LEU A 8 -3.07 -16.94 -19.81
N ASP A 9 -3.94 -17.94 -19.88
CA ASP A 9 -5.35 -17.75 -19.56
C ASP A 9 -5.59 -17.89 -18.05
N TYR A 10 -4.86 -18.82 -17.43
CA TYR A 10 -4.99 -19.05 -16.00
C TYR A 10 -5.08 -17.73 -15.24
N GLN A 11 -4.31 -16.74 -15.68
CA GLN A 11 -4.30 -15.43 -15.04
C GLN A 11 -5.73 -14.91 -14.85
N ARG A 12 -6.58 -15.14 -15.84
CA ARG A 12 -7.96 -14.70 -15.79
C ARG A 12 -8.49 -14.76 -14.35
N LEU A 13 -8.06 -15.77 -13.61
CA LEU A 13 -8.49 -15.95 -12.22
C LEU A 13 -8.62 -14.58 -11.53
N TYR A 14 -9.44 -14.55 -10.48
CA TYR A 14 -9.65 -13.32 -9.72
C TYR A 14 -8.37 -12.49 -9.66
N GLY A 15 -7.29 -13.10 -9.20
CA GLY A 15 -6.02 -12.41 -9.11
C GLY A 15 -6.09 -11.20 -8.20
N THR A 16 -5.22 -11.16 -7.20
CA THR A 16 -5.18 -10.05 -6.25
C THR A 16 -4.26 -8.95 -6.73
N ARG A 17 -4.84 -7.81 -7.10
CA ARG A 17 -4.06 -6.67 -7.58
C ARG A 17 -4.05 -5.54 -6.55
N CYS A 18 -2.85 -5.20 -6.06
CA CYS A 18 -2.70 -4.14 -5.08
C CYS A 18 -3.57 -2.94 -5.42
N PHE A 19 -4.42 -2.53 -4.48
CA PHE A 19 -5.31 -1.39 -4.69
C PHE A 19 -4.55 -0.07 -4.57
N SER A 20 -3.23 -0.17 -4.47
CA SER A 20 -2.38 1.01 -4.34
C SER A 20 -1.76 1.39 -5.69
N CYS A 21 -0.81 0.57 -6.14
CA CYS A 21 -0.13 0.82 -7.41
C CYS A 21 -0.88 0.14 -8.55
N ASP A 22 -1.85 -0.70 -8.21
CA ASP A 22 -2.63 -1.41 -9.21
C ASP A 22 -1.79 -2.50 -9.88
N GLN A 23 -1.05 -3.24 -9.08
CA GLN A 23 -0.21 -4.32 -9.59
C GLN A 23 -0.45 -5.62 -8.83
N PHE A 24 -0.30 -6.74 -9.53
CA PHE A 24 -0.51 -8.05 -8.92
C PHE A 24 0.41 -8.24 -7.71
N ILE A 25 -0.18 -8.70 -6.61
CA ILE A 25 0.58 -8.92 -5.38
C ILE A 25 1.17 -10.33 -5.36
N GLU A 26 2.50 -10.41 -5.35
CA GLU A 26 3.18 -11.69 -5.32
C GLU A 26 3.57 -12.07 -3.90
N GLY A 27 3.86 -13.35 -3.68
CA GLY A 27 4.24 -13.83 -2.37
C GLY A 27 3.09 -13.76 -1.38
N GLU A 28 3.02 -12.65 -0.64
CA GLU A 28 1.96 -12.47 0.36
C GLU A 28 1.22 -11.15 0.12
N VAL A 29 -0.03 -11.10 0.58
CA VAL A 29 -0.85 -9.90 0.42
C VAL A 29 -1.16 -9.27 1.77
N VAL A 30 -1.42 -7.96 1.77
CA VAL A 30 -1.74 -7.24 2.99
C VAL A 30 -3.19 -6.79 3.00
N SER A 31 -4.04 -7.54 3.72
CA SER A 31 -5.45 -7.21 3.81
C SER A 31 -5.67 -5.94 4.62
N ALA A 32 -6.15 -4.90 3.95
CA ALA A 32 -6.41 -3.63 4.61
C ALA A 32 -7.77 -3.06 4.21
N LEU A 33 -8.66 -2.93 5.18
CA LEU A 33 -10.00 -2.40 4.93
C LEU A 33 -10.73 -3.26 3.90
N GLY A 34 -10.64 -4.58 4.07
CA GLY A 34 -11.31 -5.48 3.16
C GLY A 34 -10.78 -5.38 1.74
N LYS A 35 -9.51 -4.98 1.62
CA LYS A 35 -8.87 -4.84 0.32
C LYS A 35 -7.52 -5.53 0.29
N THR A 36 -6.79 -5.38 -0.81
CA THR A 36 -5.48 -5.98 -0.95
C THR A 36 -4.43 -4.94 -1.32
N TYR A 37 -3.35 -4.90 -0.55
CA TYR A 37 -2.27 -3.94 -0.79
C TYR A 37 -0.90 -4.60 -0.64
N HIS A 38 0.14 -3.91 -1.06
CA HIS A 38 1.50 -4.43 -0.98
C HIS A 38 2.06 -4.22 0.42
N PRO A 39 3.09 -5.01 0.78
CA PRO A 39 3.75 -4.93 2.08
C PRO A 39 4.56 -3.64 2.25
N ASP A 40 4.59 -2.83 1.19
CA ASP A 40 5.33 -1.57 1.22
C ASP A 40 4.41 -0.40 0.88
N CYS A 41 3.30 -0.70 0.22
CA CYS A 41 2.35 0.33 -0.18
C CYS A 41 1.45 0.72 1.00
N PHE A 42 1.17 -0.24 1.86
CA PHE A 42 0.33 0.01 3.04
C PHE A 42 1.14 0.66 4.15
N VAL A 43 1.98 1.62 3.78
CA VAL A 43 2.80 2.34 4.75
C VAL A 43 2.50 3.83 4.74
N CYS A 44 3.03 4.54 5.73
CA CYS A 44 2.82 5.98 5.84
C CYS A 44 2.91 6.65 4.46
N ALA A 45 2.39 7.87 4.37
CA ALA A 45 2.41 8.61 3.12
C ALA A 45 3.45 9.72 3.15
N VAL A 46 3.77 10.19 4.36
CA VAL A 46 4.75 11.25 4.53
C VAL A 46 6.18 10.69 4.52
N CYS A 47 6.50 9.91 5.54
CA CYS A 47 7.82 9.31 5.66
C CYS A 47 7.88 7.97 4.90
N ARG A 48 6.71 7.38 4.67
CA ARG A 48 6.64 6.11 3.95
C ARG A 48 7.34 5.01 4.74
N LEU A 49 7.07 4.96 6.05
CA LEU A 49 7.69 3.95 6.91
C LEU A 49 6.69 2.85 7.25
N PRO A 50 7.16 1.60 7.24
CA PRO A 50 6.32 0.43 7.54
C PRO A 50 5.93 0.38 9.01
N PHE A 51 4.63 0.37 9.27
CA PHE A 51 4.11 0.32 10.64
C PHE A 51 4.45 -1.02 11.29
N PRO A 52 4.76 -0.98 12.59
CA PRO A 52 5.10 -2.18 13.37
C PRO A 52 3.91 -3.10 13.58
N PRO A 53 4.17 -4.31 14.09
CA PRO A 53 3.12 -5.30 14.35
C PRO A 53 2.22 -4.90 15.51
N GLY A 54 2.45 -3.70 16.04
CA GLY A 54 1.64 -3.21 17.15
C GLY A 54 1.67 -1.70 17.27
N ASP A 55 0.73 -1.05 16.59
CA ASP A 55 0.65 0.41 16.63
C ASP A 55 -0.57 0.91 15.84
N ARG A 56 -1.34 1.80 16.46
CA ARG A 56 -2.52 2.35 15.82
C ARG A 56 -2.14 3.13 14.56
N VAL A 57 -2.96 2.98 13.52
CA VAL A 57 -2.71 3.67 12.25
C VAL A 57 -3.82 4.66 11.95
N THR A 58 -3.45 5.82 11.39
CA THR A 58 -4.41 6.85 11.05
C THR A 58 -4.70 6.87 9.55
N PHE A 59 -5.97 6.78 9.21
CA PHE A 59 -6.38 6.78 7.80
C PHE A 59 -6.87 8.17 7.38
N ASN A 60 -6.07 8.85 6.57
CA ASN A 60 -6.41 10.19 6.10
C ASN A 60 -6.66 10.18 4.59
N GLY A 61 -7.92 10.30 4.21
CA GLY A 61 -8.26 10.31 2.80
C GLY A 61 -8.17 8.93 2.16
N LYS A 62 -7.12 8.73 1.37
CA LYS A 62 -6.91 7.45 0.71
C LYS A 62 -5.69 6.73 1.28
N GLU A 63 -4.74 7.50 1.78
CA GLU A 63 -3.52 6.94 2.36
C GLU A 63 -3.53 7.09 3.88
N CYS A 64 -2.55 6.47 4.53
CA CYS A 64 -2.44 6.52 5.99
C CYS A 64 -1.22 7.33 6.41
N MET A 65 -1.17 7.70 7.68
CA MET A 65 -0.06 8.47 8.22
C MET A 65 0.24 8.09 9.66
N CYS A 66 1.51 7.82 9.95
CA CYS A 66 1.93 7.45 11.29
C CYS A 66 1.76 8.62 12.27
N GLN A 67 1.36 8.30 13.50
CA GLN A 67 1.17 9.33 14.52
C GLN A 67 2.30 10.35 14.49
N LYS A 68 3.53 9.86 14.40
CA LYS A 68 4.70 10.73 14.36
C LYS A 68 4.51 11.85 13.34
N CYS A 69 4.05 11.49 12.15
CA CYS A 69 3.81 12.46 11.09
C CYS A 69 2.52 13.23 11.33
N SER A 70 1.41 12.49 11.42
CA SER A 70 0.11 13.10 11.64
C SER A 70 0.20 14.25 12.65
N LEU A 71 0.78 13.95 13.81
CA LEU A 71 0.93 14.95 14.87
C LEU A 71 2.07 15.91 14.55
N PRO A 72 2.07 17.08 15.19
CA PRO A 72 3.10 18.11 14.99
C PRO A 72 4.45 17.68 15.57
N VAL A 73 5.49 18.44 15.23
CA VAL A 73 6.83 18.15 15.72
C VAL A 73 7.36 19.29 16.60
N SER A 74 8.13 18.92 17.62
CA SER A 74 8.69 19.91 18.54
C SER A 74 9.37 21.04 17.77
N VAL A 75 10.05 20.68 16.68
CA VAL A 75 10.74 21.67 15.87
C VAL A 75 10.22 21.66 14.43
N SER A 76 9.33 22.58 14.12
CA SER A 76 8.75 22.67 12.78
C SER A 76 9.27 23.90 12.04
N GLY A 77 9.59 23.71 10.76
CA GLY A 77 10.10 24.81 9.97
C GLY A 77 9.49 26.15 10.35
N PRO A 78 10.22 26.92 11.17
CA PRO A 78 9.76 28.24 11.63
C PRO A 78 9.74 29.27 10.50
N SER A 79 10.11 28.84 9.31
CA SER A 79 10.14 29.73 8.15
C SER A 79 8.77 30.36 7.91
N SER A 80 8.77 31.63 7.55
CA SER A 80 7.53 32.36 7.30
C SER A 80 7.69 33.34 6.15
N GLY A 81 6.91 33.15 5.09
CA GLY A 81 7.00 34.03 3.94
C GLY A 81 8.36 34.00 3.28
N GLY A 1 2.15 2.44 -30.18
CA GLY A 1 1.91 1.45 -29.15
C GLY A 1 1.11 0.27 -29.67
N SER A 2 1.80 -0.76 -30.12
CA SER A 2 1.14 -1.97 -30.64
C SER A 2 0.41 -2.71 -29.54
N SER A 3 -0.91 -2.83 -29.68
CA SER A 3 -1.72 -3.52 -28.68
C SER A 3 -2.28 -4.81 -29.25
N GLY A 4 -1.67 -5.93 -28.88
CA GLY A 4 -2.13 -7.23 -29.35
C GLY A 4 -2.19 -8.27 -28.25
N SER A 5 -3.00 -9.30 -28.45
CA SER A 5 -3.16 -10.35 -27.47
C SER A 5 -3.28 -11.71 -28.14
N SER A 6 -2.45 -12.66 -27.71
CA SER A 6 -2.46 -14.01 -28.28
C SER A 6 -3.31 -14.95 -27.43
N GLY A 7 -2.90 -15.15 -26.18
CA GLY A 7 -3.63 -16.02 -25.28
C GLY A 7 -3.39 -15.70 -23.82
N LEU A 8 -4.15 -14.75 -23.29
CA LEU A 8 -4.02 -14.34 -21.90
C LEU A 8 -5.31 -14.58 -21.13
N ASP A 9 -5.68 -15.86 -20.98
CA ASP A 9 -6.90 -16.22 -20.25
C ASP A 9 -6.57 -16.76 -18.86
N TYR A 10 -5.36 -17.28 -18.71
CA TYR A 10 -4.93 -17.83 -17.43
C TYR A 10 -4.80 -16.72 -16.38
N GLN A 11 -5.06 -15.49 -16.80
CA GLN A 11 -4.97 -14.34 -15.89
C GLN A 11 -6.37 -13.89 -15.46
N ARG A 12 -7.34 -14.08 -16.32
CA ARG A 12 -8.72 -13.70 -16.03
C ARG A 12 -9.06 -13.99 -14.57
N LEU A 13 -8.51 -15.09 -14.04
CA LEU A 13 -8.75 -15.48 -12.66
C LEU A 13 -8.80 -14.25 -11.75
N TYR A 14 -9.43 -14.41 -10.59
CA TYR A 14 -9.54 -13.33 -9.63
C TYR A 14 -8.29 -12.45 -9.64
N GLY A 15 -7.14 -13.07 -9.40
CA GLY A 15 -5.90 -12.34 -9.39
C GLY A 15 -5.88 -11.22 -8.36
N THR A 16 -4.92 -11.27 -7.44
CA THR A 16 -4.80 -10.26 -6.40
C THR A 16 -3.87 -9.14 -6.82
N ARG A 17 -4.46 -8.01 -7.23
CA ARG A 17 -3.67 -6.86 -7.66
C ARG A 17 -3.66 -5.78 -6.58
N CYS A 18 -2.46 -5.37 -6.19
CA CYS A 18 -2.30 -4.34 -5.17
C CYS A 18 -3.13 -3.11 -5.51
N PHE A 19 -3.95 -2.67 -4.56
CA PHE A 19 -4.79 -1.50 -4.75
C PHE A 19 -4.00 -0.21 -4.56
N SER A 20 -2.67 -0.35 -4.50
CA SER A 20 -1.80 0.80 -4.32
C SER A 20 -1.08 1.15 -5.61
N CYS A 21 -0.15 0.30 -6.02
CA CYS A 21 0.61 0.52 -7.25
C CYS A 21 -0.06 -0.18 -8.44
N ASP A 22 -1.21 -0.79 -8.18
CA ASP A 22 -1.95 -1.49 -9.22
C ASP A 22 -1.09 -2.57 -9.87
N GLN A 23 -0.40 -3.35 -9.04
CA GLN A 23 0.46 -4.41 -9.53
C GLN A 23 0.10 -5.75 -8.87
N PHE A 24 0.17 -6.82 -9.65
CA PHE A 24 -0.14 -8.16 -9.14
C PHE A 24 0.77 -8.52 -7.96
N ILE A 25 0.15 -8.87 -6.83
CA ILE A 25 0.90 -9.23 -5.64
C ILE A 25 1.26 -10.71 -5.65
N GLU A 26 2.51 -11.01 -5.97
CA GLU A 26 2.97 -12.39 -6.00
C GLU A 26 3.37 -12.88 -4.61
N GLY A 27 3.32 -14.20 -4.41
CA GLY A 27 3.68 -14.76 -3.12
C GLY A 27 2.58 -14.61 -2.09
N GLU A 28 2.69 -13.59 -1.25
CA GLU A 28 1.70 -13.33 -0.21
C GLU A 28 1.14 -11.92 -0.33
N VAL A 29 -0.13 -11.75 0.06
CA VAL A 29 -0.77 -10.45 0.00
C VAL A 29 -1.33 -10.06 1.36
N VAL A 30 -1.35 -8.76 1.64
CA VAL A 30 -1.85 -8.25 2.91
C VAL A 30 -3.30 -7.80 2.77
N SER A 31 -4.21 -8.54 3.41
CA SER A 31 -5.63 -8.22 3.36
C SER A 31 -6.00 -7.22 4.46
N ALA A 32 -6.19 -5.96 4.07
CA ALA A 32 -6.55 -4.91 5.01
C ALA A 32 -7.71 -4.08 4.48
N LEU A 33 -8.51 -3.55 5.41
CA LEU A 33 -9.67 -2.73 5.04
C LEU A 33 -10.44 -3.37 3.89
N GLY A 34 -10.56 -4.69 3.92
CA GLY A 34 -11.27 -5.39 2.88
C GLY A 34 -10.71 -5.11 1.50
N LYS A 35 -9.38 -5.14 1.38
CA LYS A 35 -8.72 -4.89 0.11
C LYS A 35 -7.37 -5.58 0.05
N THR A 36 -6.66 -5.40 -1.05
CA THR A 36 -5.35 -6.01 -1.23
C THR A 36 -4.25 -4.95 -1.36
N TYR A 37 -3.19 -5.10 -0.58
CA TYR A 37 -2.08 -4.15 -0.60
C TYR A 37 -0.75 -4.88 -0.44
N HIS A 38 0.32 -4.23 -0.91
CA HIS A 38 1.65 -4.82 -0.82
C HIS A 38 2.22 -4.65 0.60
N PRO A 39 3.23 -5.46 0.92
CA PRO A 39 3.89 -5.42 2.24
C PRO A 39 4.71 -4.16 2.44
N ASP A 40 4.80 -3.34 1.38
CA ASP A 40 5.56 -2.09 1.45
C ASP A 40 4.70 -0.91 1.04
N CYS A 41 3.50 -1.21 0.52
CA CYS A 41 2.58 -0.16 0.09
C CYS A 41 1.62 0.21 1.21
N PHE A 42 1.32 -0.76 2.08
CA PHE A 42 0.41 -0.52 3.19
C PHE A 42 1.12 0.22 4.33
N VAL A 43 1.87 1.24 3.96
CA VAL A 43 2.61 2.03 4.95
C VAL A 43 2.24 3.51 4.85
N CYS A 44 2.88 4.33 5.69
CA CYS A 44 2.62 5.76 5.70
C CYS A 44 2.65 6.33 4.28
N ALA A 45 2.14 7.55 4.13
CA ALA A 45 2.11 8.21 2.83
C ALA A 45 3.17 9.29 2.74
N VAL A 46 3.56 9.83 3.89
CA VAL A 46 4.57 10.88 3.94
C VAL A 46 5.97 10.29 4.01
N CYS A 47 6.27 9.63 5.13
CA CYS A 47 7.59 9.01 5.32
C CYS A 47 7.64 7.63 4.67
N ARG A 48 6.47 7.04 4.46
CA ARG A 48 6.38 5.72 3.84
C ARG A 48 7.09 4.68 4.69
N LEU A 49 6.80 4.69 6.00
CA LEU A 49 7.42 3.74 6.93
C LEU A 49 6.40 2.71 7.40
N PRO A 50 6.85 1.46 7.54
CA PRO A 50 5.99 0.35 7.99
C PRO A 50 5.59 0.49 9.45
N PHE A 51 4.29 0.45 9.72
CA PHE A 51 3.78 0.57 11.07
C PHE A 51 4.02 -0.72 11.86
N PRO A 52 4.78 -0.61 12.96
CA PRO A 52 5.10 -1.76 13.82
C PRO A 52 3.88 -2.26 14.58
N PRO A 53 4.02 -3.45 15.20
CA PRO A 53 2.94 -4.06 15.98
C PRO A 53 2.66 -3.31 17.28
N GLY A 54 1.84 -2.27 17.18
CA GLY A 54 1.49 -1.48 18.35
C GLY A 54 1.25 -0.03 18.01
N ASP A 55 2.06 0.52 17.11
CA ASP A 55 1.92 1.91 16.71
C ASP A 55 0.51 2.20 16.20
N ARG A 56 -0.05 3.32 16.64
CA ARG A 56 -1.39 3.71 16.22
C ARG A 56 -1.39 4.20 14.78
N VAL A 57 -2.42 3.81 14.03
CA VAL A 57 -2.55 4.21 12.63
C VAL A 57 -3.67 5.23 12.45
N THR A 58 -3.40 6.27 11.68
CA THR A 58 -4.39 7.31 11.43
C THR A 58 -5.02 7.14 10.06
N PHE A 59 -6.33 7.38 9.97
CA PHE A 59 -7.06 7.25 8.72
C PHE A 59 -7.41 8.62 8.15
N ASN A 60 -6.72 9.01 7.09
CA ASN A 60 -6.95 10.30 6.45
C ASN A 60 -7.32 10.12 4.98
N GLY A 61 -8.45 10.68 4.57
CA GLY A 61 -8.88 10.56 3.20
C GLY A 61 -8.97 9.13 2.73
N LYS A 62 -7.87 8.62 2.19
CA LYS A 62 -7.82 7.25 1.70
C LYS A 62 -6.58 6.52 2.23
N GLU A 63 -5.49 7.27 2.39
CA GLU A 63 -4.25 6.69 2.88
C GLU A 63 -4.13 6.89 4.40
N CYS A 64 -3.11 6.27 4.99
CA CYS A 64 -2.88 6.36 6.42
C CYS A 64 -1.51 6.95 6.73
N MET A 65 -1.44 7.79 7.75
CA MET A 65 -0.18 8.41 8.13
C MET A 65 0.18 8.07 9.57
N CYS A 66 1.47 8.12 9.88
CA CYS A 66 1.95 7.81 11.22
C CYS A 66 1.87 9.03 12.13
N GLN A 67 1.61 8.79 13.41
CA GLN A 67 1.50 9.87 14.39
C GLN A 67 2.66 10.86 14.24
N LYS A 68 3.82 10.35 13.86
CA LYS A 68 5.00 11.18 13.67
C LYS A 68 4.76 12.25 12.60
N CYS A 69 3.99 11.89 11.59
CA CYS A 69 3.67 12.81 10.50
C CYS A 69 2.33 13.48 10.72
N SER A 70 1.30 12.67 10.95
CA SER A 70 -0.05 13.19 11.19
C SER A 70 0.01 14.52 11.93
N LEU A 71 0.55 14.48 13.14
CA LEU A 71 0.66 15.68 13.97
C LEU A 71 1.51 16.74 13.28
N PRO A 72 1.30 18.01 13.67
CA PRO A 72 2.03 19.14 13.10
C PRO A 72 3.49 19.15 13.52
N VAL A 73 4.32 19.86 12.75
CA VAL A 73 5.75 19.95 13.06
C VAL A 73 6.16 21.39 13.32
N SER A 74 7.05 21.59 14.29
CA SER A 74 7.53 22.91 14.65
C SER A 74 7.58 23.82 13.41
N VAL A 75 8.13 23.29 12.33
CA VAL A 75 8.24 24.06 11.09
C VAL A 75 7.21 23.59 10.07
N SER A 76 6.68 24.52 9.29
CA SER A 76 5.68 24.21 8.28
C SER A 76 5.97 24.96 6.99
N GLY A 77 6.28 24.22 5.93
CA GLY A 77 6.57 24.84 4.64
C GLY A 77 7.25 23.88 3.68
N PRO A 78 6.46 23.01 3.04
CA PRO A 78 6.97 22.02 2.09
C PRO A 78 7.47 22.67 0.80
N SER A 79 7.72 23.99 0.86
CA SER A 79 8.19 24.72 -0.30
C SER A 79 7.06 24.93 -1.31
N SER A 80 5.92 25.39 -0.83
CA SER A 80 4.77 25.64 -1.68
C SER A 80 5.16 26.45 -2.91
N GLY A 81 4.65 26.03 -4.07
CA GLY A 81 4.97 26.74 -5.30
C GLY A 81 4.26 26.14 -6.50
N GLY A 1 17.23 -16.88 -26.22
CA GLY A 1 16.06 -17.64 -26.62
C GLY A 1 14.77 -16.97 -26.22
N SER A 2 13.78 -17.00 -27.11
CA SER A 2 12.49 -16.39 -26.86
C SER A 2 11.36 -17.38 -27.07
N SER A 3 10.96 -18.05 -26.00
CA SER A 3 9.88 -19.05 -26.08
C SER A 3 8.58 -18.47 -25.54
N GLY A 4 7.59 -18.36 -26.41
CA GLY A 4 6.30 -17.81 -26.00
C GLY A 4 5.15 -18.43 -26.78
N SER A 5 4.20 -17.59 -27.19
CA SER A 5 3.05 -18.06 -27.95
C SER A 5 2.21 -19.03 -27.11
N SER A 6 2.05 -18.71 -25.83
CA SER A 6 1.28 -19.56 -24.92
C SER A 6 -0.02 -18.88 -24.52
N GLY A 7 -1.04 -19.69 -24.23
CA GLY A 7 -2.32 -19.15 -23.84
C GLY A 7 -2.23 -18.27 -22.60
N LEU A 8 -3.20 -17.38 -22.44
CA LEU A 8 -3.22 -16.46 -21.30
C LEU A 8 -4.48 -16.67 -20.46
N ASP A 9 -4.69 -17.91 -20.03
CA ASP A 9 -5.85 -18.24 -19.20
C ASP A 9 -5.45 -18.42 -17.75
N TYR A 10 -4.16 -18.65 -17.52
CA TYR A 10 -3.65 -18.84 -16.16
C TYR A 10 -3.67 -17.52 -15.38
N GLN A 11 -4.16 -16.47 -16.01
CA GLN A 11 -4.23 -15.17 -15.38
C GLN A 11 -5.68 -14.77 -15.09
N ARG A 12 -6.58 -15.17 -15.98
CA ARG A 12 -8.00 -14.87 -15.82
C ARG A 12 -8.43 -15.01 -14.37
N LEU A 13 -7.79 -15.93 -13.66
CA LEU A 13 -8.12 -16.17 -12.25
C LEU A 13 -8.32 -14.85 -11.51
N TYR A 14 -8.99 -14.93 -10.36
CA TYR A 14 -9.26 -13.74 -9.56
C TYR A 14 -8.05 -12.80 -9.56
N GLY A 15 -6.91 -13.31 -9.13
CA GLY A 15 -5.70 -12.50 -9.09
C GLY A 15 -5.86 -11.27 -8.23
N THR A 16 -5.02 -11.17 -7.21
CA THR A 16 -5.06 -10.04 -6.29
C THR A 16 -4.14 -8.91 -6.76
N ARG A 17 -4.74 -7.87 -7.34
CA ARG A 17 -3.98 -6.74 -7.84
C ARG A 17 -4.00 -5.60 -6.83
N CYS A 18 -2.81 -5.18 -6.39
CA CYS A 18 -2.69 -4.11 -5.42
C CYS A 18 -3.51 -2.89 -5.86
N PHE A 19 -4.35 -2.40 -4.94
CA PHE A 19 -5.20 -1.25 -5.24
C PHE A 19 -4.42 0.06 -5.03
N SER A 20 -3.10 -0.06 -4.92
CA SER A 20 -2.24 1.11 -4.71
C SER A 20 -1.44 1.43 -5.97
N CYS A 21 -0.50 0.54 -6.30
CA CYS A 21 0.33 0.72 -7.48
C CYS A 21 -0.28 0.05 -8.70
N ASP A 22 -1.34 -0.72 -8.47
CA ASP A 22 -2.03 -1.43 -9.54
C ASP A 22 -1.15 -2.55 -10.11
N GLN A 23 -0.59 -3.35 -9.21
CA GLN A 23 0.27 -4.46 -9.62
C GLN A 23 -0.10 -5.74 -8.87
N PHE A 24 0.03 -6.87 -9.57
CA PHE A 24 -0.29 -8.16 -8.97
C PHE A 24 0.56 -8.42 -7.73
N ILE A 25 -0.09 -8.66 -6.60
CA ILE A 25 0.62 -8.93 -5.35
C ILE A 25 0.94 -10.41 -5.21
N GLU A 26 2.18 -10.77 -5.50
CA GLU A 26 2.62 -12.16 -5.39
C GLU A 26 3.13 -12.48 -3.99
N GLY A 27 3.05 -13.75 -3.61
CA GLY A 27 3.52 -14.15 -2.29
C GLY A 27 2.44 -13.99 -1.23
N GLU A 28 2.19 -12.74 -0.83
CA GLU A 28 1.20 -12.45 0.19
C GLU A 28 0.58 -11.07 -0.04
N VAL A 29 -0.70 -10.93 0.30
CA VAL A 29 -1.39 -9.67 0.13
C VAL A 29 -1.98 -9.19 1.46
N VAL A 30 -1.85 -7.89 1.72
CA VAL A 30 -2.37 -7.31 2.95
C VAL A 30 -3.79 -6.78 2.76
N SER A 31 -4.77 -7.55 3.22
CA SER A 31 -6.17 -7.15 3.10
C SER A 31 -6.55 -6.14 4.17
N ALA A 32 -6.70 -4.88 3.76
CA ALA A 32 -7.06 -3.81 4.69
C ALA A 32 -8.20 -2.97 4.14
N LEU A 33 -9.16 -2.65 5.00
CA LEU A 33 -10.31 -1.84 4.59
C LEU A 33 -11.03 -2.47 3.40
N GLY A 34 -11.22 -3.79 3.47
CA GLY A 34 -11.90 -4.49 2.39
C GLY A 34 -11.19 -4.33 1.06
N LYS A 35 -9.90 -4.00 1.11
CA LYS A 35 -9.10 -3.82 -0.09
C LYS A 35 -7.83 -4.65 -0.03
N THR A 36 -7.08 -4.67 -1.13
CA THR A 36 -5.84 -5.43 -1.22
C THR A 36 -4.68 -4.53 -1.61
N TYR A 37 -3.62 -4.55 -0.80
CA TYR A 37 -2.44 -3.74 -1.07
C TYR A 37 -1.17 -4.54 -0.82
N HIS A 38 -0.03 -3.97 -1.21
CA HIS A 38 1.26 -4.62 -1.03
C HIS A 38 1.75 -4.48 0.41
N PRO A 39 2.70 -5.33 0.80
CA PRO A 39 3.26 -5.32 2.15
C PRO A 39 4.13 -4.09 2.40
N ASP A 40 4.27 -3.24 1.39
CA ASP A 40 5.06 -2.03 1.50
C ASP A 40 4.25 -0.81 1.10
N CYS A 41 3.20 -1.03 0.32
CA CYS A 41 2.34 0.05 -0.14
C CYS A 41 1.42 0.54 0.99
N PHE A 42 1.17 -0.34 1.96
CA PHE A 42 0.32 -0.01 3.09
C PHE A 42 1.10 0.72 4.17
N VAL A 43 2.06 1.55 3.74
CA VAL A 43 2.90 2.30 4.67
C VAL A 43 2.51 3.77 4.68
N CYS A 44 3.12 4.55 5.57
CA CYS A 44 2.84 5.97 5.67
C CYS A 44 2.78 6.61 4.29
N ALA A 45 2.19 7.81 4.22
CA ALA A 45 2.08 8.53 2.95
C ALA A 45 3.11 9.65 2.87
N VAL A 46 3.61 10.08 4.02
CA VAL A 46 4.61 11.15 4.08
C VAL A 46 6.02 10.57 4.06
N CYS A 47 6.42 9.96 5.17
CA CYS A 47 7.75 9.38 5.28
C CYS A 47 7.83 8.05 4.53
N ARG A 48 6.67 7.42 4.35
CA ARG A 48 6.60 6.14 3.65
C ARG A 48 7.32 5.05 4.43
N LEU A 49 7.07 5.01 5.74
CA LEU A 49 7.69 4.01 6.61
C LEU A 49 6.66 3.03 7.14
N PRO A 50 7.02 1.74 7.17
CA PRO A 50 6.15 0.67 7.66
C PRO A 50 5.93 0.75 9.16
N PHE A 51 4.67 0.89 9.57
CA PHE A 51 4.32 0.98 10.98
C PHE A 51 4.80 -0.26 11.73
N PRO A 52 5.25 -0.06 12.98
CA PRO A 52 5.74 -1.14 13.82
C PRO A 52 4.63 -2.08 14.27
N PRO A 53 4.99 -3.32 14.61
CA PRO A 53 4.04 -4.34 15.07
C PRO A 53 3.48 -4.03 16.46
N GLY A 54 2.22 -3.58 16.50
CA GLY A 54 1.60 -3.26 17.77
C GLY A 54 1.62 -1.77 18.05
N ASP A 55 1.16 -0.97 17.09
CA ASP A 55 1.13 0.48 17.24
C ASP A 55 -0.15 1.05 16.64
N ARG A 56 -0.47 2.29 17.00
CA ARG A 56 -1.66 2.96 16.51
C ARG A 56 -1.40 3.60 15.15
N VAL A 57 -2.31 3.39 14.21
CA VAL A 57 -2.18 3.95 12.87
C VAL A 57 -3.36 4.86 12.54
N THR A 58 -3.06 5.95 11.85
CA THR A 58 -4.10 6.92 11.47
C THR A 58 -4.35 6.88 9.96
N PHE A 59 -5.54 6.48 9.58
CA PHE A 59 -5.91 6.40 8.17
C PHE A 59 -6.75 7.61 7.76
N ASN A 60 -6.19 8.45 6.89
CA ASN A 60 -6.88 9.64 6.42
C ASN A 60 -7.31 9.48 4.96
N GLY A 61 -8.59 9.16 4.76
CA GLY A 61 -9.10 8.98 3.41
C GLY A 61 -8.72 7.64 2.81
N LYS A 62 -7.81 7.66 1.84
CA LYS A 62 -7.36 6.44 1.18
C LYS A 62 -5.95 6.06 1.64
N GLU A 63 -5.19 7.07 2.09
CA GLU A 63 -3.83 6.83 2.56
C GLU A 63 -3.76 6.88 4.08
N CYS A 64 -2.68 6.34 4.63
CA CYS A 64 -2.49 6.32 6.08
C CYS A 64 -1.19 7.00 6.47
N MET A 65 -1.12 7.47 7.71
CA MET A 65 0.07 8.15 8.20
C MET A 65 0.45 7.64 9.59
N CYS A 66 1.72 7.82 9.95
CA CYS A 66 2.22 7.36 11.24
C CYS A 66 2.03 8.43 12.31
N GLN A 67 1.73 8.00 13.53
CA GLN A 67 1.53 8.93 14.64
C GLN A 67 2.47 10.12 14.54
N LYS A 68 3.76 9.83 14.39
CA LYS A 68 4.77 10.88 14.28
C LYS A 68 4.33 11.95 13.29
N CYS A 69 4.32 11.60 12.01
CA CYS A 69 3.92 12.53 10.97
C CYS A 69 2.58 13.18 11.30
N SER A 70 1.60 12.36 11.66
CA SER A 70 0.27 12.86 12.00
C SER A 70 0.35 13.91 13.11
N LEU A 71 1.29 13.72 14.03
CA LEU A 71 1.48 14.65 15.13
C LEU A 71 2.25 15.89 14.68
N PRO A 72 2.06 17.00 15.42
CA PRO A 72 2.72 18.27 15.10
C PRO A 72 4.22 18.22 15.39
N VAL A 73 5.03 18.35 14.35
CA VAL A 73 6.47 18.32 14.50
C VAL A 73 7.04 19.72 14.68
N SER A 74 8.14 19.82 15.42
CA SER A 74 8.78 21.10 15.68
C SER A 74 9.24 21.75 14.38
N VAL A 75 9.67 20.93 13.43
CA VAL A 75 10.14 21.42 12.13
C VAL A 75 8.99 21.53 11.14
N SER A 76 8.78 22.73 10.63
CA SER A 76 7.71 22.98 9.66
C SER A 76 8.24 22.91 8.23
N GLY A 77 7.33 22.81 7.27
CA GLY A 77 7.72 22.73 5.88
C GLY A 77 7.18 23.90 5.06
N PRO A 78 6.57 23.58 3.90
CA PRO A 78 6.01 24.60 3.01
C PRO A 78 4.76 25.24 3.59
N SER A 79 4.54 26.51 3.24
CA SER A 79 3.39 27.25 3.72
C SER A 79 2.78 28.10 2.62
N SER A 80 1.50 28.44 2.77
CA SER A 80 0.80 29.26 1.79
C SER A 80 1.01 28.69 0.39
N GLY A 81 0.93 27.38 0.26
CA GLY A 81 1.10 26.74 -1.03
C GLY A 81 2.19 27.40 -1.87
N GLY A 1 10.91 -22.39 -8.54
CA GLY A 1 9.49 -22.59 -8.83
C GLY A 1 9.03 -21.76 -10.01
N SER A 2 9.35 -22.23 -11.22
CA SER A 2 8.96 -21.52 -12.44
C SER A 2 8.89 -22.48 -13.62
N SER A 3 7.71 -22.58 -14.22
CA SER A 3 7.51 -23.47 -15.36
C SER A 3 6.74 -22.76 -16.46
N GLY A 4 7.14 -23.01 -17.71
CA GLY A 4 6.47 -22.39 -18.85
C GLY A 4 5.01 -22.75 -18.93
N SER A 5 4.24 -21.95 -19.67
CA SER A 5 2.81 -22.19 -19.82
C SER A 5 2.23 -21.30 -20.91
N SER A 6 1.50 -21.90 -21.85
CA SER A 6 0.89 -21.17 -22.94
C SER A 6 -0.58 -20.88 -22.65
N GLY A 7 -1.08 -19.77 -23.17
CA GLY A 7 -2.47 -19.41 -22.96
C GLY A 7 -2.66 -18.50 -21.76
N LEU A 8 -3.34 -17.38 -21.97
CA LEU A 8 -3.58 -16.41 -20.90
C LEU A 8 -4.81 -16.82 -20.08
N ASP A 9 -4.73 -18.00 -19.46
CA ASP A 9 -5.83 -18.50 -18.64
C ASP A 9 -5.41 -18.57 -17.17
N TYR A 10 -4.11 -18.68 -16.93
CA TYR A 10 -3.60 -18.77 -15.57
C TYR A 10 -3.92 -17.51 -14.78
N GLN A 11 -4.46 -16.50 -15.48
CA GLN A 11 -4.82 -15.24 -14.84
C GLN A 11 -6.25 -15.27 -14.35
N ARG A 12 -7.11 -16.01 -15.05
CA ARG A 12 -8.52 -16.12 -14.67
C ARG A 12 -8.67 -16.21 -13.16
N LEU A 13 -7.68 -16.79 -12.51
CA LEU A 13 -7.70 -16.94 -11.05
C LEU A 13 -8.23 -15.67 -10.39
N TYR A 14 -8.61 -15.78 -9.12
CA TYR A 14 -9.13 -14.65 -8.37
C TYR A 14 -8.44 -13.36 -8.79
N GLY A 15 -7.12 -13.36 -8.74
CA GLY A 15 -6.35 -12.18 -9.11
C GLY A 15 -6.40 -11.10 -8.06
N THR A 16 -5.23 -10.71 -7.56
CA THR A 16 -5.14 -9.68 -6.53
C THR A 16 -4.21 -8.55 -6.97
N ARG A 17 -4.80 -7.45 -7.42
CA ARG A 17 -4.02 -6.29 -7.87
C ARG A 17 -3.94 -5.24 -6.78
N CYS A 18 -2.71 -4.85 -6.45
CA CYS A 18 -2.48 -3.84 -5.41
C CYS A 18 -3.28 -2.57 -5.71
N PHE A 19 -4.00 -2.08 -4.70
CA PHE A 19 -4.79 -0.87 -4.85
C PHE A 19 -3.93 0.38 -4.70
N SER A 20 -2.61 0.19 -4.79
CA SER A 20 -1.68 1.31 -4.65
C SER A 20 -0.99 1.60 -5.98
N CYS A 21 -0.14 0.67 -6.41
CA CYS A 21 0.58 0.82 -7.67
C CYS A 21 -0.16 0.15 -8.81
N ASP A 22 -1.27 -0.50 -8.49
CA ASP A 22 -2.08 -1.17 -9.50
C ASP A 22 -1.32 -2.32 -10.13
N GLN A 23 -0.55 -3.03 -9.31
CA GLN A 23 0.24 -4.17 -9.80
C GLN A 23 -0.19 -5.46 -9.11
N PHE A 24 -0.21 -6.54 -9.89
CA PHE A 24 -0.62 -7.84 -9.36
C PHE A 24 0.31 -8.28 -8.24
N ILE A 25 -0.24 -8.41 -7.04
CA ILE A 25 0.54 -8.82 -5.88
C ILE A 25 0.84 -10.32 -5.92
N GLU A 26 2.12 -10.66 -6.07
CA GLU A 26 2.54 -12.05 -6.12
C GLU A 26 3.15 -12.49 -4.79
N GLY A 27 2.88 -13.74 -4.41
CA GLY A 27 3.41 -14.26 -3.17
C GLY A 27 2.44 -14.11 -2.02
N GLU A 28 2.21 -12.87 -1.60
CA GLU A 28 1.29 -12.60 -0.49
C GLU A 28 0.66 -11.22 -0.64
N VAL A 29 -0.55 -11.06 -0.10
CA VAL A 29 -1.26 -9.79 -0.18
C VAL A 29 -1.79 -9.39 1.19
N VAL A 30 -1.92 -8.07 1.40
CA VAL A 30 -2.41 -7.55 2.67
C VAL A 30 -3.84 -7.03 2.53
N SER A 31 -4.81 -7.81 3.00
CA SER A 31 -6.21 -7.43 2.92
C SER A 31 -6.53 -6.33 3.94
N ALA A 32 -6.60 -5.10 3.46
CA ALA A 32 -6.91 -3.98 4.34
C ALA A 32 -8.36 -3.53 4.17
N LEU A 33 -9.16 -3.74 5.21
CA LEU A 33 -10.57 -3.36 5.18
C LEU A 33 -11.25 -3.91 3.93
N GLY A 34 -10.76 -5.05 3.44
CA GLY A 34 -11.34 -5.65 2.26
C GLY A 34 -10.50 -5.42 1.01
N LYS A 35 -9.79 -4.30 0.99
CA LYS A 35 -8.94 -3.96 -0.15
C LYS A 35 -7.61 -4.70 -0.09
N THR A 36 -6.88 -4.68 -1.19
CA THR A 36 -5.59 -5.36 -1.27
C THR A 36 -4.46 -4.37 -1.56
N TYR A 37 -3.37 -4.48 -0.81
CA TYR A 37 -2.23 -3.59 -0.99
C TYR A 37 -0.91 -4.36 -0.80
N HIS A 38 0.18 -3.74 -1.21
CA HIS A 38 1.49 -4.35 -1.10
C HIS A 38 2.05 -4.17 0.31
N PRO A 39 3.02 -5.02 0.68
CA PRO A 39 3.65 -4.97 2.01
C PRO A 39 4.54 -3.75 2.18
N ASP A 40 4.64 -2.94 1.13
CA ASP A 40 5.45 -1.73 1.17
C ASP A 40 4.63 -0.51 0.76
N CYS A 41 3.56 -0.75 0.02
CA CYS A 41 2.69 0.33 -0.44
C CYS A 41 1.78 0.81 0.69
N PHE A 42 1.44 -0.11 1.59
CA PHE A 42 0.57 0.21 2.72
C PHE A 42 1.36 0.86 3.85
N VAL A 43 2.28 1.75 3.48
CA VAL A 43 3.10 2.44 4.45
C VAL A 43 2.77 3.93 4.50
N CYS A 44 3.29 4.62 5.51
CA CYS A 44 3.05 6.05 5.67
C CYS A 44 3.27 6.78 4.34
N ALA A 45 2.81 8.03 4.29
CA ALA A 45 2.96 8.84 3.10
C ALA A 45 4.10 9.83 3.24
N VAL A 46 4.34 10.27 4.47
CA VAL A 46 5.41 11.23 4.75
C VAL A 46 6.75 10.52 4.92
N CYS A 47 6.89 9.79 6.02
CA CYS A 47 8.12 9.06 6.30
C CYS A 47 8.18 7.76 5.52
N ARG A 48 7.01 7.28 5.09
CA ARG A 48 6.93 6.05 4.33
C ARG A 48 7.46 4.87 5.14
N LEU A 49 7.13 4.84 6.43
CA LEU A 49 7.57 3.77 7.32
C LEU A 49 6.47 2.75 7.54
N PRO A 50 6.83 1.45 7.52
CA PRO A 50 5.89 0.36 7.73
C PRO A 50 5.37 0.30 9.17
N PHE A 51 4.07 0.49 9.33
CA PHE A 51 3.46 0.45 10.65
C PHE A 51 3.60 -0.94 11.29
N PRO A 52 4.33 -0.99 12.42
CA PRO A 52 4.57 -2.24 13.15
C PRO A 52 3.31 -2.78 13.81
N PRO A 53 3.38 -4.01 14.32
CA PRO A 53 2.25 -4.66 14.99
C PRO A 53 1.93 -4.01 16.34
N GLY A 54 2.64 -2.94 16.66
CA GLY A 54 2.42 -2.25 17.91
C GLY A 54 1.88 -0.85 17.72
N ASP A 55 2.64 -0.01 17.02
CA ASP A 55 2.22 1.36 16.77
C ASP A 55 0.82 1.41 16.20
N ARG A 56 0.26 2.62 16.10
CA ARG A 56 -1.08 2.81 15.58
C ARG A 56 -1.05 3.51 14.23
N VAL A 57 -2.06 3.24 13.40
CA VAL A 57 -2.15 3.86 12.08
C VAL A 57 -3.30 4.86 12.02
N THR A 58 -3.10 5.95 11.28
CA THR A 58 -4.12 6.97 11.14
C THR A 58 -4.68 6.99 9.73
N PHE A 59 -6.00 6.84 9.60
CA PHE A 59 -6.65 6.85 8.31
C PHE A 59 -7.06 8.26 7.91
N ASN A 60 -6.41 8.79 6.87
CA ASN A 60 -6.71 10.12 6.39
C ASN A 60 -7.22 10.09 4.95
N GLY A 61 -8.55 10.10 4.80
CA GLY A 61 -9.15 10.06 3.49
C GLY A 61 -8.90 8.75 2.77
N LYS A 62 -7.81 8.70 2.00
CA LYS A 62 -7.46 7.49 1.26
C LYS A 62 -6.09 6.98 1.66
N GLU A 63 -5.23 7.90 2.11
CA GLU A 63 -3.88 7.54 2.54
C GLU A 63 -3.81 7.39 4.06
N CYS A 64 -2.80 6.68 4.53
CA CYS A 64 -2.62 6.47 5.96
C CYS A 64 -1.27 7.02 6.43
N MET A 65 -1.29 7.73 7.55
CA MET A 65 -0.07 8.32 8.11
C MET A 65 0.14 7.88 9.54
N CYS A 66 1.38 7.56 9.88
CA CYS A 66 1.71 7.11 11.24
C CYS A 66 1.37 8.19 12.27
N GLN A 67 1.35 7.80 13.54
CA GLN A 67 1.04 8.73 14.61
C GLN A 67 2.10 9.80 14.74
N LYS A 68 3.35 9.42 14.48
CA LYS A 68 4.46 10.36 14.57
C LYS A 68 4.24 11.56 13.65
N CYS A 69 3.76 11.31 12.45
CA CYS A 69 3.49 12.37 11.49
C CYS A 69 2.12 13.00 11.73
N SER A 70 1.12 12.17 11.97
CA SER A 70 -0.23 12.64 12.23
C SER A 70 -0.22 13.90 13.10
N LEU A 71 0.39 13.78 14.27
CA LEU A 71 0.47 14.91 15.20
C LEU A 71 1.41 15.97 14.67
N PRO A 72 1.22 17.22 15.12
CA PRO A 72 2.05 18.36 14.71
C PRO A 72 3.47 18.27 15.25
N VAL A 73 4.42 18.80 14.50
CA VAL A 73 5.82 18.78 14.91
C VAL A 73 6.42 20.18 14.86
N SER A 74 7.31 20.47 15.81
CA SER A 74 7.96 21.77 15.88
C SER A 74 8.39 22.24 14.49
N VAL A 75 8.88 21.30 13.69
CA VAL A 75 9.34 21.61 12.34
C VAL A 75 8.21 21.44 11.33
N SER A 76 7.97 22.48 10.53
CA SER A 76 6.92 22.44 9.53
C SER A 76 6.99 21.15 8.72
N GLY A 77 8.14 20.90 8.10
CA GLY A 77 8.32 19.71 7.30
C GLY A 77 8.67 20.01 5.86
N PRO A 78 9.28 19.03 5.17
CA PRO A 78 9.69 19.18 3.78
C PRO A 78 8.49 19.24 2.83
N SER A 79 7.29 19.20 3.40
CA SER A 79 6.06 19.24 2.60
C SER A 79 6.17 20.29 1.50
N SER A 80 6.60 19.86 0.32
CA SER A 80 6.75 20.76 -0.82
C SER A 80 6.00 20.23 -2.03
N GLY A 81 4.70 20.49 -2.10
CA GLY A 81 3.90 20.02 -3.21
C GLY A 81 2.42 20.31 -3.02
N GLY A 1 18.70 -16.52 -27.49
CA GLY A 1 17.53 -17.06 -26.82
C GLY A 1 16.33 -16.14 -26.91
N SER A 2 15.15 -16.67 -26.62
CA SER A 2 13.92 -15.89 -26.66
C SER A 2 12.92 -16.39 -25.64
N SER A 3 12.06 -15.49 -25.17
CA SER A 3 11.05 -15.84 -24.17
C SER A 3 9.69 -15.28 -24.57
N GLY A 4 8.67 -16.15 -24.55
CA GLY A 4 7.34 -15.72 -24.91
C GLY A 4 6.40 -16.89 -25.14
N SER A 5 5.96 -17.52 -24.04
CA SER A 5 5.06 -18.65 -24.13
C SER A 5 3.62 -18.20 -24.36
N SER A 6 2.95 -18.86 -25.30
CA SER A 6 1.57 -18.53 -25.62
C SER A 6 0.61 -19.10 -24.59
N GLY A 7 -0.65 -18.67 -24.65
CA GLY A 7 -1.65 -19.15 -23.71
C GLY A 7 -1.57 -18.46 -22.37
N LEU A 8 -2.14 -17.26 -22.30
CA LEU A 8 -2.12 -16.48 -21.06
C LEU A 8 -3.53 -16.36 -20.48
N ASP A 9 -4.28 -17.46 -20.53
CA ASP A 9 -5.63 -17.48 -20.01
C ASP A 9 -5.63 -17.72 -18.50
N TYR A 10 -4.68 -18.51 -18.02
CA TYR A 10 -4.56 -18.82 -16.61
C TYR A 10 -4.77 -17.57 -15.77
N GLN A 11 -4.22 -16.45 -16.23
CA GLN A 11 -4.35 -15.19 -15.52
C GLN A 11 -5.81 -14.88 -15.21
N ARG A 12 -6.69 -15.20 -16.15
CA ARG A 12 -8.12 -14.96 -15.97
C ARG A 12 -8.52 -15.09 -14.50
N LEU A 13 -7.89 -16.03 -13.81
CA LEU A 13 -8.17 -16.26 -12.39
C LEU A 13 -8.38 -14.94 -11.66
N TYR A 14 -9.00 -15.01 -10.49
CA TYR A 14 -9.26 -13.83 -9.68
C TYR A 14 -8.11 -12.84 -9.79
N GLY A 15 -6.91 -13.29 -9.48
CA GLY A 15 -5.73 -12.44 -9.54
C GLY A 15 -5.89 -11.20 -8.68
N THR A 16 -5.06 -11.11 -7.64
CA THR A 16 -5.10 -9.97 -6.73
C THR A 16 -4.16 -8.87 -7.19
N ARG A 17 -4.71 -7.69 -7.47
CA ARG A 17 -3.91 -6.55 -7.91
C ARG A 17 -3.90 -5.45 -6.86
N CYS A 18 -2.70 -5.08 -6.42
CA CYS A 18 -2.54 -4.04 -5.41
C CYS A 18 -3.31 -2.79 -5.80
N PHE A 19 -4.16 -2.32 -4.90
CA PHE A 19 -4.97 -1.13 -5.14
C PHE A 19 -4.18 0.14 -4.81
N SER A 20 -2.86 0.08 -5.02
CA SER A 20 -1.99 1.21 -4.74
C SER A 20 -1.08 1.51 -5.94
N CYS A 21 -0.30 0.52 -6.33
CA CYS A 21 0.62 0.67 -7.46
C CYS A 21 0.03 0.03 -8.72
N ASP A 22 -1.04 -0.72 -8.55
CA ASP A 22 -1.70 -1.39 -9.67
C ASP A 22 -0.85 -2.54 -10.18
N GLN A 23 -0.35 -3.36 -9.27
CA GLN A 23 0.47 -4.51 -9.63
C GLN A 23 -0.01 -5.78 -8.93
N PHE A 24 0.03 -6.89 -9.65
CA PHE A 24 -0.41 -8.16 -9.09
C PHE A 24 0.45 -8.57 -7.90
N ILE A 25 -0.18 -8.71 -6.74
CA ILE A 25 0.52 -9.08 -5.53
C ILE A 25 0.75 -10.59 -5.47
N GLU A 26 1.97 -11.02 -5.82
CA GLU A 26 2.32 -12.44 -5.81
C GLU A 26 2.78 -12.87 -4.42
N GLY A 27 2.59 -14.15 -4.11
CA GLY A 27 3.00 -14.67 -2.82
C GLY A 27 1.95 -14.46 -1.75
N GLU A 28 1.98 -13.29 -1.11
CA GLU A 28 1.02 -12.97 -0.06
C GLU A 28 0.49 -11.55 -0.23
N VAL A 29 -0.76 -11.33 0.18
CA VAL A 29 -1.38 -10.02 0.08
C VAL A 29 -1.93 -9.57 1.43
N VAL A 30 -2.00 -8.27 1.63
CA VAL A 30 -2.51 -7.71 2.87
C VAL A 30 -3.90 -7.09 2.68
N SER A 31 -4.93 -7.81 3.12
CA SER A 31 -6.30 -7.34 2.99
C SER A 31 -6.59 -6.22 3.97
N ALA A 32 -6.84 -5.02 3.45
CA ALA A 32 -7.13 -3.87 4.29
C ALA A 32 -8.31 -3.07 3.72
N LEU A 33 -9.14 -2.56 4.62
CA LEU A 33 -10.31 -1.78 4.21
C LEU A 33 -11.00 -2.41 3.02
N GLY A 34 -11.19 -3.73 3.08
CA GLY A 34 -11.83 -4.43 1.99
C GLY A 34 -11.10 -4.28 0.68
N LYS A 35 -9.77 -4.26 0.73
CA LYS A 35 -8.96 -4.12 -0.46
C LYS A 35 -7.64 -4.87 -0.31
N THR A 36 -6.86 -4.91 -1.39
CA THR A 36 -5.58 -5.60 -1.37
C THR A 36 -4.43 -4.63 -1.64
N TYR A 37 -3.37 -4.73 -0.83
CA TYR A 37 -2.22 -3.86 -0.99
C TYR A 37 -0.92 -4.62 -0.70
N HIS A 38 0.20 -4.04 -1.11
CA HIS A 38 1.50 -4.67 -0.91
C HIS A 38 1.98 -4.45 0.53
N PRO A 39 2.94 -5.28 0.95
CA PRO A 39 3.51 -5.21 2.31
C PRO A 39 4.37 -3.96 2.50
N ASP A 40 4.53 -3.19 1.44
CA ASP A 40 5.33 -1.96 1.50
C ASP A 40 4.49 -0.76 1.08
N CYS A 41 3.41 -1.00 0.36
CA CYS A 41 2.53 0.05 -0.10
C CYS A 41 1.61 0.53 1.03
N PHE A 42 1.27 -0.39 1.92
CA PHE A 42 0.40 -0.07 3.05
C PHE A 42 1.18 0.62 4.16
N VAL A 43 2.06 1.54 3.77
CA VAL A 43 2.86 2.27 4.74
C VAL A 43 2.55 3.76 4.71
N CYS A 44 3.02 4.49 5.71
CA CYS A 44 2.79 5.92 5.80
C CYS A 44 2.82 6.57 4.42
N ALA A 45 2.10 7.66 4.26
CA ALA A 45 2.05 8.37 2.99
C ALA A 45 2.93 9.62 3.02
N VAL A 46 3.74 9.73 4.07
CA VAL A 46 4.63 10.87 4.21
C VAL A 46 6.09 10.43 4.25
N CYS A 47 6.44 9.66 5.27
CA CYS A 47 7.80 9.16 5.43
C CYS A 47 8.00 7.86 4.66
N ARG A 48 6.90 7.18 4.37
CA ARG A 48 6.94 5.92 3.63
C ARG A 48 7.71 4.86 4.42
N LEU A 49 7.28 4.63 5.67
CA LEU A 49 7.92 3.65 6.53
C LEU A 49 6.89 2.71 7.15
N PRO A 50 7.28 1.44 7.32
CA PRO A 50 6.41 0.41 7.90
C PRO A 50 6.16 0.65 9.39
N PHE A 51 4.89 0.66 9.78
CA PHE A 51 4.52 0.86 11.18
C PHE A 51 4.98 -0.31 12.05
N PRO A 52 5.58 0.01 13.20
CA PRO A 52 6.07 -1.00 14.14
C PRO A 52 4.94 -1.77 14.82
N PRO A 53 5.29 -2.88 15.49
CA PRO A 53 4.32 -3.72 16.19
C PRO A 53 3.76 -3.04 17.44
N GLY A 54 2.49 -2.63 17.35
CA GLY A 54 1.86 -1.97 18.47
C GLY A 54 1.36 -0.59 18.13
N ASP A 55 2.28 0.32 17.84
CA ASP A 55 1.93 1.69 17.48
C ASP A 55 0.63 1.72 16.68
N ARG A 56 -0.27 2.63 17.05
CA ARG A 56 -1.55 2.76 16.36
C ARG A 56 -1.36 3.41 14.99
N VAL A 57 -2.39 3.32 14.14
CA VAL A 57 -2.34 3.89 12.81
C VAL A 57 -3.50 4.85 12.57
N THR A 58 -3.18 6.06 12.12
CA THR A 58 -4.20 7.07 11.85
C THR A 58 -4.76 6.93 10.44
N PHE A 59 -6.06 6.63 10.35
CA PHE A 59 -6.72 6.48 9.06
C PHE A 59 -7.12 7.83 8.48
N ASN A 60 -6.49 8.21 7.37
CA ASN A 60 -6.78 9.47 6.72
C ASN A 60 -7.31 9.25 5.31
N GLY A 61 -8.63 9.37 5.15
CA GLY A 61 -9.23 9.18 3.85
C GLY A 61 -8.95 7.81 3.27
N LYS A 62 -8.00 7.74 2.34
CA LYS A 62 -7.63 6.48 1.70
C LYS A 62 -6.32 5.95 2.28
N GLU A 63 -5.31 6.81 2.32
CA GLU A 63 -4.01 6.41 2.86
C GLU A 63 -3.93 6.67 4.36
N CYS A 64 -2.88 6.16 4.98
CA CYS A 64 -2.67 6.33 6.42
C CYS A 64 -1.31 6.93 6.71
N MET A 65 -1.18 7.57 7.87
CA MET A 65 0.07 8.19 8.27
C MET A 65 0.40 7.86 9.72
N CYS A 66 1.69 7.80 10.04
CA CYS A 66 2.13 7.50 11.39
C CYS A 66 1.86 8.67 12.33
N GLN A 67 1.40 8.35 13.53
CA GLN A 67 1.10 9.38 14.53
C GLN A 67 2.06 10.57 14.39
N LYS A 68 3.33 10.28 14.20
CA LYS A 68 4.34 11.32 14.05
C LYS A 68 3.96 12.29 12.95
N CYS A 69 3.99 11.83 11.71
CA CYS A 69 3.64 12.66 10.57
C CYS A 69 2.26 13.28 10.75
N SER A 70 1.33 12.50 11.26
CA SER A 70 -0.04 12.97 11.48
C SER A 70 -0.06 14.06 12.55
N LEU A 71 0.85 13.97 13.50
CA LEU A 71 0.94 14.95 14.58
C LEU A 71 1.87 16.09 14.21
N PRO A 72 1.67 17.25 14.84
CA PRO A 72 2.49 18.44 14.60
C PRO A 72 3.91 18.29 15.13
N VAL A 73 4.88 18.85 14.40
CA VAL A 73 6.28 18.77 14.80
C VAL A 73 6.65 19.91 15.74
N SER A 74 7.45 19.60 16.75
CA SER A 74 7.87 20.60 17.72
C SER A 74 9.04 21.43 17.18
N VAL A 75 9.96 20.76 16.50
CA VAL A 75 11.12 21.42 15.93
C VAL A 75 10.76 22.18 14.66
N SER A 76 11.12 23.45 14.61
CA SER A 76 10.83 24.29 13.45
C SER A 76 12.11 24.72 12.75
N GLY A 77 12.29 24.24 11.52
CA GLY A 77 13.48 24.60 10.77
C GLY A 77 13.78 26.08 10.80
N PRO A 78 15.01 26.45 10.42
CA PRO A 78 15.44 27.85 10.40
C PRO A 78 14.75 28.65 9.30
N SER A 79 14.83 29.98 9.40
CA SER A 79 14.21 30.86 8.42
C SER A 79 15.22 31.29 7.36
N SER A 80 14.87 31.07 6.10
CA SER A 80 15.75 31.42 5.00
C SER A 80 14.97 31.51 3.69
N GLY A 81 15.32 32.49 2.86
CA GLY A 81 14.65 32.66 1.59
C GLY A 81 15.43 32.10 0.42
N GLY A 1 3.01 -25.07 -29.79
CA GLY A 1 3.04 -24.16 -28.67
C GLY A 1 1.83 -23.23 -28.64
N SER A 2 0.65 -23.82 -28.77
CA SER A 2 -0.59 -23.05 -28.77
C SER A 2 -0.60 -22.03 -29.90
N SER A 3 -0.15 -22.46 -31.07
CA SER A 3 -0.10 -21.60 -32.24
C SER A 3 -1.49 -21.06 -32.59
N GLY A 4 -1.65 -19.74 -32.53
CA GLY A 4 -2.93 -19.13 -32.83
C GLY A 4 -4.03 -19.61 -31.90
N SER A 5 -3.97 -19.18 -30.65
CA SER A 5 -4.97 -19.57 -29.66
C SER A 5 -4.86 -18.70 -28.41
N SER A 6 -5.97 -18.54 -27.71
CA SER A 6 -6.00 -17.74 -26.49
C SER A 6 -5.48 -18.54 -25.30
N GLY A 7 -4.51 -17.96 -24.59
CA GLY A 7 -3.94 -18.62 -23.44
C GLY A 7 -3.91 -17.74 -22.21
N LEU A 8 -3.18 -18.18 -21.19
CA LEU A 8 -3.07 -17.41 -19.94
C LEU A 8 -4.44 -17.18 -19.33
N ASP A 9 -5.23 -18.26 -19.24
CA ASP A 9 -6.57 -18.17 -18.66
C ASP A 9 -6.51 -18.26 -17.14
N TYR A 10 -5.63 -19.12 -16.64
CA TYR A 10 -5.47 -19.31 -15.21
C TYR A 10 -5.53 -17.98 -14.47
N GLN A 11 -5.02 -16.93 -15.12
CA GLN A 11 -5.03 -15.60 -14.51
C GLN A 11 -6.45 -15.14 -14.21
N ARG A 12 -7.37 -15.44 -15.12
CA ARG A 12 -8.77 -15.05 -14.95
C ARG A 12 -9.15 -15.04 -13.47
N LEU A 13 -8.59 -15.97 -12.72
CA LEU A 13 -8.87 -16.09 -11.29
C LEU A 13 -8.95 -14.69 -10.65
N TYR A 14 -9.57 -14.64 -9.48
CA TYR A 14 -9.71 -13.37 -8.76
C TYR A 14 -8.50 -12.48 -8.98
N GLY A 15 -7.32 -13.01 -8.66
CA GLY A 15 -6.09 -12.24 -8.83
C GLY A 15 -6.05 -11.02 -7.95
N THR A 16 -5.08 -10.98 -7.03
CA THR A 16 -4.94 -9.86 -6.12
C THR A 16 -4.00 -8.81 -6.69
N ARG A 17 -4.57 -7.73 -7.22
CA ARG A 17 -3.78 -6.64 -7.79
C ARG A 17 -3.67 -5.47 -6.82
N CYS A 18 -2.44 -5.05 -6.54
CA CYS A 18 -2.20 -3.94 -5.64
C CYS A 18 -2.97 -2.71 -6.07
N PHE A 19 -3.80 -2.18 -5.17
CA PHE A 19 -4.60 -0.99 -5.46
C PHE A 19 -3.76 0.27 -5.32
N SER A 20 -2.45 0.09 -5.15
CA SER A 20 -1.54 1.22 -4.99
C SER A 20 -0.72 1.43 -6.26
N CYS A 21 0.14 0.45 -6.57
CA CYS A 21 0.99 0.53 -7.75
C CYS A 21 0.35 -0.18 -8.92
N ASP A 22 -0.86 -0.70 -8.72
CA ASP A 22 -1.58 -1.41 -9.76
C ASP A 22 -0.76 -2.59 -10.28
N GLN A 23 -0.14 -3.32 -9.36
CA GLN A 23 0.67 -4.47 -9.72
C GLN A 23 0.24 -5.71 -8.95
N PHE A 24 0.22 -6.85 -9.64
CA PHE A 24 -0.18 -8.11 -9.01
C PHE A 24 0.69 -8.42 -7.79
N ILE A 25 0.05 -8.59 -6.64
CA ILE A 25 0.76 -8.88 -5.41
C ILE A 25 1.01 -10.37 -5.26
N GLU A 26 2.24 -10.79 -5.53
CA GLU A 26 2.60 -12.21 -5.42
C GLU A 26 3.21 -12.51 -4.05
N GLY A 27 3.15 -13.78 -3.65
CA GLY A 27 3.69 -14.17 -2.37
C GLY A 27 2.77 -13.83 -1.21
N GLU A 28 2.85 -12.59 -0.73
CA GLU A 28 2.02 -12.15 0.38
C GLU A 28 1.33 -10.84 0.05
N VAL A 29 0.09 -10.69 0.51
CA VAL A 29 -0.69 -9.49 0.26
C VAL A 29 -1.38 -9.01 1.53
N VAL A 30 -1.39 -7.69 1.73
CA VAL A 30 -2.03 -7.11 2.91
C VAL A 30 -3.51 -6.85 2.66
N SER A 31 -4.36 -7.69 3.27
CA SER A 31 -5.80 -7.54 3.12
C SER A 31 -6.30 -6.28 3.80
N ALA A 32 -6.51 -5.23 3.01
CA ALA A 32 -6.99 -3.96 3.53
C ALA A 32 -8.50 -3.82 3.35
N LEU A 33 -9.08 -2.80 3.96
CA LEU A 33 -10.51 -2.56 3.87
C LEU A 33 -11.02 -2.82 2.45
N GLY A 34 -11.67 -3.96 2.27
CA GLY A 34 -12.19 -4.32 0.96
C GLY A 34 -11.22 -4.00 -0.16
N LYS A 35 -9.93 -4.15 0.12
CA LYS A 35 -8.90 -3.88 -0.86
C LYS A 35 -7.64 -4.69 -0.57
N THR A 36 -6.66 -4.61 -1.46
CA THR A 36 -5.41 -5.33 -1.31
C THR A 36 -4.23 -4.49 -1.78
N TYR A 37 -3.14 -4.53 -1.03
CA TYR A 37 -1.94 -3.78 -1.37
C TYR A 37 -0.68 -4.57 -1.05
N HIS A 38 0.47 -4.01 -1.40
CA HIS A 38 1.75 -4.66 -1.15
C HIS A 38 2.19 -4.46 0.31
N PRO A 39 3.11 -5.30 0.78
CA PRO A 39 3.63 -5.24 2.15
C PRO A 39 4.50 -4.00 2.38
N ASP A 40 4.70 -3.22 1.32
CA ASP A 40 5.51 -2.02 1.41
C ASP A 40 4.74 -0.80 0.91
N CYS A 41 3.72 -1.05 0.11
CA CYS A 41 2.89 0.02 -0.43
C CYS A 41 1.91 0.54 0.61
N PHE A 42 1.52 -0.33 1.53
CA PHE A 42 0.60 0.03 2.60
C PHE A 42 1.32 0.73 3.74
N VAL A 43 2.27 1.60 3.39
CA VAL A 43 3.03 2.33 4.38
C VAL A 43 2.49 3.75 4.55
N CYS A 44 3.11 4.52 5.45
CA CYS A 44 2.69 5.88 5.71
C CYS A 44 2.60 6.68 4.41
N ALA A 45 1.94 7.83 4.47
CA ALA A 45 1.79 8.69 3.30
C ALA A 45 2.84 9.78 3.28
N VAL A 46 3.28 10.21 4.46
CA VAL A 46 4.28 11.25 4.58
C VAL A 46 5.68 10.65 4.60
N CYS A 47 6.03 10.01 5.71
CA CYS A 47 7.34 9.39 5.85
C CYS A 47 7.48 8.16 4.97
N ARG A 48 6.34 7.55 4.65
CA ARG A 48 6.32 6.36 3.81
C ARG A 48 7.07 5.22 4.48
N LEU A 49 6.80 4.99 5.75
CA LEU A 49 7.45 3.93 6.51
C LEU A 49 6.43 2.90 6.99
N PRO A 50 6.85 1.62 7.03
CA PRO A 50 5.99 0.52 7.47
C PRO A 50 5.70 0.57 8.97
N PHE A 51 4.41 0.47 9.31
CA PHE A 51 4.00 0.52 10.71
C PHE A 51 4.52 -0.70 11.47
N PRO A 52 5.26 -0.44 12.56
CA PRO A 52 5.83 -1.51 13.39
C PRO A 52 4.76 -2.26 14.17
N PRO A 53 5.16 -3.40 14.76
CA PRO A 53 4.25 -4.24 15.55
C PRO A 53 3.85 -3.58 16.87
N GLY A 54 2.61 -3.11 16.93
CA GLY A 54 2.12 -2.46 18.14
C GLY A 54 1.64 -1.05 17.89
N ASP A 55 2.45 -0.27 17.18
CA ASP A 55 2.10 1.12 16.87
C ASP A 55 0.67 1.21 16.34
N ARG A 56 0.14 2.42 16.31
CA ARG A 56 -1.21 2.65 15.82
C ARG A 56 -1.20 3.38 14.48
N VAL A 57 -2.08 2.96 13.58
CA VAL A 57 -2.17 3.57 12.26
C VAL A 57 -3.38 4.49 12.16
N THR A 58 -3.17 5.68 11.61
CA THR A 58 -4.24 6.67 11.45
C THR A 58 -4.64 6.81 9.99
N PHE A 59 -5.80 6.27 9.65
CA PHE A 59 -6.31 6.33 8.28
C PHE A 59 -7.00 7.67 8.03
N ASN A 60 -6.32 8.55 7.31
CA ASN A 60 -6.87 9.87 6.99
C ASN A 60 -7.00 10.06 5.48
N GLY A 61 -8.23 10.14 5.00
CA GLY A 61 -8.47 10.32 3.58
C GLY A 61 -8.36 9.02 2.81
N LYS A 62 -7.48 9.00 1.81
CA LYS A 62 -7.28 7.80 0.99
C LYS A 62 -6.10 6.98 1.50
N GLU A 63 -5.09 7.67 2.02
CA GLU A 63 -3.90 7.00 2.54
C GLU A 63 -3.92 6.99 4.07
N CYS A 64 -2.95 6.28 4.66
CA CYS A 64 -2.85 6.19 6.10
C CYS A 64 -1.52 6.75 6.60
N MET A 65 -1.57 7.49 7.70
CA MET A 65 -0.36 8.09 8.27
C MET A 65 -0.05 7.47 9.63
N CYS A 66 1.22 7.55 10.02
CA CYS A 66 1.65 7.00 11.31
C CYS A 66 1.42 8.01 12.43
N GLN A 67 1.03 7.51 13.60
CA GLN A 67 0.76 8.36 14.75
C GLN A 67 1.78 9.49 14.83
N LYS A 68 3.04 9.16 14.58
CA LYS A 68 4.11 10.15 14.62
C LYS A 68 3.79 11.34 13.70
N CYS A 69 3.42 11.03 12.47
CA CYS A 69 3.09 12.07 11.50
C CYS A 69 1.73 12.69 11.81
N SER A 70 0.76 11.84 12.15
CA SER A 70 -0.59 12.30 12.46
C SER A 70 -0.59 13.18 13.70
N LEU A 71 0.39 12.95 14.58
CA LEU A 71 0.50 13.72 15.82
C LEU A 71 1.47 14.89 15.64
N PRO A 72 1.28 15.93 16.46
CA PRO A 72 2.13 17.13 16.41
C PRO A 72 3.55 16.86 16.91
N VAL A 73 4.49 17.69 16.47
CA VAL A 73 5.88 17.53 16.88
C VAL A 73 6.42 18.82 17.50
N SER A 74 7.32 18.67 18.48
CA SER A 74 7.90 19.82 19.15
C SER A 74 8.45 20.83 18.15
N VAL A 75 9.03 20.32 17.07
CA VAL A 75 9.60 21.17 16.03
C VAL A 75 8.52 22.01 15.36
N SER A 76 8.87 23.25 15.01
CA SER A 76 7.92 24.15 14.37
C SER A 76 8.55 24.80 13.13
N GLY A 77 7.92 24.59 11.98
CA GLY A 77 8.43 25.16 10.75
C GLY A 77 7.39 26.00 10.03
N PRO A 78 7.00 27.12 10.64
CA PRO A 78 6.01 28.04 10.06
C PRO A 78 6.53 28.77 8.83
N SER A 79 5.64 29.06 7.90
CA SER A 79 6.01 29.76 6.67
C SER A 79 5.39 31.15 6.62
N SER A 80 6.09 32.08 5.96
CA SER A 80 5.61 33.46 5.85
C SER A 80 5.48 33.87 4.39
N GLY A 81 4.25 34.00 3.92
CA GLY A 81 4.01 34.39 2.53
C GLY A 81 2.54 34.42 2.18
N GLY A 1 10.66 -15.81 -15.20
CA GLY A 1 9.38 -15.13 -15.04
C GLY A 1 8.27 -16.08 -14.65
N SER A 2 7.79 -16.87 -15.62
CA SER A 2 6.71 -17.81 -15.38
C SER A 2 6.75 -18.94 -16.39
N SER A 3 6.65 -20.18 -15.90
CA SER A 3 6.68 -21.35 -16.76
C SER A 3 5.27 -21.69 -17.27
N GLY A 4 5.20 -22.25 -18.47
CA GLY A 4 3.92 -22.61 -19.05
C GLY A 4 3.97 -22.71 -20.55
N SER A 5 2.89 -23.19 -21.15
CA SER A 5 2.81 -23.36 -22.60
C SER A 5 2.13 -22.15 -23.25
N SER A 6 2.88 -21.07 -23.39
CA SER A 6 2.34 -19.85 -23.99
C SER A 6 0.89 -19.65 -23.61
N GLY A 7 0.54 -20.02 -22.38
CA GLY A 7 -0.82 -19.88 -21.90
C GLY A 7 -0.91 -19.03 -20.65
N LEU A 8 -1.76 -18.02 -20.67
CA LEU A 8 -1.94 -17.14 -19.52
C LEU A 8 -3.19 -17.53 -18.74
N ASP A 9 -3.21 -18.76 -18.23
CA ASP A 9 -4.34 -19.24 -17.45
C ASP A 9 -4.09 -19.04 -15.96
N TYR A 10 -2.83 -19.09 -15.55
CA TYR A 10 -2.47 -18.92 -14.15
C TYR A 10 -3.19 -17.71 -13.55
N GLN A 11 -3.38 -16.67 -14.35
CA GLN A 11 -4.06 -15.46 -13.91
C GLN A 11 -5.51 -15.77 -13.54
N ARG A 12 -6.11 -16.70 -14.26
CA ARG A 12 -7.50 -17.09 -14.02
C ARG A 12 -7.85 -16.94 -12.54
N LEU A 13 -6.90 -17.27 -11.67
CA LEU A 13 -7.10 -17.17 -10.23
C LEU A 13 -7.87 -15.91 -9.87
N TYR A 14 -8.42 -15.87 -8.66
CA TYR A 14 -9.17 -14.71 -8.19
C TYR A 14 -8.62 -13.43 -8.80
N GLY A 15 -7.34 -13.17 -8.56
CA GLY A 15 -6.71 -11.97 -9.08
C GLY A 15 -6.72 -10.84 -8.09
N THR A 16 -5.54 -10.41 -7.66
CA THR A 16 -5.40 -9.32 -6.70
C THR A 16 -4.45 -8.25 -7.20
N ARG A 17 -5.00 -7.08 -7.53
CA ARG A 17 -4.19 -5.98 -8.02
C ARG A 17 -4.08 -4.87 -6.99
N CYS A 18 -2.86 -4.59 -6.55
CA CYS A 18 -2.61 -3.55 -5.55
C CYS A 18 -3.37 -2.27 -5.91
N PHE A 19 -4.08 -1.71 -4.93
CA PHE A 19 -4.85 -0.49 -5.15
C PHE A 19 -3.95 0.73 -4.97
N SER A 20 -2.65 0.55 -5.17
CA SER A 20 -1.70 1.64 -5.04
C SER A 20 -0.93 1.86 -6.33
N CYS A 21 -0.11 0.88 -6.70
CA CYS A 21 0.68 0.97 -7.92
C CYS A 21 -0.05 0.32 -9.09
N ASP A 22 -1.22 -0.27 -8.81
CA ASP A 22 -2.01 -0.92 -9.83
C ASP A 22 -1.26 -2.10 -10.43
N GLN A 23 -0.76 -2.98 -9.58
CA GLN A 23 -0.01 -4.15 -10.04
C GLN A 23 -0.46 -5.40 -9.29
N PHE A 24 -0.50 -6.52 -9.99
CA PHE A 24 -0.91 -7.80 -9.41
C PHE A 24 0.03 -8.20 -8.28
N ILE A 25 -0.53 -8.32 -7.08
CA ILE A 25 0.25 -8.71 -5.91
C ILE A 25 0.54 -10.20 -5.91
N GLU A 26 1.82 -10.55 -5.97
CA GLU A 26 2.23 -11.95 -5.97
C GLU A 26 2.81 -12.35 -4.61
N GLY A 27 2.61 -13.62 -4.25
CA GLY A 27 3.11 -14.10 -2.97
C GLY A 27 2.15 -13.84 -1.83
N GLU A 28 2.21 -12.63 -1.27
CA GLU A 28 1.35 -12.26 -0.16
C GLU A 28 0.79 -10.85 -0.35
N VAL A 29 -0.46 -10.65 0.04
CA VAL A 29 -1.11 -9.35 -0.10
C VAL A 29 -1.63 -8.87 1.25
N VAL A 30 -1.79 -7.55 1.37
CA VAL A 30 -2.28 -6.95 2.61
C VAL A 30 -3.70 -6.43 2.43
N SER A 31 -4.68 -7.25 2.82
CA SER A 31 -6.08 -6.88 2.69
C SER A 31 -6.43 -5.78 3.70
N ALA A 32 -6.72 -4.58 3.18
CA ALA A 32 -7.07 -3.45 4.02
C ALA A 32 -8.56 -3.17 3.96
N LEU A 33 -9.28 -3.48 5.04
CA LEU A 33 -10.71 -3.25 5.11
C LEU A 33 -11.40 -3.73 3.84
N GLY A 34 -10.89 -4.83 3.28
CA GLY A 34 -11.47 -5.38 2.06
C GLY A 34 -10.60 -5.12 0.84
N LYS A 35 -9.92 -3.98 0.83
CA LYS A 35 -9.05 -3.62 -0.28
C LYS A 35 -7.80 -4.50 -0.30
N THR A 36 -6.89 -4.19 -1.21
CA THR A 36 -5.64 -4.94 -1.34
C THR A 36 -4.48 -4.03 -1.71
N TYR A 37 -3.38 -4.16 -0.98
CA TYR A 37 -2.20 -3.34 -1.23
C TYR A 37 -0.92 -4.15 -0.98
N HIS A 38 0.19 -3.66 -1.55
CA HIS A 38 1.47 -4.34 -1.39
C HIS A 38 2.01 -4.18 0.03
N PRO A 39 2.96 -5.05 0.41
CA PRO A 39 3.56 -5.04 1.74
C PRO A 39 4.46 -3.81 1.95
N ASP A 40 4.60 -3.00 0.91
CA ASP A 40 5.42 -1.80 0.99
C ASP A 40 4.63 -0.57 0.58
N CYS A 41 3.53 -0.79 -0.13
CA CYS A 41 2.67 0.29 -0.58
C CYS A 41 1.74 0.76 0.53
N PHE A 42 1.40 -0.16 1.44
CA PHE A 42 0.51 0.16 2.55
C PHE A 42 1.30 0.81 3.69
N VAL A 43 2.23 1.68 3.33
CA VAL A 43 3.05 2.38 4.33
C VAL A 43 2.67 3.86 4.40
N CYS A 44 3.20 4.55 5.42
CA CYS A 44 2.92 5.96 5.60
C CYS A 44 2.95 6.70 4.26
N ALA A 45 2.41 7.92 4.26
CA ALA A 45 2.38 8.74 3.05
C ALA A 45 3.51 9.75 3.05
N VAL A 46 4.02 10.06 4.24
CA VAL A 46 5.10 11.03 4.37
C VAL A 46 6.46 10.34 4.37
N CYS A 47 6.74 9.60 5.44
CA CYS A 47 8.00 8.88 5.55
C CYS A 47 7.90 7.48 4.95
N ARG A 48 6.67 7.06 4.67
CA ARG A 48 6.43 5.73 4.10
C ARG A 48 7.11 4.65 4.93
N LEU A 49 6.79 4.62 6.22
CA LEU A 49 7.35 3.64 7.13
C LEU A 49 6.34 2.55 7.46
N PRO A 50 6.79 1.29 7.46
CA PRO A 50 5.93 0.13 7.76
C PRO A 50 5.52 0.08 9.23
N PHE A 51 4.21 0.12 9.47
CA PHE A 51 3.68 0.07 10.82
C PHE A 51 3.78 -1.33 11.41
N PRO A 52 4.42 -1.43 12.59
CA PRO A 52 4.60 -2.71 13.28
C PRO A 52 3.28 -3.28 13.81
N PRO A 53 3.31 -4.55 14.24
CA PRO A 53 2.13 -5.23 14.78
C PRO A 53 1.73 -4.68 16.14
N GLY A 54 2.44 -3.66 16.60
CA GLY A 54 2.13 -3.07 17.89
C GLY A 54 1.57 -1.66 17.75
N ASP A 55 2.25 -0.83 16.99
CA ASP A 55 1.81 0.56 16.78
C ASP A 55 0.48 0.60 16.05
N ARG A 56 -0.19 1.74 16.12
CA ARG A 56 -1.49 1.91 15.46
C ARG A 56 -1.37 2.84 14.26
N VAL A 57 -2.19 2.59 13.25
CA VAL A 57 -2.17 3.40 12.04
C VAL A 57 -3.29 4.43 12.06
N THR A 58 -3.07 5.57 11.40
CA THR A 58 -4.05 6.65 11.35
C THR A 58 -4.64 6.77 9.95
N PHE A 59 -5.93 6.45 9.83
CA PHE A 59 -6.61 6.54 8.54
C PHE A 59 -7.07 7.97 8.26
N ASN A 60 -6.37 8.64 7.37
CA ASN A 60 -6.71 10.02 7.02
C ASN A 60 -7.24 10.09 5.59
N GLY A 61 -8.56 10.15 5.46
CA GLY A 61 -9.17 10.22 4.15
C GLY A 61 -8.86 9.02 3.29
N LYS A 62 -7.97 9.20 2.32
CA LYS A 62 -7.56 8.12 1.42
C LYS A 62 -6.22 7.54 1.84
N GLU A 63 -5.26 8.42 2.13
CA GLU A 63 -3.93 7.99 2.55
C GLU A 63 -3.84 7.87 4.06
N CYS A 64 -2.78 7.23 4.54
CA CYS A 64 -2.57 7.04 5.97
C CYS A 64 -1.21 7.57 6.40
N MET A 65 -1.07 7.89 7.68
CA MET A 65 0.18 8.40 8.21
C MET A 65 0.50 7.76 9.57
N CYS A 66 1.77 7.80 9.94
CA CYS A 66 2.21 7.22 11.21
C CYS A 66 2.00 8.22 12.35
N GLN A 67 1.69 7.69 13.53
CA GLN A 67 1.47 8.54 14.71
C GLN A 67 2.40 9.75 14.69
N LYS A 68 3.69 9.50 14.49
CA LYS A 68 4.68 10.56 14.44
C LYS A 68 4.25 11.67 13.48
N CYS A 69 4.21 11.34 12.20
CA CYS A 69 3.81 12.30 11.17
C CYS A 69 2.46 12.93 11.50
N SER A 70 1.45 12.08 11.66
CA SER A 70 0.10 12.54 11.98
C SER A 70 0.14 13.61 13.06
N LEU A 71 0.69 13.26 14.22
CA LEU A 71 0.79 14.19 15.34
C LEU A 71 1.83 15.27 15.06
N PRO A 72 1.74 16.39 15.80
CA PRO A 72 2.65 17.51 15.65
C PRO A 72 4.07 17.18 16.14
N VAL A 73 5.07 17.70 15.43
CA VAL A 73 6.46 17.47 15.80
C VAL A 73 6.94 18.46 16.84
N SER A 74 7.92 18.06 17.64
CA SER A 74 8.46 18.92 18.69
C SER A 74 9.87 19.39 18.32
N VAL A 75 10.09 19.62 17.04
CA VAL A 75 11.39 20.07 16.55
C VAL A 75 11.32 21.50 16.04
N SER A 76 12.25 22.33 16.49
CA SER A 76 12.29 23.74 16.08
C SER A 76 13.19 23.91 14.85
N GLY A 77 12.70 24.67 13.88
CA GLY A 77 13.47 24.90 12.66
C GLY A 77 12.62 25.45 11.54
N PRO A 78 12.22 26.72 11.64
CA PRO A 78 11.38 27.38 10.63
C PRO A 78 12.15 27.63 9.34
N SER A 79 13.39 27.16 9.28
CA SER A 79 14.22 27.33 8.10
C SER A 79 13.38 27.30 6.83
N SER A 80 13.19 28.46 6.22
CA SER A 80 12.40 28.56 4.99
C SER A 80 13.27 28.99 3.81
N GLY A 81 12.70 28.95 2.62
CA GLY A 81 13.43 29.34 1.43
C GLY A 81 12.60 30.20 0.48
N GLY A 1 18.49 -9.02 -24.21
CA GLY A 1 17.05 -9.04 -24.09
C GLY A 1 16.40 -10.08 -24.98
N SER A 2 15.37 -10.73 -24.45
CA SER A 2 14.66 -11.77 -25.20
C SER A 2 13.32 -11.25 -25.72
N SER A 3 12.87 -11.79 -26.83
CA SER A 3 11.60 -11.38 -27.44
C SER A 3 10.76 -12.59 -27.82
N GLY A 4 9.90 -13.02 -26.90
CA GLY A 4 9.05 -14.16 -27.16
C GLY A 4 7.58 -13.87 -26.91
N SER A 5 6.72 -14.83 -27.25
CA SER A 5 5.28 -14.66 -27.06
C SER A 5 4.64 -15.98 -26.63
N SER A 6 3.65 -15.88 -25.75
CA SER A 6 2.95 -17.06 -25.26
C SER A 6 1.55 -16.71 -24.76
N GLY A 7 0.64 -17.67 -24.84
CA GLY A 7 -0.72 -17.43 -24.40
C GLY A 7 -0.79 -16.80 -23.03
N LEU A 8 -1.69 -15.84 -22.86
CA LEU A 8 -1.85 -15.15 -21.59
C LEU A 8 -3.31 -15.19 -21.12
N ASP A 9 -3.89 -16.38 -21.13
CA ASP A 9 -5.28 -16.56 -20.70
C ASP A 9 -5.35 -16.91 -19.21
N TYR A 10 -4.45 -17.78 -18.78
CA TYR A 10 -4.41 -18.21 -17.39
C TYR A 10 -4.67 -17.03 -16.45
N GLN A 11 -4.11 -15.87 -16.78
CA GLN A 11 -4.28 -14.67 -15.98
C GLN A 11 -5.73 -14.51 -15.55
N ARG A 12 -6.64 -14.78 -16.47
CA ARG A 12 -8.08 -14.66 -16.18
C ARG A 12 -8.35 -14.93 -14.70
N LEU A 13 -7.67 -15.91 -14.14
CA LEU A 13 -7.84 -16.25 -12.74
C LEU A 13 -8.05 -15.01 -11.89
N TYR A 14 -8.67 -15.19 -10.72
CA TYR A 14 -8.92 -14.07 -9.82
C TYR A 14 -7.78 -13.06 -9.86
N GLY A 15 -6.57 -13.52 -9.59
CA GLY A 15 -5.41 -12.64 -9.61
C GLY A 15 -5.53 -11.51 -8.61
N THR A 16 -4.61 -11.48 -7.64
CA THR A 16 -4.62 -10.44 -6.62
C THR A 16 -3.98 -9.16 -7.13
N ARG A 17 -4.78 -8.10 -7.23
CA ARG A 17 -4.29 -6.81 -7.69
C ARG A 17 -4.30 -5.78 -6.57
N CYS A 18 -3.11 -5.30 -6.21
CA CYS A 18 -2.98 -4.31 -5.16
C CYS A 18 -3.95 -3.14 -5.37
N PHE A 19 -4.73 -2.83 -4.35
CA PHE A 19 -5.70 -1.74 -4.44
C PHE A 19 -5.04 -0.41 -4.10
N SER A 20 -3.74 -0.31 -4.36
CA SER A 20 -2.99 0.90 -4.08
C SER A 20 -2.22 1.36 -5.32
N CYS A 21 -1.37 0.49 -5.84
CA CYS A 21 -0.56 0.81 -7.01
C CYS A 21 -1.14 0.11 -8.26
N ASP A 22 -2.26 -0.58 -8.07
CA ASP A 22 -2.91 -1.27 -9.18
C ASP A 22 -1.94 -2.24 -9.86
N GLN A 23 -1.28 -3.06 -9.06
CA GLN A 23 -0.32 -4.03 -9.58
C GLN A 23 -0.56 -5.42 -8.99
N PHE A 24 -0.49 -6.44 -9.84
CA PHE A 24 -0.71 -7.81 -9.40
C PHE A 24 0.33 -8.22 -8.37
N ILE A 25 -0.14 -8.52 -7.16
CA ILE A 25 0.76 -8.93 -6.08
C ILE A 25 1.05 -10.42 -6.15
N GLU A 26 2.32 -10.77 -6.31
CA GLU A 26 2.72 -12.17 -6.38
C GLU A 26 2.83 -12.78 -4.99
N GLY A 27 3.85 -12.34 -4.25
CA GLY A 27 4.05 -12.86 -2.91
C GLY A 27 2.83 -12.68 -2.02
N GLU A 28 2.76 -13.47 -0.96
CA GLU A 28 1.62 -13.40 -0.04
C GLU A 28 1.05 -11.99 0.01
N VAL A 29 -0.25 -11.87 -0.24
CA VAL A 29 -0.92 -10.58 -0.22
C VAL A 29 -1.50 -10.28 1.16
N VAL A 30 -1.50 -9.01 1.53
CA VAL A 30 -2.04 -8.60 2.83
C VAL A 30 -3.48 -8.12 2.69
N SER A 31 -4.42 -8.94 3.16
CA SER A 31 -5.84 -8.60 3.08
C SER A 31 -6.25 -7.75 4.29
N ALA A 32 -6.35 -6.45 4.07
CA ALA A 32 -6.75 -5.54 5.15
C ALA A 32 -7.98 -4.73 4.75
N LEU A 33 -8.70 -4.22 5.75
CA LEU A 33 -9.90 -3.44 5.51
C LEU A 33 -10.68 -3.98 4.31
N GLY A 34 -10.85 -5.29 4.26
CA GLY A 34 -11.57 -5.92 3.16
C GLY A 34 -11.00 -5.53 1.81
N LYS A 35 -9.68 -5.51 1.70
CA LYS A 35 -9.01 -5.16 0.46
C LYS A 35 -7.63 -5.81 0.38
N THR A 36 -7.05 -5.80 -0.82
CA THR A 36 -5.73 -6.38 -1.03
C THR A 36 -4.68 -5.30 -1.28
N TYR A 37 -3.55 -5.40 -0.60
CA TYR A 37 -2.47 -4.44 -0.75
C TYR A 37 -1.11 -5.12 -0.68
N HIS A 38 -0.06 -4.37 -1.05
CA HIS A 38 1.30 -4.91 -1.03
C HIS A 38 1.90 -4.82 0.36
N PRO A 39 2.92 -5.64 0.62
CA PRO A 39 3.61 -5.68 1.92
C PRO A 39 4.43 -4.43 2.17
N ASP A 40 4.38 -3.49 1.22
CA ASP A 40 5.12 -2.24 1.34
C ASP A 40 4.21 -1.04 1.12
N CYS A 41 3.17 -1.24 0.31
CA CYS A 41 2.22 -0.18 0.01
C CYS A 41 1.41 0.19 1.25
N PHE A 42 1.31 -0.75 2.19
CA PHE A 42 0.55 -0.52 3.42
C PHE A 42 1.41 0.21 4.45
N VAL A 43 2.26 1.10 3.98
CA VAL A 43 3.14 1.87 4.86
C VAL A 43 2.73 3.34 4.88
N CYS A 44 3.41 4.12 5.73
CA CYS A 44 3.12 5.54 5.85
C CYS A 44 3.16 6.22 4.48
N ALA A 45 2.63 7.43 4.41
CA ALA A 45 2.60 8.19 3.16
C ALA A 45 3.72 9.23 3.14
N VAL A 46 4.09 9.73 4.32
CA VAL A 46 5.14 10.73 4.43
C VAL A 46 6.52 10.08 4.52
N CYS A 47 6.76 9.39 5.63
CA CYS A 47 8.04 8.71 5.84
C CYS A 47 8.13 7.44 5.01
N ARG A 48 6.98 6.93 4.60
CA ARG A 48 6.92 5.72 3.79
C ARG A 48 7.54 4.53 4.55
N LEU A 49 7.19 4.42 5.83
CA LEU A 49 7.70 3.33 6.65
C LEU A 49 6.56 2.47 7.19
N PRO A 50 6.84 1.18 7.42
CA PRO A 50 5.85 0.23 7.94
C PRO A 50 5.49 0.51 9.40
N PHE A 51 4.22 0.85 9.63
CA PHE A 51 3.74 1.14 10.96
C PHE A 51 4.10 0.02 11.93
N PRO A 52 4.48 0.40 13.16
CA PRO A 52 4.85 -0.57 14.20
C PRO A 52 3.66 -1.36 14.71
N PRO A 53 3.94 -2.55 15.27
CA PRO A 53 2.90 -3.44 15.81
C PRO A 53 2.26 -2.87 17.07
N GLY A 54 2.69 -1.68 17.47
CA GLY A 54 2.14 -1.06 18.65
C GLY A 54 1.37 0.21 18.35
N ASP A 55 2.01 1.13 17.63
CA ASP A 55 1.38 2.39 17.27
C ASP A 55 0.20 2.16 16.34
N ARG A 56 -0.75 3.08 16.34
CA ARG A 56 -1.93 2.98 15.49
C ARG A 56 -1.84 3.94 14.31
N VAL A 57 -2.35 3.52 13.16
CA VAL A 57 -2.33 4.34 11.95
C VAL A 57 -3.44 5.38 11.98
N THR A 58 -3.26 6.44 11.20
CA THR A 58 -4.25 7.51 11.14
C THR A 58 -4.69 7.76 9.71
N PHE A 59 -5.91 7.36 9.39
CA PHE A 59 -6.46 7.54 8.05
C PHE A 59 -6.93 8.98 7.83
N ASN A 60 -6.21 9.72 7.01
CA ASN A 60 -6.55 11.10 6.73
C ASN A 60 -6.74 11.33 5.23
N GLY A 61 -8.00 11.27 4.78
CA GLY A 61 -8.29 11.46 3.38
C GLY A 61 -8.27 10.17 2.60
N LYS A 62 -7.18 9.94 1.86
CA LYS A 62 -7.03 8.74 1.06
C LYS A 62 -5.88 7.88 1.57
N GLU A 63 -4.75 8.53 1.86
CA GLU A 63 -3.57 7.83 2.36
C GLU A 63 -3.52 7.87 3.88
N CYS A 64 -2.69 7.02 4.46
CA CYS A 64 -2.55 6.96 5.91
C CYS A 64 -1.20 7.53 6.35
N MET A 65 -1.06 7.78 7.65
CA MET A 65 0.18 8.33 8.19
C MET A 65 0.39 7.87 9.63
N CYS A 66 1.65 7.80 10.04
CA CYS A 66 1.99 7.36 11.39
C CYS A 66 1.84 8.52 12.38
N GLN A 67 1.30 8.22 13.56
CA GLN A 67 1.10 9.21 14.59
C GLN A 67 2.23 10.25 14.57
N LYS A 68 3.46 9.76 14.45
CA LYS A 68 4.62 10.64 14.42
C LYS A 68 4.46 11.73 13.37
N CYS A 69 4.15 11.32 12.14
CA CYS A 69 3.98 12.25 11.04
C CYS A 69 2.69 13.07 11.23
N SER A 70 1.59 12.37 11.53
CA SER A 70 0.30 13.02 11.72
C SER A 70 0.48 14.35 12.46
N LEU A 71 1.17 14.31 13.59
CA LEU A 71 1.41 15.50 14.39
C LEU A 71 2.18 16.55 13.59
N PRO A 72 2.09 17.81 14.03
CA PRO A 72 2.78 18.92 13.36
C PRO A 72 4.30 18.86 13.55
N VAL A 73 5.01 18.52 12.48
CA VAL A 73 6.46 18.42 12.51
C VAL A 73 7.11 19.80 12.46
N SER A 74 8.37 19.88 12.85
CA SER A 74 9.10 21.14 12.83
C SER A 74 8.99 21.82 11.47
N VAL A 75 8.93 21.01 10.43
CA VAL A 75 8.82 21.54 9.07
C VAL A 75 7.36 21.73 8.67
N SER A 76 7.11 22.72 7.81
CA SER A 76 5.76 22.99 7.34
C SER A 76 5.78 23.70 5.99
N GLY A 77 4.61 23.81 5.37
CA GLY A 77 4.52 24.46 4.08
C GLY A 77 3.25 25.28 3.93
N PRO A 78 3.22 26.13 2.90
CA PRO A 78 2.05 27.00 2.62
C PRO A 78 0.84 26.20 2.14
N SER A 79 -0.29 26.88 2.00
CA SER A 79 -1.52 26.24 1.56
C SER A 79 -2.41 27.24 0.81
N SER A 80 -3.15 26.73 -0.18
CA SER A 80 -4.04 27.58 -0.96
C SER A 80 -5.44 27.00 -1.00
N GLY A 81 -6.35 27.62 -0.24
CA GLY A 81 -7.73 27.16 -0.20
C GLY A 81 -7.98 26.21 0.95
N GLY A 1 7.76 -25.92 -19.75
CA GLY A 1 8.41 -26.51 -20.90
C GLY A 1 7.79 -26.06 -22.21
N SER A 2 8.50 -26.29 -23.31
CA SER A 2 8.02 -25.91 -24.63
C SER A 2 6.56 -26.36 -24.82
N SER A 3 5.63 -25.43 -24.65
CA SER A 3 4.22 -25.73 -24.80
C SER A 3 3.45 -24.48 -25.23
N GLY A 4 2.69 -24.61 -26.33
CA GLY A 4 1.92 -23.49 -26.83
C GLY A 4 1.13 -22.81 -25.74
N SER A 5 1.41 -21.52 -25.52
CA SER A 5 0.72 -20.75 -24.49
C SER A 5 -0.40 -19.92 -25.09
N SER A 6 -1.63 -20.42 -24.96
CA SER A 6 -2.80 -19.73 -25.50
C SER A 6 -3.05 -18.42 -24.75
N GLY A 7 -2.28 -17.39 -25.11
CA GLY A 7 -2.43 -16.09 -24.46
C GLY A 7 -2.41 -16.19 -22.96
N LEU A 8 -2.86 -15.13 -22.29
CA LEU A 8 -2.89 -15.10 -20.83
C LEU A 8 -4.32 -15.19 -20.31
N ASP A 9 -4.86 -16.41 -20.27
CA ASP A 9 -6.22 -16.62 -19.79
C ASP A 9 -6.23 -16.96 -18.31
N TYR A 10 -5.26 -17.78 -17.89
CA TYR A 10 -5.16 -18.18 -16.49
C TYR A 10 -5.40 -16.99 -15.57
N GLN A 11 -4.89 -15.83 -15.96
CA GLN A 11 -5.04 -14.61 -15.16
C GLN A 11 -6.49 -14.41 -14.76
N ARG A 12 -7.41 -14.72 -15.68
CA ARG A 12 -8.83 -14.57 -15.41
C ARG A 12 -9.14 -14.77 -13.94
N LEU A 13 -8.48 -15.76 -13.33
CA LEU A 13 -8.68 -16.06 -11.92
C LEU A 13 -8.85 -14.78 -11.10
N TYR A 14 -9.45 -14.92 -9.92
CA TYR A 14 -9.67 -13.77 -9.05
C TYR A 14 -8.55 -12.74 -9.21
N GLY A 15 -7.31 -13.18 -9.03
CA GLY A 15 -6.18 -12.28 -9.16
C GLY A 15 -6.22 -11.15 -8.16
N THR A 16 -5.09 -10.91 -7.48
CA THR A 16 -5.01 -9.85 -6.50
C THR A 16 -4.01 -8.78 -6.92
N ARG A 17 -4.53 -7.65 -7.41
CA ARG A 17 -3.68 -6.56 -7.85
C ARG A 17 -3.65 -5.44 -6.81
N CYS A 18 -2.44 -5.08 -6.37
CA CYS A 18 -2.27 -4.03 -5.38
C CYS A 18 -3.02 -2.77 -5.78
N PHE A 19 -3.87 -2.28 -4.89
CA PHE A 19 -4.66 -1.07 -5.16
C PHE A 19 -3.84 0.18 -4.85
N SER A 20 -2.53 0.08 -5.00
CA SER A 20 -1.64 1.20 -4.74
C SER A 20 -0.77 1.50 -5.96
N CYS A 21 0.00 0.51 -6.39
CA CYS A 21 0.89 0.66 -7.53
C CYS A 21 0.32 -0.05 -8.75
N ASP A 22 -0.85 -0.66 -8.59
CA ASP A 22 -1.51 -1.38 -9.68
C ASP A 22 -0.63 -2.51 -10.20
N GLN A 23 -0.22 -3.39 -9.29
CA GLN A 23 0.63 -4.53 -9.65
C GLN A 23 0.16 -5.80 -8.96
N PHE A 24 0.19 -6.90 -9.69
CA PHE A 24 -0.24 -8.19 -9.14
C PHE A 24 0.60 -8.57 -7.93
N ILE A 25 -0.04 -8.71 -6.78
CA ILE A 25 0.64 -9.08 -5.55
C ILE A 25 0.91 -10.58 -5.50
N GLU A 26 2.18 -10.95 -5.62
CA GLU A 26 2.57 -12.35 -5.58
C GLU A 26 3.18 -12.72 -4.23
N GLY A 27 3.08 -13.99 -3.86
CA GLY A 27 3.62 -14.44 -2.59
C GLY A 27 2.65 -14.25 -1.45
N GLU A 28 2.37 -12.99 -1.11
CA GLU A 28 1.44 -12.69 -0.02
C GLU A 28 0.79 -11.32 -0.23
N VAL A 29 -0.48 -11.22 0.16
CA VAL A 29 -1.21 -9.97 0.00
C VAL A 29 -1.83 -9.54 1.33
N VAL A 30 -1.77 -8.24 1.61
CA VAL A 30 -2.31 -7.69 2.84
C VAL A 30 -3.69 -7.08 2.60
N SER A 31 -4.74 -7.85 2.89
CA SER A 31 -6.11 -7.38 2.71
C SER A 31 -6.52 -6.46 3.84
N ALA A 32 -6.65 -5.18 3.52
CA ALA A 32 -7.05 -4.19 4.53
C ALA A 32 -8.10 -3.23 3.97
N LEU A 33 -9.03 -2.82 4.82
CA LEU A 33 -10.09 -1.90 4.42
C LEU A 33 -10.81 -2.43 3.18
N GLY A 34 -11.13 -3.72 3.19
CA GLY A 34 -11.82 -4.32 2.06
C GLY A 34 -11.10 -4.09 0.75
N LYS A 35 -9.77 -4.15 0.79
CA LYS A 35 -8.96 -3.95 -0.40
C LYS A 35 -7.67 -4.74 -0.33
N THR A 36 -6.87 -4.69 -1.39
CA THR A 36 -5.60 -5.39 -1.44
C THR A 36 -4.44 -4.45 -1.67
N TYR A 37 -3.37 -4.62 -0.91
CA TYR A 37 -2.19 -3.77 -1.03
C TYR A 37 -0.92 -4.58 -0.81
N HIS A 38 0.23 -3.95 -1.08
CA HIS A 38 1.52 -4.60 -0.90
C HIS A 38 2.03 -4.44 0.53
N PRO A 39 2.99 -5.29 0.92
CA PRO A 39 3.58 -5.26 2.26
C PRO A 39 4.45 -4.02 2.48
N ASP A 40 4.70 -3.28 1.41
CA ASP A 40 5.52 -2.08 1.48
C ASP A 40 4.72 -0.85 1.05
N CYS A 41 3.60 -1.10 0.37
CA CYS A 41 2.75 -0.02 -0.11
C CYS A 41 1.80 0.45 0.98
N PHE A 42 1.42 -0.47 1.86
CA PHE A 42 0.51 -0.15 2.96
C PHE A 42 1.24 0.56 4.09
N VAL A 43 2.12 1.49 3.74
CA VAL A 43 2.90 2.24 4.72
C VAL A 43 2.47 3.70 4.75
N CYS A 44 3.07 4.46 5.67
CA CYS A 44 2.76 5.88 5.81
C CYS A 44 2.86 6.59 4.46
N ALA A 45 2.02 7.60 4.26
CA ALA A 45 2.02 8.37 3.02
C ALA A 45 2.80 9.67 3.17
N VAL A 46 3.63 9.73 4.21
CA VAL A 46 4.43 10.92 4.47
C VAL A 46 5.91 10.57 4.56
N CYS A 47 6.26 9.71 5.52
CA CYS A 47 7.63 9.29 5.71
C CYS A 47 7.91 7.97 5.00
N ARG A 48 6.85 7.29 4.60
CA ARG A 48 6.97 6.01 3.93
C ARG A 48 7.67 4.98 4.81
N LEU A 49 7.21 4.87 6.06
CA LEU A 49 7.78 3.92 7.00
C LEU A 49 6.72 2.97 7.55
N PRO A 50 7.05 1.67 7.57
CA PRO A 50 6.14 0.64 8.07
C PRO A 50 5.93 0.72 9.58
N PHE A 51 4.70 1.02 9.99
CA PHE A 51 4.38 1.12 11.41
C PHE A 51 4.93 -0.07 12.18
N PRO A 52 5.42 0.19 13.40
CA PRO A 52 5.98 -0.84 14.27
C PRO A 52 4.92 -1.80 14.80
N PRO A 53 5.37 -2.96 15.32
CA PRO A 53 4.47 -3.98 15.87
C PRO A 53 3.81 -3.53 17.16
N GLY A 54 3.90 -2.24 17.46
CA GLY A 54 3.30 -1.72 18.67
C GLY A 54 2.90 -0.26 18.53
N ASP A 55 1.90 0.01 17.71
CA ASP A 55 1.43 1.37 17.49
C ASP A 55 0.10 1.37 16.73
N ARG A 56 -0.58 2.50 16.75
CA ARG A 56 -1.87 2.63 16.07
C ARG A 56 -1.69 3.30 14.70
N VAL A 57 -2.52 2.90 13.74
CA VAL A 57 -2.45 3.46 12.40
C VAL A 57 -3.67 4.34 12.11
N THR A 58 -3.42 5.58 11.71
CA THR A 58 -4.49 6.51 11.40
C THR A 58 -4.78 6.55 9.90
N PHE A 59 -5.97 6.11 9.53
CA PHE A 59 -6.38 6.09 8.13
C PHE A 59 -7.06 7.39 7.74
N ASN A 60 -6.43 8.13 6.82
CA ASN A 60 -6.98 9.41 6.36
C ASN A 60 -7.37 9.33 4.89
N GLY A 61 -8.66 9.16 4.63
CA GLY A 61 -9.14 9.09 3.27
C GLY A 61 -8.80 7.76 2.61
N LYS A 62 -7.71 7.75 1.83
CA LYS A 62 -7.28 6.53 1.15
C LYS A 62 -5.92 6.08 1.67
N GLU A 63 -5.01 7.03 1.84
CA GLU A 63 -3.67 6.72 2.32
C GLU A 63 -3.58 6.90 3.83
N CYS A 64 -2.89 5.99 4.49
CA CYS A 64 -2.72 6.05 5.94
C CYS A 64 -1.45 6.80 6.33
N MET A 65 -1.33 7.12 7.61
CA MET A 65 -0.16 7.85 8.10
C MET A 65 0.12 7.47 9.55
N CYS A 66 1.40 7.57 9.94
CA CYS A 66 1.81 7.25 11.30
C CYS A 66 1.55 8.42 12.25
N GLN A 67 1.11 8.10 13.46
CA GLN A 67 0.81 9.12 14.46
C GLN A 67 1.80 10.28 14.36
N LYS A 68 3.08 9.94 14.24
CA LYS A 68 4.14 10.95 14.14
C LYS A 68 3.79 11.99 13.08
N CYS A 69 3.62 11.54 11.84
CA CYS A 69 3.29 12.43 10.74
C CYS A 69 1.87 12.98 10.90
N SER A 70 0.92 12.09 11.14
CA SER A 70 -0.48 12.48 11.31
C SER A 70 -0.59 13.72 12.19
N LEU A 71 0.16 13.73 13.29
CA LEU A 71 0.13 14.86 14.21
C LEU A 71 0.90 16.05 13.64
N PRO A 72 0.66 17.24 14.20
CA PRO A 72 1.32 18.47 13.76
C PRO A 72 2.81 18.49 14.10
N VAL A 73 3.64 18.35 13.08
CA VAL A 73 5.09 18.36 13.27
C VAL A 73 5.75 19.41 12.39
N SER A 74 6.77 20.08 12.94
CA SER A 74 7.49 21.11 12.20
C SER A 74 8.53 20.50 11.27
N VAL A 75 8.12 19.46 10.56
CA VAL A 75 9.01 18.78 9.62
C VAL A 75 8.52 18.90 8.19
N SER A 76 8.03 20.09 7.85
CA SER A 76 7.52 20.34 6.50
C SER A 76 8.08 21.65 5.94
N GLY A 77 7.85 21.89 4.66
CA GLY A 77 8.33 23.11 4.03
C GLY A 77 7.79 23.28 2.63
N PRO A 78 7.46 24.52 2.26
CA PRO A 78 6.93 24.85 0.93
C PRO A 78 7.99 24.71 -0.16
N SER A 79 7.69 23.87 -1.15
CA SER A 79 8.62 23.64 -2.25
C SER A 79 7.97 24.01 -3.59
N SER A 80 8.63 24.89 -4.34
CA SER A 80 8.11 25.33 -5.64
C SER A 80 8.68 24.47 -6.77
N GLY A 81 8.74 23.17 -6.53
CA GLY A 81 9.26 22.26 -7.53
C GLY A 81 8.49 20.96 -7.60
N GLY A 1 -7.42 -25.09 -27.30
CA GLY A 1 -6.27 -24.20 -27.44
C GLY A 1 -6.66 -22.75 -27.29
N SER A 2 -6.30 -21.94 -28.29
CA SER A 2 -6.60 -20.52 -28.26
C SER A 2 -7.14 -20.05 -29.61
N SER A 3 -8.42 -19.69 -29.63
CA SER A 3 -9.06 -19.23 -30.85
C SER A 3 -9.83 -17.93 -30.62
N GLY A 4 -9.74 -17.01 -31.57
CA GLY A 4 -10.42 -15.74 -31.45
C GLY A 4 -9.52 -14.65 -30.92
N SER A 5 -8.85 -14.92 -29.80
CA SER A 5 -7.96 -13.94 -29.19
C SER A 5 -6.99 -14.62 -28.23
N SER A 6 -5.70 -14.50 -28.52
CA SER A 6 -4.67 -15.10 -27.69
C SER A 6 -4.11 -14.09 -26.68
N GLY A 7 -3.63 -14.59 -25.56
CA GLY A 7 -3.07 -13.72 -24.53
C GLY A 7 -3.20 -14.31 -23.14
N LEU A 8 -3.21 -13.44 -22.14
CA LEU A 8 -3.32 -13.88 -20.75
C LEU A 8 -4.78 -14.03 -20.34
N ASP A 9 -5.33 -15.22 -20.53
CA ASP A 9 -6.71 -15.50 -20.18
C ASP A 9 -6.81 -16.11 -18.78
N TYR A 10 -5.82 -16.92 -18.43
CA TYR A 10 -5.80 -17.57 -17.13
C TYR A 10 -5.81 -16.55 -16.00
N GLN A 11 -5.63 -15.28 -16.36
CA GLN A 11 -5.62 -14.20 -15.38
C GLN A 11 -7.04 -13.91 -14.88
N ARG A 12 -8.02 -14.19 -15.73
CA ARG A 12 -9.42 -13.96 -15.37
C ARG A 12 -9.66 -14.29 -13.89
N LEU A 13 -8.93 -15.27 -13.38
CA LEU A 13 -9.07 -15.69 -11.99
C LEU A 13 -9.19 -14.47 -11.07
N TYR A 14 -9.66 -14.71 -9.85
CA TYR A 14 -9.82 -13.64 -8.87
C TYR A 14 -8.73 -12.58 -9.04
N GLY A 15 -7.48 -13.02 -8.95
CA GLY A 15 -6.37 -12.09 -9.08
C GLY A 15 -6.32 -11.06 -7.98
N THR A 16 -5.13 -10.77 -7.49
CA THR A 16 -4.96 -9.79 -6.42
C THR A 16 -4.03 -8.66 -6.85
N ARG A 17 -4.61 -7.54 -7.28
CA ARG A 17 -3.83 -6.39 -7.71
C ARG A 17 -3.74 -5.35 -6.61
N CYS A 18 -2.51 -5.02 -6.23
CA CYS A 18 -2.28 -4.03 -5.18
C CYS A 18 -3.05 -2.75 -5.45
N PHE A 19 -3.91 -2.37 -4.52
CA PHE A 19 -4.72 -1.16 -4.66
C PHE A 19 -3.88 0.09 -4.44
N SER A 20 -2.57 -0.11 -4.27
CA SER A 20 -1.65 1.00 -4.06
C SER A 20 -0.97 1.41 -5.35
N CYS A 21 -0.08 0.55 -5.85
CA CYS A 21 0.64 0.82 -7.08
C CYS A 21 -0.09 0.21 -8.29
N ASP A 22 -1.21 -0.45 -8.01
CA ASP A 22 -2.00 -1.08 -9.07
C ASP A 22 -1.18 -2.15 -9.79
N GLN A 23 -0.55 -3.02 -9.02
CA GLN A 23 0.27 -4.09 -9.60
C GLN A 23 -0.09 -5.44 -8.98
N PHE A 24 -0.13 -6.48 -9.81
CA PHE A 24 -0.45 -7.82 -9.34
C PHE A 24 0.50 -8.26 -8.24
N ILE A 25 -0.05 -8.51 -7.05
CA ILE A 25 0.75 -8.94 -5.92
C ILE A 25 1.05 -10.43 -5.99
N GLU A 26 2.34 -10.77 -6.15
CA GLU A 26 2.76 -12.16 -6.24
C GLU A 26 3.47 -12.59 -4.96
N GLY A 27 3.40 -13.88 -4.66
CA GLY A 27 4.05 -14.40 -3.47
C GLY A 27 3.16 -14.31 -2.24
N GLU A 28 2.75 -13.09 -1.91
CA GLU A 28 1.89 -12.87 -0.75
C GLU A 28 1.20 -11.52 -0.83
N VAL A 29 -0.03 -11.45 -0.33
CA VAL A 29 -0.80 -10.21 -0.34
C VAL A 29 -1.34 -9.88 1.05
N VAL A 30 -1.25 -8.62 1.44
CA VAL A 30 -1.73 -8.17 2.74
C VAL A 30 -3.17 -7.69 2.65
N SER A 31 -4.12 -8.58 2.93
CA SER A 31 -5.53 -8.23 2.87
C SER A 31 -5.94 -7.44 4.11
N ALA A 32 -6.11 -6.14 3.94
CA ALA A 32 -6.50 -5.26 5.04
C ALA A 32 -7.62 -4.31 4.62
N LEU A 33 -8.61 -4.14 5.49
CA LEU A 33 -9.73 -3.25 5.20
C LEU A 33 -10.46 -3.69 3.94
N GLY A 34 -10.66 -5.00 3.80
CA GLY A 34 -11.35 -5.53 2.63
C GLY A 34 -10.68 -5.12 1.33
N LYS A 35 -9.36 -4.98 1.37
CA LYS A 35 -8.60 -4.59 0.18
C LYS A 35 -7.29 -5.35 0.10
N THR A 36 -6.54 -5.13 -0.97
CA THR A 36 -5.26 -5.80 -1.17
C THR A 36 -4.14 -4.79 -1.37
N TYR A 37 -3.07 -4.95 -0.60
CA TYR A 37 -1.91 -4.05 -0.70
C TYR A 37 -0.61 -4.82 -0.55
N HIS A 38 0.48 -4.23 -1.04
CA HIS A 38 1.79 -4.86 -0.96
C HIS A 38 2.35 -4.75 0.45
N PRO A 39 3.36 -5.60 0.76
CA PRO A 39 4.00 -5.61 2.07
C PRO A 39 4.84 -4.36 2.32
N ASP A 40 4.95 -3.52 1.31
CA ASP A 40 5.72 -2.29 1.43
C ASP A 40 4.87 -1.07 1.05
N CYS A 41 3.71 -1.33 0.46
CA CYS A 41 2.81 -0.27 0.04
C CYS A 41 1.82 0.08 1.15
N PHE A 42 1.56 -0.89 2.02
CA PHE A 42 0.63 -0.68 3.12
C PHE A 42 1.32 0.05 4.28
N VAL A 43 2.11 1.06 3.94
CA VAL A 43 2.82 1.84 4.94
C VAL A 43 2.42 3.31 4.90
N CYS A 44 2.99 4.11 5.79
CA CYS A 44 2.69 5.53 5.86
C CYS A 44 2.78 6.17 4.47
N ALA A 45 2.22 7.37 4.34
CA ALA A 45 2.24 8.09 3.08
C ALA A 45 3.26 9.21 3.10
N VAL A 46 3.58 9.71 4.29
CA VAL A 46 4.55 10.78 4.44
C VAL A 46 5.96 10.23 4.55
N CYS A 47 6.22 9.48 5.62
CA CYS A 47 7.53 8.89 5.84
C CYS A 47 7.68 7.59 5.08
N ARG A 48 6.55 7.01 4.67
CA ARG A 48 6.56 5.76 3.92
C ARG A 48 7.30 4.67 4.69
N LEU A 49 6.98 4.55 5.98
CA LEU A 49 7.61 3.55 6.83
C LEU A 49 6.57 2.62 7.44
N PRO A 50 6.96 1.35 7.64
CA PRO A 50 6.07 0.34 8.23
C PRO A 50 5.79 0.60 9.70
N PHE A 51 4.50 0.69 10.04
CA PHE A 51 4.10 0.93 11.42
C PHE A 51 4.64 -0.16 12.35
N PRO A 52 5.35 0.27 13.40
CA PRO A 52 5.94 -0.65 14.38
C PRO A 52 4.88 -1.32 15.25
N PRO A 53 5.30 -2.33 16.03
CA PRO A 53 4.41 -3.08 16.91
C PRO A 53 3.94 -2.23 18.10
N GLY A 54 2.76 -1.62 17.95
CA GLY A 54 2.22 -0.80 19.01
C GLY A 54 2.12 0.67 18.62
N ASP A 55 1.64 0.92 17.40
CA ASP A 55 1.49 2.28 16.90
C ASP A 55 0.12 2.49 16.27
N ARG A 56 -0.49 3.64 16.55
CA ARG A 56 -1.80 3.95 16.01
C ARG A 56 -1.69 4.54 14.60
N VAL A 57 -2.48 3.99 13.68
CA VAL A 57 -2.47 4.45 12.30
C VAL A 57 -3.73 5.26 11.97
N THR A 58 -3.56 6.34 11.22
CA THR A 58 -4.68 7.19 10.85
C THR A 58 -5.02 7.02 9.36
N PHE A 59 -6.29 6.70 9.10
CA PHE A 59 -6.75 6.51 7.73
C PHE A 59 -7.24 7.82 7.13
N ASN A 60 -6.43 8.40 6.26
CA ASN A 60 -6.77 9.66 5.61
C ASN A 60 -6.87 9.48 4.10
N GLY A 61 -7.88 10.11 3.49
CA GLY A 61 -8.07 10.03 2.06
C GLY A 61 -7.88 8.61 1.54
N LYS A 62 -6.76 8.36 0.87
CA LYS A 62 -6.46 7.04 0.33
C LYS A 62 -5.30 6.40 1.07
N GLU A 63 -4.26 7.18 1.33
CA GLU A 63 -3.08 6.69 2.03
C GLU A 63 -3.22 6.90 3.54
N CYS A 64 -2.52 6.07 4.31
CA CYS A 64 -2.56 6.17 5.77
C CYS A 64 -1.33 6.90 6.30
N MET A 65 -1.37 7.26 7.57
CA MET A 65 -0.26 7.96 8.20
C MET A 65 -0.04 7.46 9.63
N CYS A 66 1.21 7.54 10.10
CA CYS A 66 1.55 7.10 11.44
C CYS A 66 1.14 8.13 12.48
N GLN A 67 0.75 7.65 13.66
CA GLN A 67 0.32 8.54 14.74
C GLN A 67 1.13 9.84 14.72
N LYS A 68 2.43 9.72 14.48
CA LYS A 68 3.31 10.87 14.44
C LYS A 68 2.93 11.81 13.29
N CYS A 69 3.19 11.37 12.07
CA CYS A 69 2.87 12.16 10.88
C CYS A 69 1.47 12.77 11.00
N SER A 70 0.47 11.92 11.15
CA SER A 70 -0.91 12.36 11.26
C SER A 70 -0.99 13.66 12.06
N LEU A 71 -0.78 13.56 13.37
CA LEU A 71 -0.82 14.72 14.26
C LEU A 71 0.43 15.58 14.10
N PRO A 72 0.33 16.85 14.51
CA PRO A 72 1.45 17.79 14.42
C PRO A 72 2.57 17.46 15.41
N VAL A 73 3.77 17.94 15.11
CA VAL A 73 4.92 17.69 15.96
C VAL A 73 5.51 18.99 16.49
N SER A 74 6.18 18.92 17.64
CA SER A 74 6.79 20.10 18.24
C SER A 74 7.35 21.04 17.17
N VAL A 75 7.96 20.46 16.15
CA VAL A 75 8.54 21.24 15.06
C VAL A 75 7.44 21.84 14.18
N SER A 76 7.43 23.16 14.05
CA SER A 76 6.44 23.84 13.24
C SER A 76 7.11 24.76 12.23
N GLY A 77 6.30 25.40 11.38
CA GLY A 77 6.83 26.29 10.37
C GLY A 77 5.75 27.05 9.64
N PRO A 78 5.79 27.03 8.31
CA PRO A 78 4.81 27.72 7.47
C PRO A 78 3.44 27.07 7.53
N SER A 79 2.39 27.89 7.45
CA SER A 79 1.02 27.41 7.50
C SER A 79 0.03 28.51 7.13
N SER A 80 -1.17 28.10 6.70
CA SER A 80 -2.20 29.05 6.30
C SER A 80 -3.57 28.40 6.35
N GLY A 81 -4.61 29.20 6.10
CA GLY A 81 -5.96 28.68 6.12
C GLY A 81 -6.89 29.46 5.21
#